data_6S9N
#
_entry.id   6S9N
#
_cell.length_a   55.260
_cell.length_b   85.500
_cell.length_c   194.030
_cell.angle_alpha   90.000
_cell.angle_beta   96.330
_cell.angle_gamma   90.000
#
_symmetry.space_group_name_H-M   'P 1 21 1'
#
loop_
_entity.id
_entity.type
_entity.pdbx_description
1 polymer Lock2_KRKRKAKLSF
2 non-polymer 'CALCIUM ION'
3 non-polymer 1,2-ETHANEDIOL
4 water water
#
_entity_poly.entity_id   1
_entity_poly.type   'polypeptide(L)'
_entity_poly.pdbx_seq_one_letter_code
;GPGSELPQMVQQLNSPDQQELQSALRKLQQIAMGGNEQIQAVIDAGALPALVQLLSSPNEQILASALGALANIASGGNEQ
IQAVIDAGALPALVQLLSSPNEQILQFALIALANIASGGNEQIQAVIDAGALPALVQLLSSPNEQILQEALWALSNIASG
GNEQIQAVIDAGALPALVQLLSSPNEQILQEALWALSNIASGGNEQIQAVIDAGALPALVQLLSSPNEQILQEALWALSN
IASGGNEQKQAVKEAGALEKLEQLQSHENEKIQKEAQEALEKLQSHGSGGSGKRKRKAKLSF
;
_entity_poly.pdbx_strand_id   A,B,C,D,E,F
#
loop_
_chem_comp.id
_chem_comp.type
_chem_comp.name
_chem_comp.formula
CA non-polymer 'CALCIUM ION' 'Ca 2'
EDO non-polymer 1,2-ETHANEDIOL 'C2 H6 O2'
#
# COMPACT_ATOMS: atom_id res chain seq x y z
N GLY A 3 19.47 31.59 34.48
CA GLY A 3 20.13 32.45 35.53
C GLY A 3 19.48 32.57 36.93
N SER A 4 19.16 33.80 37.34
CA SER A 4 18.88 34.20 38.76
C SER A 4 17.73 33.44 39.43
N GLU A 5 16.79 32.92 38.63
CA GLU A 5 15.72 32.00 39.12
C GLU A 5 16.12 30.52 39.28
N LEU A 6 17.23 30.09 38.65
CA LEU A 6 17.64 28.67 38.68
C LEU A 6 18.04 28.17 40.07
N PRO A 7 18.82 28.96 40.84
CA PRO A 7 19.17 28.52 42.19
C PRO A 7 17.95 28.25 43.07
N GLN A 8 16.91 29.13 42.97
CA GLN A 8 15.69 28.90 43.70
C GLN A 8 15.03 27.59 43.26
N MET A 9 14.96 27.34 41.94
CA MET A 9 14.34 26.12 41.43
C MET A 9 15.01 24.89 41.99
N VAL A 10 16.34 24.94 42.09
CA VAL A 10 17.09 23.81 42.63
C VAL A 10 16.82 23.66 44.11
N GLN A 11 16.81 24.79 44.85
CA GLN A 11 16.45 24.72 46.27
C GLN A 11 15.09 24.08 46.45
N GLN A 12 14.13 24.45 45.60
CA GLN A 12 12.78 23.94 45.69
C GLN A 12 12.62 22.46 45.41
N LEU A 13 13.65 21.79 44.91
CA LEU A 13 13.58 20.34 44.73
C LEU A 13 13.57 19.63 46.07
N ASN A 14 13.98 20.33 47.16
CA ASN A 14 13.85 19.80 48.53
C ASN A 14 12.72 20.50 49.35
N SER A 15 11.76 21.17 48.69
CA SER A 15 10.77 21.95 49.39
C SER A 15 9.79 21.08 50.16
N PRO A 16 9.41 21.49 51.38
CA PRO A 16 8.30 20.75 52.03
C PRO A 16 6.92 21.00 51.37
N ASP A 17 6.79 22.04 50.53
CA ASP A 17 5.59 22.25 49.78
C ASP A 17 5.63 21.46 48.49
N GLN A 18 4.90 20.36 48.42
N GLN A 18 4.91 20.35 48.41
CA GLN A 18 4.89 19.54 47.16
CA GLN A 18 4.87 19.53 47.18
C GLN A 18 4.45 20.26 45.91
C GLN A 18 4.46 20.27 45.92
N GLN A 19 3.64 21.29 46.05
CA GLN A 19 3.27 22.11 44.89
C GLN A 19 4.49 22.88 44.38
N GLU A 20 5.25 23.46 45.28
CA GLU A 20 6.46 24.21 44.93
C GLU A 20 7.56 23.27 44.31
N LEU A 21 7.66 22.06 44.84
CA LEU A 21 8.59 21.05 44.41
C LEU A 21 8.30 20.61 42.97
N GLN A 22 7.05 20.17 42.75
CA GLN A 22 6.61 19.67 41.47
C GLN A 22 6.75 20.77 40.39
N SER A 23 6.46 21.99 40.79
CA SER A 23 6.58 23.12 39.92
C SER A 23 8.04 23.40 39.50
N ALA A 24 8.95 23.38 40.46
CA ALA A 24 10.36 23.63 40.20
C ALA A 24 10.98 22.52 39.30
N LEU A 25 10.58 21.29 39.56
CA LEU A 25 10.99 20.11 38.79
C LEU A 25 10.55 20.20 37.32
N ARG A 26 9.30 20.55 37.12
CA ARG A 26 8.78 20.77 35.78
C ARG A 26 9.50 21.91 35.05
N LYS A 27 9.78 23.00 35.75
CA LYS A 27 10.52 24.08 35.10
C LYS A 27 11.93 23.66 34.67
N LEU A 28 12.62 22.91 35.53
CA LEU A 28 13.97 22.40 35.21
C LEU A 28 13.91 21.47 34.02
N GLN A 29 12.95 20.56 34.04
CA GLN A 29 12.72 19.64 32.91
C GLN A 29 12.59 20.38 31.61
N GLN A 30 11.81 21.46 31.62
CA GLN A 30 11.59 22.27 30.44
C GLN A 30 12.82 23.10 29.98
N ILE A 31 13.55 23.68 30.93
CA ILE A 31 14.75 24.42 30.62
C ILE A 31 15.78 23.49 29.93
N ALA A 32 15.85 22.23 30.40
CA ALA A 32 16.73 21.21 29.82
C ALA A 32 16.33 20.71 28.44
N MET A 33 15.15 21.11 27.93
CA MET A 33 14.79 20.96 26.52
C MET A 33 15.50 21.97 25.60
N GLY A 34 16.12 23.01 26.15
CA GLY A 34 16.56 24.14 25.35
C GLY A 34 17.98 24.15 24.83
N GLY A 35 18.64 23.00 24.75
CA GLY A 35 20.01 22.97 24.16
C GLY A 35 21.06 22.85 25.20
N ASN A 36 22.29 22.60 24.76
CA ASN A 36 23.34 22.23 25.70
C ASN A 36 23.82 23.37 26.63
N GLU A 37 23.72 24.63 26.19
CA GLU A 37 24.08 25.74 27.07
C GLU A 37 23.05 25.86 28.22
N GLN A 38 21.79 25.74 27.89
CA GLN A 38 20.73 25.71 28.88
C GLN A 38 20.88 24.50 29.82
N ILE A 39 21.21 23.32 29.26
CA ILE A 39 21.46 22.16 30.10
C ILE A 39 22.58 22.50 31.09
N GLN A 40 23.62 23.17 30.61
CA GLN A 40 24.79 23.43 31.44
C GLN A 40 24.42 24.40 32.57
N ALA A 41 23.54 25.35 32.30
CA ALA A 41 23.00 26.26 33.36
C ALA A 41 22.33 25.46 34.50
N VAL A 42 21.55 24.46 34.15
CA VAL A 42 20.91 23.58 35.12
C VAL A 42 21.90 22.80 35.96
N ILE A 43 22.92 22.22 35.28
CA ILE A 43 23.99 21.48 35.97
C ILE A 43 24.76 22.42 36.89
N ASP A 44 25.15 23.57 36.37
CA ASP A 44 25.88 24.61 37.15
C ASP A 44 25.10 25.15 38.34
N ALA A 45 23.78 25.23 38.27
CA ALA A 45 22.96 25.59 39.46
C ALA A 45 22.90 24.52 40.56
N GLY A 46 23.38 23.32 40.25
CA GLY A 46 23.52 22.23 41.25
C GLY A 46 22.37 21.27 41.22
N ALA A 47 21.62 21.21 40.12
CA ALA A 47 20.41 20.39 40.08
C ALA A 47 20.59 18.88 40.30
N LEU A 48 21.74 18.36 39.87
CA LEU A 48 21.87 16.89 39.69
C LEU A 48 21.72 16.04 40.90
N PRO A 49 22.37 16.43 42.05
CA PRO A 49 22.24 15.56 43.25
C PRO A 49 20.80 15.36 43.70
N ALA A 50 20.02 16.45 43.61
CA ALA A 50 18.63 16.42 44.00
C ALA A 50 17.79 15.57 43.06
N LEU A 51 18.01 15.73 41.75
CA LEU A 51 17.27 14.95 40.77
C LEU A 51 17.55 13.48 40.95
N VAL A 52 18.82 13.14 41.19
CA VAL A 52 19.18 11.75 41.40
C VAL A 52 18.50 11.20 42.67
N GLN A 53 18.55 11.98 43.74
CA GLN A 53 17.86 11.57 44.97
C GLN A 53 16.36 11.30 44.74
N LEU A 54 15.73 12.14 43.96
CA LEU A 54 14.31 11.95 43.64
C LEU A 54 13.98 10.70 42.81
N LEU A 55 14.97 10.01 42.24
CA LEU A 55 14.71 8.75 41.57
C LEU A 55 14.35 7.67 42.57
N SER A 56 14.65 7.88 43.84
CA SER A 56 14.17 7.00 44.89
C SER A 56 12.78 7.37 45.45
N SER A 57 12.14 8.43 44.95
CA SER A 57 10.88 8.87 45.50
C SER A 57 9.77 7.86 45.30
N PRO A 58 8.96 7.61 46.34
CA PRO A 58 7.77 6.79 46.12
C PRO A 58 6.61 7.59 45.52
N ASN A 59 6.74 8.91 45.30
CA ASN A 59 5.73 9.71 44.60
C ASN A 59 5.92 9.58 43.10
N GLU A 60 4.98 8.89 42.43
CA GLU A 60 5.13 8.67 40.97
C GLU A 60 5.11 9.94 40.13
N GLN A 61 4.52 11.00 40.59
CA GLN A 61 4.54 12.26 39.83
C GLN A 61 5.89 12.87 39.90
N ILE A 62 6.49 12.83 41.07
CA ILE A 62 7.85 13.35 41.24
C ILE A 62 8.87 12.52 40.43
N LEU A 63 8.81 11.19 40.58
CA LEU A 63 9.65 10.28 39.89
C LEU A 63 9.58 10.46 38.36
N ALA A 64 8.37 10.56 37.80
CA ALA A 64 8.23 10.71 36.37
C ALA A 64 8.86 12.01 35.91
N SER A 65 8.72 13.07 36.68
CA SER A 65 9.30 14.36 36.28
C SER A 65 10.79 14.38 36.46
N ALA A 66 11.31 13.71 37.48
CA ALA A 66 12.75 13.67 37.71
C ALA A 66 13.44 12.91 36.55
N LEU A 67 12.80 11.83 36.11
CA LEU A 67 13.25 11.02 35.00
C LEU A 67 13.26 11.84 33.75
N GLY A 68 12.19 12.55 33.52
CA GLY A 68 12.11 13.49 32.41
C GLY A 68 13.23 14.50 32.42
N ALA A 69 13.48 15.15 33.56
CA ALA A 69 14.55 16.10 33.66
C ALA A 69 15.94 15.50 33.34
N LEU A 70 16.22 14.38 33.97
CA LEU A 70 17.52 13.69 33.80
C LEU A 70 17.68 13.18 32.38
N ALA A 71 16.62 12.67 31.76
CA ALA A 71 16.68 12.28 30.38
C ALA A 71 17.07 13.46 29.51
N ASN A 72 16.47 14.63 29.75
CA ASN A 72 16.76 15.81 28.93
C ASN A 72 18.20 16.32 29.13
N ILE A 73 18.67 16.30 30.38
CA ILE A 73 20.05 16.69 30.67
C ILE A 73 21.01 15.73 29.89
N ALA A 74 20.69 14.42 29.93
CA ALA A 74 21.46 13.40 29.24
C ALA A 74 21.31 13.39 27.70
N SER A 75 20.49 14.29 27.15
CA SER A 75 20.49 14.56 25.74
C SER A 75 21.59 15.56 25.36
N GLY A 76 22.39 16.02 26.28
CA GLY A 76 23.44 16.96 26.02
C GLY A 76 24.79 16.32 25.55
N GLY A 77 25.87 17.05 25.76
CA GLY A 77 27.20 16.60 25.39
C GLY A 77 27.69 15.46 26.26
N ASN A 78 28.78 14.85 25.82
CA ASN A 78 29.29 13.65 26.53
C ASN A 78 29.68 14.00 27.97
N GLU A 79 30.21 15.21 28.18
N GLU A 79 30.21 15.21 28.18
CA GLU A 79 30.57 15.71 29.50
CA GLU A 79 30.57 15.68 29.53
C GLU A 79 29.34 15.98 30.44
C GLU A 79 29.34 15.98 30.44
N GLN A 80 28.25 16.40 29.82
CA GLN A 80 26.97 16.58 30.52
C GLN A 80 26.43 15.22 30.90
N ILE A 81 26.51 14.24 29.98
CA ILE A 81 26.12 12.90 30.31
C ILE A 81 26.98 12.36 31.44
N GLN A 82 28.28 12.64 31.40
CA GLN A 82 29.17 12.13 32.44
C GLN A 82 28.83 12.75 33.83
N ALA A 83 28.43 14.01 33.83
CA ALA A 83 27.95 14.63 35.09
C ALA A 83 26.77 13.89 35.73
N VAL A 84 25.82 13.48 34.89
CA VAL A 84 24.67 12.67 35.36
C VAL A 84 25.19 11.36 35.97
N ILE A 85 26.14 10.68 35.31
CA ILE A 85 26.67 9.40 35.82
C ILE A 85 27.39 9.66 37.14
N ASP A 86 28.18 10.73 37.17
CA ASP A 86 28.98 11.10 38.36
C ASP A 86 28.11 11.46 39.56
N ALA A 87 26.93 12.02 39.31
CA ALA A 87 25.96 12.25 40.40
C ALA A 87 25.31 10.99 40.92
N GLY A 88 25.54 9.85 40.29
CA GLY A 88 25.04 8.58 40.77
C GLY A 88 23.73 8.09 40.20
N ALA A 89 23.35 8.54 39.03
CA ALA A 89 22.02 8.15 38.48
C ALA A 89 21.83 6.69 38.14
N LEU A 90 22.89 6.02 37.70
CA LEU A 90 22.75 4.70 37.07
C LEU A 90 22.18 3.62 37.93
N PRO A 91 22.62 3.49 39.20
CA PRO A 91 22.04 2.36 40.00
C PRO A 91 20.51 2.51 40.17
N ALA A 92 20.05 3.76 40.40
CA ALA A 92 18.62 4.00 40.49
C ALA A 92 17.90 3.70 39.19
N LEU A 93 18.45 4.15 38.05
CA LEU A 93 17.81 3.90 36.76
C LEU A 93 17.74 2.43 36.44
N VAL A 94 18.80 1.71 36.75
CA VAL A 94 18.81 0.27 36.47
C VAL A 94 17.82 -0.45 37.32
N GLN A 95 17.75 -0.11 38.59
CA GLN A 95 16.70 -0.70 39.48
C GLN A 95 15.29 -0.39 38.94
N LEU A 96 15.06 0.81 38.41
CA LEU A 96 13.74 1.13 37.79
C LEU A 96 13.37 0.28 36.55
N LEU A 97 14.32 -0.44 35.98
CA LEU A 97 13.99 -1.33 34.86
C LEU A 97 13.18 -2.51 35.31
N SER A 98 13.13 -2.73 36.61
CA SER A 98 12.24 -3.76 37.17
C SER A 98 10.90 -3.18 37.70
N SER A 99 10.57 -1.93 37.42
CA SER A 99 9.35 -1.31 37.94
C SER A 99 8.16 -1.98 37.29
N PRO A 100 7.09 -2.27 38.06
CA PRO A 100 5.87 -2.75 37.45
C PRO A 100 5.01 -1.58 36.83
N ASN A 101 5.46 -0.35 36.96
CA ASN A 101 4.78 0.79 36.39
C ASN A 101 5.31 1.05 34.98
N GLU A 102 4.49 0.82 33.98
CA GLU A 102 4.92 0.94 32.59
C GLU A 102 5.35 2.34 32.20
N GLN A 103 4.79 3.35 32.85
CA GLN A 103 5.19 4.72 32.50
C GLN A 103 6.58 5.04 33.04
N ILE A 104 6.81 4.71 34.29
CA ILE A 104 8.09 4.86 34.93
C ILE A 104 9.21 4.07 34.16
N LEU A 105 8.91 2.81 33.83
CA LEU A 105 9.77 1.96 33.03
C LEU A 105 10.12 2.62 31.71
N GLN A 106 9.14 3.08 30.97
CA GLN A 106 9.37 3.78 29.71
C GLN A 106 10.34 4.96 29.89
N PHE A 107 10.12 5.78 30.90
CA PHE A 107 10.93 6.99 31.10
C PHE A 107 12.33 6.62 31.57
N ALA A 108 12.46 5.58 32.36
CA ALA A 108 13.76 5.06 32.78
C ALA A 108 14.62 4.59 31.60
N LEU A 109 13.97 3.89 30.68
CA LEU A 109 14.58 3.36 29.50
C LEU A 109 15.07 4.47 28.64
N ILE A 110 14.26 5.51 28.45
CA ILE A 110 14.67 6.63 27.67
C ILE A 110 15.87 7.35 28.30
N ALA A 111 15.86 7.56 29.61
CA ALA A 111 17.01 8.15 30.23
C ALA A 111 18.28 7.33 30.07
N LEU A 112 18.21 6.01 30.31
CA LEU A 112 19.34 5.11 30.07
C LEU A 112 19.84 5.17 28.64
N ALA A 113 18.92 5.12 27.68
CA ALA A 113 19.27 5.19 26.28
C ALA A 113 20.05 6.44 26.00
N ASN A 114 19.60 7.59 26.54
CA ASN A 114 20.30 8.87 26.32
C ASN A 114 21.72 8.81 26.94
N ILE A 115 21.86 8.23 28.13
CA ILE A 115 23.18 8.12 28.73
C ILE A 115 24.10 7.25 27.81
N ALA A 116 23.55 6.17 27.29
CA ALA A 116 24.26 5.29 26.35
C ALA A 116 24.44 5.86 24.96
N SER A 117 23.95 7.07 24.68
CA SER A 117 24.31 7.80 23.49
C SER A 117 25.56 8.65 23.65
N GLY A 118 26.23 8.56 24.79
CA GLY A 118 27.48 9.29 24.99
C GLY A 118 28.67 8.54 24.36
N GLY A 119 29.84 8.94 24.80
CA GLY A 119 31.08 8.30 24.33
C GLY A 119 31.20 6.92 24.96
N ASN A 120 32.25 6.25 24.56
CA ASN A 120 32.44 4.84 24.98
C ASN A 120 32.54 4.68 26.44
N GLU A 121 33.16 5.64 27.11
CA GLU A 121 33.26 5.61 28.60
C GLU A 121 31.90 5.73 29.29
N GLN A 122 31.02 6.54 28.76
CA GLN A 122 29.64 6.68 29.26
C GLN A 122 28.88 5.37 29.02
N ILE A 123 29.06 4.79 27.81
CA ILE A 123 28.42 3.53 27.52
C ILE A 123 28.87 2.44 28.46
N GLN A 124 30.16 2.43 28.75
CA GLN A 124 30.76 1.39 29.63
C GLN A 124 30.18 1.50 31.05
N ALA A 125 30.01 2.73 31.53
CA ALA A 125 29.30 2.95 32.84
C ALA A 125 27.93 2.30 32.87
N VAL A 126 27.17 2.42 31.79
CA VAL A 126 25.85 1.77 31.69
C VAL A 126 25.98 0.26 31.81
N ILE A 127 26.94 -0.32 31.09
CA ILE A 127 27.18 -1.77 31.13
C ILE A 127 27.62 -2.20 32.51
N ASP A 128 28.53 -1.44 33.09
CA ASP A 128 29.07 -1.75 34.44
C ASP A 128 28.03 -1.63 35.53
N ALA A 129 27.01 -0.77 35.34
CA ALA A 129 25.87 -0.68 36.26
C ALA A 129 24.93 -1.88 36.17
N GLY A 130 25.16 -2.77 35.19
CA GLY A 130 24.37 -4.01 35.07
C GLY A 130 23.13 -3.90 34.24
N ALA A 131 23.05 -2.96 33.28
CA ALA A 131 21.77 -2.72 32.60
C ALA A 131 21.40 -3.83 31.58
N LEU A 132 22.40 -4.53 31.05
CA LEU A 132 22.16 -5.37 29.85
C LEU A 132 21.24 -6.56 30.03
N PRO A 133 21.40 -7.33 31.13
CA PRO A 133 20.47 -8.49 31.31
C PRO A 133 18.99 -8.05 31.35
N ALA A 134 18.71 -6.99 32.04
CA ALA A 134 17.32 -6.45 32.04
C ALA A 134 16.90 -6.01 30.64
N LEU A 135 17.78 -5.31 29.91
CA LEU A 135 17.41 -4.79 28.61
C LEU A 135 17.12 -5.96 27.64
N VAL A 136 17.93 -7.00 27.71
CA VAL A 136 17.72 -8.16 26.85
C VAL A 136 16.43 -8.90 27.19
N GLN A 137 16.18 -9.06 28.50
CA GLN A 137 14.90 -9.63 28.93
C GLN A 137 13.68 -8.84 28.39
N LEU A 138 13.76 -7.51 28.36
CA LEU A 138 12.65 -6.67 27.84
C LEU A 138 12.44 -6.80 26.33
N LEU A 139 13.38 -7.39 25.60
CA LEU A 139 13.14 -7.69 24.18
C LEU A 139 12.00 -8.68 23.98
N SER A 140 11.65 -9.39 25.03
CA SER A 140 10.56 -10.31 25.01
C SER A 140 9.20 -9.73 25.48
N SER A 141 9.15 -8.41 25.74
CA SER A 141 7.92 -7.81 26.22
C SER A 141 6.83 -7.80 25.16
N PRO A 142 5.59 -8.12 25.54
CA PRO A 142 4.49 -7.95 24.62
C PRO A 142 4.02 -6.49 24.53
N ASN A 143 4.63 -5.60 25.28
CA ASN A 143 4.27 -4.18 25.29
C ASN A 143 5.17 -3.48 24.31
N GLU A 144 4.61 -3.08 23.20
CA GLU A 144 5.38 -2.48 22.13
C GLU A 144 6.13 -1.22 22.57
N GLN A 145 5.55 -0.48 23.51
CA GLN A 145 6.18 0.75 23.94
C GLN A 145 7.47 0.45 24.72
N ILE A 146 7.40 -0.55 25.57
CA ILE A 146 8.53 -0.97 26.37
C ILE A 146 9.63 -1.61 25.48
N LEU A 147 9.20 -2.53 24.61
CA LEU A 147 10.08 -3.16 23.65
C LEU A 147 10.85 -2.07 22.82
N GLN A 148 10.12 -1.12 22.25
CA GLN A 148 10.73 -0.03 21.50
C GLN A 148 11.78 0.74 22.29
N GLU A 149 11.53 1.07 23.57
CA GLU A 149 12.54 1.83 24.30
C GLU A 149 13.76 0.98 24.73
N ALA A 150 13.55 -0.30 25.04
CA ALA A 150 14.64 -1.17 25.35
C ALA A 150 15.53 -1.36 24.12
N LEU A 151 14.90 -1.51 22.94
CA LEU A 151 15.65 -1.67 21.70
C LEU A 151 16.51 -0.47 21.42
N TRP A 152 15.98 0.75 21.59
CA TRP A 152 16.84 1.91 21.46
C TRP A 152 18.01 1.94 22.42
N ALA A 153 17.79 1.54 23.68
CA ALA A 153 18.91 1.50 24.63
C ALA A 153 20.01 0.50 24.22
N LEU A 154 19.60 -0.70 23.82
CA LEU A 154 20.56 -1.71 23.34
C LEU A 154 21.33 -1.23 22.11
N SER A 155 20.63 -0.62 21.17
CA SER A 155 21.23 -0.09 19.96
C SER A 155 22.29 0.92 20.27
N ASN A 156 22.00 1.82 21.22
CA ASN A 156 22.96 2.85 21.62
C ASN A 156 24.17 2.20 22.29
N ILE A 157 23.95 1.18 23.12
CA ILE A 157 25.07 0.53 23.80
C ILE A 157 25.99 -0.09 22.71
N ALA A 158 25.38 -0.72 21.71
CA ALA A 158 26.11 -1.27 20.58
C ALA A 158 26.74 -0.27 19.65
N SER A 159 26.49 1.02 19.84
CA SER A 159 27.20 2.05 19.08
C SER A 159 28.52 2.40 19.72
N GLY A 160 28.91 1.76 20.78
CA GLY A 160 30.25 1.93 21.35
C GLY A 160 31.36 1.17 20.63
N GLY A 161 32.48 0.99 21.33
CA GLY A 161 33.61 0.28 20.80
C GLY A 161 33.36 -1.22 20.81
N ASN A 162 34.36 -1.98 20.38
CA ASN A 162 34.20 -3.42 20.23
C ASN A 162 33.95 -4.14 21.55
N GLU A 163 34.52 -3.66 22.62
CA GLU A 163 34.29 -4.23 23.95
C GLU A 163 32.81 -4.00 24.42
N GLN A 164 32.25 -2.84 24.11
CA GLN A 164 30.88 -2.54 24.40
C GLN A 164 29.93 -3.41 23.57
N ILE A 165 30.25 -3.54 22.27
CA ILE A 165 29.47 -4.40 21.38
C ILE A 165 29.52 -5.79 21.90
N GLN A 166 30.69 -6.23 22.35
CA GLN A 166 30.87 -7.63 22.80
C GLN A 166 30.04 -7.89 24.04
N ALA A 167 29.93 -6.90 24.93
CA ALA A 167 29.03 -7.01 26.09
C ALA A 167 27.58 -7.30 25.65
N VAL A 168 27.11 -6.61 24.63
CA VAL A 168 25.76 -6.81 24.08
C VAL A 168 25.58 -8.24 23.56
N ILE A 169 26.56 -8.68 22.79
CA ILE A 169 26.57 -10.06 22.27
C ILE A 169 26.59 -11.07 23.39
N ASP A 170 27.44 -10.85 24.38
CA ASP A 170 27.57 -11.81 25.48
C ASP A 170 26.34 -11.83 26.38
N ALA A 171 25.53 -10.78 26.35
CA ALA A 171 24.27 -10.74 27.10
C ALA A 171 23.19 -11.48 26.39
N GLY A 172 23.44 -11.98 25.16
CA GLY A 172 22.46 -12.84 24.49
C GLY A 172 21.39 -12.10 23.70
N ALA A 173 21.71 -10.89 23.25
CA ALA A 173 20.75 -10.12 22.52
C ALA A 173 20.46 -10.61 21.11
N LEU A 174 21.44 -11.27 20.46
CA LEU A 174 21.30 -11.48 19.01
C LEU A 174 20.12 -12.34 18.57
N PRO A 175 19.84 -13.47 19.24
CA PRO A 175 18.72 -14.29 18.79
C PRO A 175 17.39 -13.54 18.79
N ALA A 176 17.14 -12.71 19.80
CA ALA A 176 15.90 -11.92 19.84
C ALA A 176 15.91 -10.89 18.73
N LEU A 177 17.05 -10.25 18.50
CA LEU A 177 17.13 -9.21 17.46
C LEU A 177 16.91 -9.79 16.09
N VAL A 178 17.41 -10.97 15.85
CA VAL A 178 17.22 -11.61 14.54
C VAL A 178 15.78 -12.01 14.38
N GLN A 179 15.19 -12.54 15.43
CA GLN A 179 13.76 -12.87 15.42
C GLN A 179 12.89 -11.61 15.10
N LEU A 180 13.27 -10.46 15.65
CA LEU A 180 12.57 -9.21 15.35
C LEU A 180 12.62 -8.73 13.90
N LEU A 181 13.53 -9.25 13.10
CA LEU A 181 13.58 -8.92 11.67
C LEU A 181 12.39 -9.45 10.92
N SER A 182 11.70 -10.43 11.51
CA SER A 182 10.39 -10.88 11.02
C SER A 182 9.17 -10.05 11.49
N SER A 183 9.36 -9.00 12.29
CA SER A 183 8.22 -8.29 12.87
C SER A 183 7.41 -7.59 11.78
N PRO A 184 6.05 -7.73 11.85
CA PRO A 184 5.21 -6.92 10.99
C PRO A 184 5.16 -5.43 11.41
N ASN A 185 5.77 -5.09 12.54
CA ASN A 185 5.73 -3.75 13.05
C ASN A 185 6.94 -2.99 12.53
N GLU A 186 6.71 -2.03 11.65
CA GLU A 186 7.73 -1.18 11.05
C GLU A 186 8.57 -0.37 12.04
N GLN A 187 7.99 0.08 13.17
CA GLN A 187 8.81 0.72 14.20
C GLN A 187 9.80 -0.27 14.83
N ILE A 188 9.32 -1.44 15.23
CA ILE A 188 10.17 -2.44 15.84
C ILE A 188 11.25 -2.93 14.84
N LEU A 189 10.84 -3.23 13.62
CA LEU A 189 11.73 -3.63 12.53
C LEU A 189 12.87 -2.65 12.32
N GLN A 190 12.53 -1.36 12.18
CA GLN A 190 13.56 -0.33 12.05
C GLN A 190 14.56 -0.38 13.21
N GLU A 191 14.07 -0.50 14.44
CA GLU A 191 14.97 -0.49 15.56
C GLU A 191 15.84 -1.73 15.66
N ALA A 192 15.30 -2.87 15.27
CA ALA A 192 16.03 -4.08 15.33
C ALA A 192 17.21 -4.01 14.30
N LEU A 193 16.94 -3.33 13.18
CA LEU A 193 17.92 -3.11 12.15
C LEU A 193 18.99 -2.12 12.61
N TRP A 194 18.62 -1.06 13.33
CA TRP A 194 19.65 -0.20 13.96
C TRP A 194 20.55 -0.98 14.89
N ALA A 195 19.93 -1.79 15.75
CA ALA A 195 20.68 -2.57 16.73
C ALA A 195 21.67 -3.55 16.04
N LEU A 196 21.18 -4.32 15.09
CA LEU A 196 22.03 -5.25 14.36
C LEU A 196 23.10 -4.50 13.54
N SER A 197 22.76 -3.40 12.90
CA SER A 197 23.75 -2.61 12.17
C SER A 197 24.86 -2.17 13.09
N ASN A 198 24.52 -1.67 14.28
CA ASN A 198 25.53 -1.23 15.19
C ASN A 198 26.40 -2.37 15.70
N ILE A 199 25.82 -3.52 15.98
CA ILE A 199 26.64 -4.68 16.38
C ILE A 199 27.59 -5.05 15.22
N ALA A 200 27.09 -4.99 13.98
CA ALA A 200 27.89 -5.27 12.81
C ALA A 200 28.88 -4.16 12.43
N SER A 201 28.96 -3.09 13.24
CA SER A 201 29.96 -2.05 13.06
C SER A 201 31.21 -2.35 13.86
N GLY A 202 31.29 -3.48 14.54
CA GLY A 202 32.50 -3.79 15.31
C GLY A 202 33.51 -4.60 14.48
N GLY A 203 34.31 -5.40 15.16
CA GLY A 203 35.33 -6.24 14.55
C GLY A 203 34.74 -7.40 13.80
N ASN A 204 35.59 -8.06 13.05
CA ASN A 204 35.16 -9.18 12.18
C ASN A 204 34.51 -10.28 12.97
N GLU A 205 34.98 -10.59 14.17
CA GLU A 205 34.30 -11.66 14.95
C GLU A 205 32.92 -11.18 15.49
N GLN A 206 32.72 -9.88 15.68
CA GLN A 206 31.37 -9.34 15.99
C GLN A 206 30.43 -9.41 14.82
N ILE A 207 30.93 -9.05 13.64
CA ILE A 207 30.17 -9.22 12.43
C ILE A 207 29.80 -10.67 12.26
N GLN A 208 30.73 -11.56 12.57
CA GLN A 208 30.49 -13.01 12.37
C GLN A 208 29.45 -13.56 13.33
N ALA A 209 29.43 -13.08 14.56
CA ALA A 209 28.34 -13.41 15.50
C ALA A 209 26.96 -13.04 14.89
N VAL A 210 26.84 -11.88 14.26
CA VAL A 210 25.58 -11.50 13.60
C VAL A 210 25.22 -12.50 12.51
N ILE A 211 26.22 -12.88 11.69
CA ILE A 211 26.02 -13.87 10.60
C ILE A 211 25.62 -15.22 11.14
N ASP A 212 26.32 -15.64 12.19
CA ASP A 212 26.07 -16.96 12.80
C ASP A 212 24.71 -17.03 13.49
N ALA A 213 24.14 -15.88 13.88
CA ALA A 213 22.84 -15.88 14.55
C ALA A 213 21.74 -15.94 13.51
N GLY A 214 22.09 -15.88 12.22
CA GLY A 214 21.10 -16.11 11.18
C GLY A 214 20.53 -14.84 10.60
N ALA A 215 21.20 -13.71 10.75
CA ALA A 215 20.62 -12.44 10.25
C ALA A 215 20.52 -12.32 8.73
N LEU A 216 21.41 -12.97 7.98
CA LEU A 216 21.51 -12.68 6.54
C LEU A 216 20.28 -12.99 5.72
N PRO A 217 19.67 -14.16 5.88
CA PRO A 217 18.52 -14.45 4.99
C PRO A 217 17.40 -13.40 5.16
N ALA A 218 17.10 -13.00 6.42
CA ALA A 218 16.11 -11.94 6.65
C ALA A 218 16.58 -10.60 6.05
N LEU A 219 17.85 -10.26 6.21
CA LEU A 219 18.35 -9.00 5.66
C LEU A 219 18.21 -8.99 4.11
N VAL A 220 18.48 -10.11 3.49
CA VAL A 220 18.37 -10.20 2.05
C VAL A 220 16.92 -10.14 1.60
N GLN A 221 16.03 -10.84 2.30
CA GLN A 221 14.59 -10.68 2.04
C GLN A 221 14.13 -9.19 2.11
N LEU A 222 14.65 -8.42 3.06
CA LEU A 222 14.25 -7.03 3.16
C LEU A 222 14.69 -6.14 2.02
N LEU A 223 15.67 -6.59 1.26
CA LEU A 223 16.07 -5.91 0.02
C LEU A 223 14.96 -5.93 -1.02
N SER A 224 13.97 -6.79 -0.86
CA SER A 224 12.73 -6.71 -1.65
C SER A 224 11.62 -5.74 -1.16
N SER A 225 11.84 -5.01 -0.07
CA SER A 225 10.77 -4.16 0.47
C SER A 225 10.44 -2.97 -0.42
N PRO A 226 9.11 -2.71 -0.61
CA PRO A 226 8.75 -1.48 -1.27
C PRO A 226 8.86 -0.27 -0.32
N ASN A 227 9.15 -0.51 0.96
CA ASN A 227 9.22 0.56 1.95
C ASN A 227 10.60 1.14 1.91
N GLU A 228 10.75 2.38 1.38
CA GLU A 228 12.09 2.96 1.19
C GLU A 228 12.87 3.13 2.47
N GLN A 229 12.19 3.36 3.60
CA GLN A 229 12.87 3.48 4.85
C GLN A 229 13.46 2.11 5.28
N ILE A 230 12.66 1.06 5.25
CA ILE A 230 13.12 -0.29 5.61
C ILE A 230 14.25 -0.79 4.66
N LEU A 231 14.13 -0.44 3.40
CA LEU A 231 15.10 -0.78 2.39
C LEU A 231 16.45 -0.19 2.71
N GLN A 232 16.45 1.13 2.97
CA GLN A 232 17.67 1.82 3.41
C GLN A 232 18.25 1.24 4.67
N GLU A 233 17.41 0.81 5.60
CA GLU A 233 17.89 0.27 6.86
C GLU A 233 18.53 -1.10 6.65
N ALA A 234 17.95 -1.92 5.78
CA ALA A 234 18.51 -3.22 5.49
C ALA A 234 19.86 -3.09 4.72
N LEU A 235 19.95 -2.10 3.83
CA LEU A 235 21.17 -1.79 3.10
C LEU A 235 22.29 -1.38 4.02
N TRP A 236 21.96 -0.54 5.01
CA TRP A 236 22.93 -0.13 6.01
C TRP A 236 23.49 -1.33 6.77
N ALA A 237 22.60 -2.23 7.18
CA ALA A 237 23.04 -3.42 7.90
C ALA A 237 23.96 -4.31 7.03
N LEU A 238 23.55 -4.58 5.79
CA LEU A 238 24.33 -5.40 4.86
C LEU A 238 25.65 -4.77 4.52
N SER A 239 25.63 -3.44 4.41
CA SER A 239 26.84 -2.68 4.15
C SER A 239 27.83 -2.77 5.30
N ASN A 240 27.34 -2.70 6.53
CA ASN A 240 28.21 -2.91 7.71
C ASN A 240 28.77 -4.35 7.71
N ILE A 241 27.97 -5.35 7.42
CA ILE A 241 28.45 -6.72 7.46
C ILE A 241 29.53 -6.94 6.36
N ALA A 242 29.29 -6.33 5.19
CA ALA A 242 30.20 -6.40 4.05
C ALA A 242 31.50 -5.65 4.27
N SER A 243 31.59 -4.82 5.32
CA SER A 243 32.83 -4.21 5.73
C SER A 243 33.78 -5.15 6.46
N GLY A 244 33.37 -6.38 6.74
CA GLY A 244 34.27 -7.29 7.43
C GLY A 244 35.33 -7.88 6.50
N GLY A 245 35.93 -8.99 6.92
CA GLY A 245 36.92 -9.69 6.13
C GLY A 245 36.31 -10.64 5.11
N ASN A 246 37.18 -11.50 4.54
CA ASN A 246 36.77 -12.39 3.48
C ASN A 246 35.69 -13.35 3.86
N GLU A 247 35.77 -13.96 5.04
CA GLU A 247 34.73 -14.92 5.47
C GLU A 247 33.34 -14.22 5.56
N GLN A 248 33.35 -12.94 5.92
CA GLN A 248 32.12 -12.17 6.12
C GLN A 248 31.53 -11.78 4.76
N LYS A 249 32.40 -11.28 3.89
CA LYS A 249 32.01 -10.97 2.51
C LYS A 249 31.45 -12.20 1.83
N GLN A 250 32.09 -13.34 2.06
CA GLN A 250 31.67 -14.60 1.39
C GLN A 250 30.31 -15.06 1.89
N ALA A 251 30.06 -14.93 3.20
CA ALA A 251 28.73 -15.27 3.75
C ALA A 251 27.62 -14.41 3.10
N VAL A 252 27.91 -13.13 2.90
CA VAL A 252 26.98 -12.24 2.24
C VAL A 252 26.67 -12.67 0.78
N LYS A 253 27.73 -13.07 0.07
CA LYS A 253 27.57 -13.62 -1.31
C LYS A 253 26.77 -14.91 -1.32
N GLU A 254 27.03 -15.81 -0.38
CA GLU A 254 26.27 -17.06 -0.31
C GLU A 254 24.80 -16.88 -0.02
N ALA A 255 24.42 -15.79 0.62
CA ALA A 255 23.02 -15.55 0.92
C ALA A 255 22.28 -14.89 -0.23
N GLY A 256 22.96 -14.57 -1.31
CA GLY A 256 22.29 -14.11 -2.52
C GLY A 256 22.20 -12.61 -2.66
N ALA A 257 22.99 -11.87 -1.90
CA ALA A 257 22.87 -10.43 -1.85
C ALA A 257 23.30 -9.71 -3.12
N LEU A 258 24.30 -10.27 -3.80
CA LEU A 258 24.90 -9.64 -5.00
C LEU A 258 23.90 -9.22 -6.05
N GLU A 259 23.10 -10.16 -6.52
CA GLU A 259 22.15 -9.87 -7.59
C GLU A 259 21.26 -8.67 -7.19
N LYS A 260 20.76 -8.70 -5.94
CA LYS A 260 19.82 -7.70 -5.45
C LYS A 260 20.48 -6.36 -5.26
N LEU A 261 21.69 -6.35 -4.68
CA LEU A 261 22.40 -5.09 -4.51
C LEU A 261 22.66 -4.42 -5.86
N GLU A 262 22.97 -5.24 -6.89
CA GLU A 262 23.22 -4.72 -8.21
C GLU A 262 21.95 -4.08 -8.82
N GLN A 263 20.84 -4.80 -8.72
CA GLN A 263 19.54 -4.27 -9.18
C GLN A 263 19.16 -2.94 -8.49
N LEU A 264 19.42 -2.85 -7.19
CA LEU A 264 19.11 -1.63 -6.42
C LEU A 264 19.88 -0.38 -6.80
N GLN A 265 21.01 -0.54 -7.50
CA GLN A 265 21.68 0.60 -8.10
C GLN A 265 20.83 1.30 -9.17
N SER A 266 19.77 0.64 -9.65
CA SER A 266 18.82 1.25 -10.58
C SER A 266 17.57 1.84 -9.92
N HIS A 267 17.50 1.87 -8.59
CA HIS A 267 16.35 2.47 -7.87
C HIS A 267 16.36 4.00 -8.04
N GLU A 268 15.17 4.57 -8.28
CA GLU A 268 15.02 6.01 -8.49
C GLU A 268 15.45 6.87 -7.31
N ASN A 269 15.37 6.32 -6.10
CA ASN A 269 15.76 7.05 -4.90
C ASN A 269 17.28 7.07 -4.84
N GLU A 270 17.85 8.27 -4.93
CA GLU A 270 19.31 8.49 -4.97
C GLU A 270 20.07 7.98 -3.75
N LYS A 271 19.45 8.06 -2.58
CA LYS A 271 20.09 7.57 -1.37
C LYS A 271 20.19 6.03 -1.38
N ILE A 272 19.14 5.37 -1.91
CA ILE A 272 19.12 3.91 -2.03
C ILE A 272 20.19 3.45 -3.06
N GLN A 273 20.11 4.06 -4.24
CA GLN A 273 21.12 3.91 -5.32
C GLN A 273 22.52 3.92 -4.75
N LYS A 274 22.84 4.99 -4.01
CA LYS A 274 24.18 5.23 -3.50
C LYS A 274 24.57 4.20 -2.46
N GLU A 275 23.65 3.88 -1.55
CA GLU A 275 23.96 2.92 -0.51
C GLU A 275 24.15 1.51 -1.10
N ALA A 276 23.37 1.18 -2.12
CA ALA A 276 23.50 -0.09 -2.84
C ALA A 276 24.88 -0.23 -3.52
N GLN A 277 25.30 0.86 -4.19
CA GLN A 277 26.58 0.90 -4.90
C GLN A 277 27.72 0.73 -3.92
N GLU A 278 27.70 1.49 -2.83
CA GLU A 278 28.70 1.36 -1.77
C GLU A 278 28.79 -0.04 -1.21
N ALA A 279 27.66 -0.65 -0.86
CA ALA A 279 27.65 -2.03 -0.32
C ALA A 279 28.25 -3.06 -1.31
N LEU A 280 27.90 -2.88 -2.58
CA LEU A 280 28.41 -3.74 -3.64
C LEU A 280 29.96 -3.61 -3.79
N GLU A 281 30.46 -2.36 -3.82
CA GLU A 281 31.90 -2.08 -3.90
C GLU A 281 32.66 -2.72 -2.74
N LYS A 282 32.10 -2.68 -1.53
CA LYS A 282 32.73 -3.36 -0.40
C LYS A 282 32.78 -4.87 -0.55
N LEU A 283 31.72 -5.48 -1.06
CA LEU A 283 31.71 -6.93 -1.27
C LEU A 283 32.73 -7.42 -2.29
N GLN A 284 33.07 -6.57 -3.27
CA GLN A 284 34.02 -6.91 -4.30
C GLN A 284 35.42 -6.28 -4.06
N SER A 285 35.62 -5.66 -2.90
CA SER A 285 36.85 -4.93 -2.56
C SER A 285 37.73 -5.96 -1.81
N HIS A 286 39.03 -5.69 -1.73
CA HIS A 286 39.99 -6.49 -1.00
C HIS A 286 40.28 -5.93 0.41
N GLY A 287 39.85 -4.71 0.69
CA GLY A 287 40.06 -4.09 1.99
C GLY A 287 38.94 -4.39 2.99
N SER A 288 39.02 -3.75 4.15
CA SER A 288 38.02 -3.86 5.19
C SER A 288 37.69 -2.46 5.78
N GLY A 289 36.65 -2.43 6.63
CA GLY A 289 36.30 -1.20 7.32
C GLY A 289 35.29 -0.39 6.53
N GLY A 290 35.05 0.81 7.02
CA GLY A 290 33.95 1.65 6.52
C GLY A 290 32.56 1.40 7.09
N SER A 291 32.43 0.70 8.20
CA SER A 291 31.10 0.46 8.83
C SER A 291 30.65 1.73 9.59
N GLY A 292 29.32 1.98 9.66
CA GLY A 292 28.72 3.18 10.30
C GLY A 292 27.98 2.86 11.57
N LYS A 293 28.19 3.70 12.58
CA LYS A 293 27.54 3.59 13.92
C LYS A 293 26.50 4.74 14.01
N ARG A 294 25.37 4.49 14.62
CA ARG A 294 24.36 5.58 14.86
C ARG A 294 23.88 5.60 16.28
N LYS A 295 23.74 6.82 16.76
CA LYS A 295 23.21 7.04 18.11
C LYS A 295 21.85 7.76 18.05
N ARG A 296 20.99 7.44 19.00
CA ARG A 296 19.70 8.15 19.18
C ARG A 296 19.64 8.84 20.56
N LYS A 297 19.26 10.13 20.49
CA LYS A 297 18.96 10.94 21.66
C LYS A 297 17.46 11.33 21.58
N ALA A 298 16.72 11.25 22.68
CA ALA A 298 15.29 11.63 22.74
C ALA A 298 15.02 12.51 23.98
N LYS A 299 14.05 13.39 23.84
CA LYS A 299 13.71 14.31 24.95
C LYS A 299 12.76 14.16 26.14
N LEU A 300 11.56 13.73 26.02
CA LEU A 300 10.71 13.91 27.32
C LEU A 300 10.27 15.34 27.84
N SER A 301 9.31 15.87 27.11
CA SER A 301 8.69 17.17 27.42
C SER A 301 7.32 16.88 27.89
N PHE A 302 7.10 17.25 29.13
CA PHE A 302 5.95 16.76 29.82
C PHE A 302 4.75 17.59 29.49
N SER B 4 12.12 -14.17 -64.52
CA SER B 4 12.09 -15.09 -65.67
C SER B 4 13.04 -16.29 -65.52
N GLU B 5 14.04 -16.18 -64.60
CA GLU B 5 14.95 -17.26 -64.23
C GLU B 5 14.40 -18.32 -63.23
N LEU B 6 13.31 -18.01 -62.54
CA LEU B 6 12.80 -18.89 -61.45
C LEU B 6 12.25 -20.22 -61.95
N PRO B 7 11.47 -20.22 -63.06
CA PRO B 7 11.02 -21.52 -63.61
C PRO B 7 12.18 -22.47 -63.97
N GLN B 8 13.27 -21.94 -64.54
CA GLN B 8 14.44 -22.74 -64.80
C GLN B 8 15.03 -23.32 -63.49
N MET B 9 15.14 -22.47 -62.46
CA MET B 9 15.66 -22.95 -61.17
C MET B 9 14.83 -24.09 -60.62
N VAL B 10 13.52 -23.98 -60.77
CA VAL B 10 12.64 -25.03 -60.30
C VAL B 10 12.82 -26.30 -61.13
N GLN B 11 12.90 -26.14 -62.46
CA GLN B 11 13.20 -27.31 -63.31
C GLN B 11 14.49 -28.00 -62.88
N GLN B 12 15.50 -27.21 -62.54
CA GLN B 12 16.79 -27.76 -62.13
C GLN B 12 16.77 -28.52 -60.79
N LEU B 13 15.70 -28.41 -60.03
CA LEU B 13 15.57 -29.19 -58.81
C LEU B 13 15.43 -30.68 -59.11
N ASN B 14 15.04 -31.02 -60.36
CA ASN B 14 15.07 -32.42 -60.84
C ASN B 14 16.24 -32.77 -61.78
N SER B 15 17.29 -31.95 -61.80
CA SER B 15 18.43 -32.18 -62.68
C SER B 15 19.21 -33.43 -62.28
N PRO B 16 19.62 -34.25 -63.27
CA PRO B 16 20.56 -35.33 -62.93
C PRO B 16 21.97 -34.83 -62.57
N ASP B 17 22.31 -33.58 -62.89
CA ASP B 17 23.58 -33.01 -62.49
C ASP B 17 23.43 -32.42 -61.08
N GLN B 18 23.95 -33.10 -60.06
CA GLN B 18 23.91 -32.60 -58.68
C GLN B 18 24.49 -31.19 -58.47
N GLN B 19 25.46 -30.81 -59.27
CA GLN B 19 25.99 -29.45 -59.20
C GLN B 19 24.92 -28.44 -59.64
N GLU B 20 24.21 -28.73 -60.72
CA GLU B 20 23.16 -27.85 -61.23
C GLU B 20 21.97 -27.75 -60.21
N LEU B 21 21.65 -28.89 -59.60
CA LEU B 21 20.60 -29.03 -58.62
C LEU B 21 20.88 -28.18 -57.37
N GLN B 22 22.04 -28.42 -56.76
CA GLN B 22 22.46 -27.77 -55.53
C GLN B 22 22.57 -26.24 -55.76
N SER B 23 23.00 -25.87 -56.94
CA SER B 23 23.12 -24.49 -57.28
C SER B 23 21.71 -23.81 -57.39
N ALA B 24 20.77 -24.47 -58.03
CA ALA B 24 19.43 -23.94 -58.20
C ALA B 24 18.69 -23.84 -56.81
N LEU B 25 18.91 -24.84 -55.97
CA LEU B 25 18.36 -24.94 -54.64
C LEU B 25 18.87 -23.79 -53.74
N ARG B 26 20.17 -23.55 -53.77
CA ARG B 26 20.75 -22.44 -53.06
C ARG B 26 20.24 -21.11 -53.56
N LYS B 27 20.08 -20.93 -54.86
CA LYS B 27 19.53 -19.66 -55.37
C LYS B 27 18.09 -19.44 -54.85
N LEU B 28 17.28 -20.49 -54.85
CA LEU B 28 15.89 -20.41 -54.39
C LEU B 28 15.88 -20.06 -52.88
N GLN B 29 16.71 -20.75 -52.11
CA GLN B 29 16.88 -20.49 -50.69
C GLN B 29 17.18 -19.02 -50.43
N GLN B 30 18.08 -18.46 -51.22
CA GLN B 30 18.49 -17.08 -51.08
C GLN B 30 17.40 -16.05 -51.52
N ILE B 31 16.70 -16.34 -52.60
CA ILE B 31 15.60 -15.50 -53.06
C ILE B 31 14.53 -15.41 -51.96
N ALA B 32 14.28 -16.53 -51.28
CA ALA B 32 13.32 -16.63 -50.18
C ALA B 32 13.72 -15.90 -48.91
N MET B 33 14.95 -15.41 -48.83
CA MET B 33 15.39 -14.43 -47.80
C MET B 33 14.86 -13.02 -48.06
N GLY B 34 14.34 -12.73 -49.25
CA GLY B 34 14.10 -11.35 -49.68
C GLY B 34 12.70 -10.77 -49.42
N GLY B 35 11.91 -11.37 -48.50
CA GLY B 35 10.61 -10.84 -48.17
C GLY B 35 9.47 -11.52 -48.86
N ASN B 36 8.25 -11.12 -48.48
CA ASN B 36 7.08 -11.93 -48.86
C ASN B 36 6.73 -11.92 -50.35
N GLU B 37 7.02 -10.83 -51.06
CA GLU B 37 6.79 -10.82 -52.53
C GLU B 37 7.73 -11.79 -53.24
N GLN B 38 9.00 -11.73 -52.85
CA GLN B 38 9.98 -12.67 -53.35
C GLN B 38 9.62 -14.13 -52.99
N ILE B 39 9.16 -14.36 -51.75
CA ILE B 39 8.70 -15.70 -51.38
C ILE B 39 7.60 -16.13 -52.32
N GLN B 40 6.69 -15.21 -52.61
CA GLN B 40 5.51 -15.57 -53.42
C GLN B 40 5.94 -15.92 -54.84
N ALA B 41 6.95 -15.24 -55.37
CA ALA B 41 7.52 -15.57 -56.71
C ALA B 41 8.03 -17.02 -56.75
N VAL B 42 8.69 -17.45 -55.68
CA VAL B 42 9.16 -18.84 -55.56
C VAL B 42 8.02 -19.84 -55.54
N ILE B 43 6.99 -19.55 -54.74
CA ILE B 43 5.80 -20.42 -54.64
C ILE B 43 5.09 -20.46 -56.02
N ASP B 44 4.90 -19.30 -56.63
CA ASP B 44 4.24 -19.19 -57.94
C ASP B 44 5.02 -19.89 -59.08
N ALA B 45 6.35 -19.93 -59.00
CA ALA B 45 7.13 -20.74 -59.99
C ALA B 45 6.99 -22.27 -59.83
N GLY B 46 6.37 -22.70 -58.74
CA GLY B 46 6.06 -24.13 -58.52
C GLY B 46 7.09 -24.83 -57.68
N ALA B 47 7.91 -24.10 -56.93
CA ALA B 47 9.00 -24.71 -56.19
C ALA B 47 8.63 -25.76 -55.14
N LEU B 48 7.47 -25.60 -54.50
CA LEU B 48 7.20 -26.33 -53.25
C LEU B 48 7.15 -27.83 -53.31
N PRO B 49 6.49 -28.41 -54.35
CA PRO B 49 6.46 -29.90 -54.40
C PRO B 49 7.85 -30.53 -54.44
N ALA B 50 8.74 -29.91 -55.21
CA ALA B 50 10.12 -30.40 -55.35
C ALA B 50 10.90 -30.23 -54.05
N LEU B 51 10.75 -29.08 -53.39
CA LEU B 51 11.44 -28.85 -52.11
C LEU B 51 10.99 -29.88 -51.09
N VAL B 52 9.71 -30.15 -51.06
CA VAL B 52 9.17 -31.12 -50.10
C VAL B 52 9.74 -32.53 -50.43
N GLN B 53 9.73 -32.90 -51.72
CA GLN B 53 10.29 -34.15 -52.16
C GLN B 53 11.76 -34.31 -51.72
N LEU B 54 12.53 -33.24 -51.82
CA LEU B 54 13.92 -33.26 -51.41
C LEU B 54 14.17 -33.46 -49.92
N LEU B 55 13.14 -33.34 -49.08
CA LEU B 55 13.31 -33.65 -47.67
C LEU B 55 13.52 -35.16 -47.47
N SER B 56 13.14 -35.97 -48.46
CA SER B 56 13.48 -37.37 -48.43
C SER B 56 14.87 -37.74 -49.02
N SER B 57 15.66 -36.76 -49.44
CA SER B 57 16.98 -37.05 -50.04
C SER B 57 17.93 -37.67 -49.03
N PRO B 58 18.68 -38.68 -49.44
CA PRO B 58 19.80 -39.14 -48.57
C PRO B 58 21.05 -38.25 -48.66
N ASN B 59 21.09 -37.27 -49.54
CA ASN B 59 22.24 -36.35 -49.65
C ASN B 59 22.06 -35.21 -48.62
N GLU B 60 22.91 -35.20 -47.61
CA GLU B 60 22.81 -34.15 -46.56
C GLU B 60 22.99 -32.74 -47.02
N GLN B 61 23.70 -32.50 -48.11
CA GLN B 61 23.82 -31.11 -48.58
C GLN B 61 22.55 -30.66 -49.20
N ILE B 62 21.91 -31.56 -49.94
CA ILE B 62 20.63 -31.24 -50.55
C ILE B 62 19.55 -31.02 -49.47
N LEU B 63 19.44 -31.97 -48.56
CA LEU B 63 18.53 -31.90 -47.44
C LEU B 63 18.68 -30.59 -46.64
N ALA B 64 19.90 -30.23 -46.28
CA ALA B 64 20.11 -29.02 -45.49
C ALA B 64 19.67 -27.79 -46.26
N SER B 65 19.91 -27.76 -47.57
CA SER B 65 19.49 -26.61 -48.35
C SER B 65 17.99 -26.58 -48.57
N ALA B 66 17.36 -27.74 -48.72
CA ALA B 66 15.92 -27.80 -48.92
C ALA B 66 15.19 -27.29 -47.65
N LEU B 67 15.72 -27.68 -46.50
CA LEU B 67 15.23 -27.27 -45.19
C LEU B 67 15.36 -25.77 -45.06
N GLY B 68 16.52 -25.26 -45.44
CA GLY B 68 16.76 -23.85 -45.46
C GLY B 68 15.76 -23.11 -46.30
N ALA B 69 15.51 -23.59 -47.54
CA ALA B 69 14.58 -22.94 -48.41
C ALA B 69 13.16 -22.93 -47.82
N LEU B 70 12.70 -24.08 -47.34
CA LEU B 70 11.37 -24.24 -46.78
C LEU B 70 11.22 -23.39 -45.52
N ALA B 71 12.23 -23.33 -44.68
CA ALA B 71 12.21 -22.46 -43.51
C ALA B 71 12.01 -21.02 -43.92
N ASN B 72 12.72 -20.57 -44.96
CA ASN B 72 12.63 -19.16 -45.41
C ASN B 72 11.26 -18.85 -46.02
N ILE B 73 10.70 -19.79 -46.78
CA ILE B 73 9.36 -19.63 -47.34
C ILE B 73 8.37 -19.50 -46.17
N ALA B 74 8.52 -20.35 -45.17
CA ALA B 74 7.67 -20.35 -43.96
C ALA B 74 7.90 -19.15 -43.00
N SER B 75 8.84 -18.27 -43.34
CA SER B 75 8.98 -17.01 -42.68
C SER B 75 8.04 -15.95 -43.29
N GLY B 76 7.26 -16.33 -44.28
CA GLY B 76 6.35 -15.38 -44.93
C GLY B 76 4.97 -15.27 -44.21
N GLY B 77 3.95 -14.85 -44.95
CA GLY B 77 2.62 -14.67 -44.41
C GLY B 77 1.95 -16.00 -44.11
N ASN B 78 0.80 -15.93 -43.41
CA ASN B 78 0.10 -17.12 -42.98
C ASN B 78 -0.31 -18.00 -44.18
N GLU B 79 -0.70 -17.36 -45.29
CA GLU B 79 -1.05 -18.04 -46.53
C GLU B 79 0.16 -18.76 -47.22
N GLN B 80 1.33 -18.15 -47.10
CA GLN B 80 2.58 -18.72 -47.60
C GLN B 80 2.94 -19.94 -46.72
N ILE B 81 2.75 -19.80 -45.39
CA ILE B 81 2.94 -20.92 -44.51
C ILE B 81 1.98 -22.03 -44.86
N GLN B 82 0.74 -21.68 -45.16
CA GLN B 82 -0.28 -22.70 -45.47
C GLN B 82 0.09 -23.43 -46.77
N ALA B 83 0.63 -22.72 -47.75
CA ALA B 83 1.12 -23.37 -49.00
C ALA B 83 2.18 -24.49 -48.70
N VAL B 84 3.10 -24.18 -47.77
CA VAL B 84 4.09 -25.17 -47.34
C VAL B 84 3.38 -26.39 -46.74
N ILE B 85 2.38 -26.18 -45.87
CA ILE B 85 1.66 -27.28 -45.22
C ILE B 85 0.93 -28.08 -46.29
N ASP B 86 0.28 -27.37 -47.20
CA ASP B 86 -0.53 -27.99 -48.28
C ASP B 86 0.36 -28.82 -49.26
N ALA B 87 1.59 -28.42 -49.45
CA ALA B 87 2.55 -29.23 -50.24
C ALA B 87 2.99 -30.49 -49.54
N GLY B 88 2.65 -30.65 -48.27
CA GLY B 88 2.94 -31.88 -47.52
C GLY B 88 4.23 -31.89 -46.74
N ALA B 89 4.77 -30.72 -46.37
CA ALA B 89 6.01 -30.69 -45.62
C ALA B 89 6.01 -31.29 -44.24
N LEU B 90 4.87 -31.20 -43.52
CA LEU B 90 4.91 -31.52 -42.09
C LEU B 90 5.28 -32.96 -41.72
N PRO B 91 4.74 -33.98 -42.41
CA PRO B 91 5.10 -35.32 -41.99
C PRO B 91 6.64 -35.60 -42.15
N ALA B 92 7.23 -35.09 -43.24
CA ALA B 92 8.64 -35.20 -43.42
C ALA B 92 9.44 -34.44 -42.35
N LEU B 93 9.01 -33.21 -42.02
CA LEU B 93 9.72 -32.43 -40.98
C LEU B 93 9.64 -33.10 -39.63
N VAL B 94 8.48 -33.66 -39.32
CA VAL B 94 8.30 -34.33 -38.02
C VAL B 94 9.18 -35.58 -37.96
N GLN B 95 9.21 -36.35 -39.02
CA GLN B 95 10.15 -37.50 -39.10
C GLN B 95 11.61 -37.07 -38.91
N LEU B 96 12.00 -35.94 -39.49
CA LEU B 96 13.37 -35.40 -39.29
C LEU B 96 13.75 -35.04 -37.85
N LEU B 97 12.75 -34.91 -36.97
CA LEU B 97 13.05 -34.63 -35.57
C LEU B 97 13.70 -35.82 -34.90
N SER B 98 13.68 -36.97 -35.54
CA SER B 98 14.43 -38.13 -35.06
C SER B 98 15.88 -38.24 -35.63
N SER B 99 16.36 -37.25 -36.41
CA SER B 99 17.62 -37.42 -37.12
C SER B 99 18.76 -37.46 -36.12
N PRO B 100 19.75 -38.37 -36.33
CA PRO B 100 20.94 -38.31 -35.48
C PRO B 100 21.93 -37.20 -35.89
N ASN B 101 21.65 -36.51 -37.00
CA ASN B 101 22.50 -35.45 -37.51
C ASN B 101 22.04 -34.13 -36.89
N GLU B 102 22.89 -33.55 -36.04
CA GLU B 102 22.54 -32.35 -35.32
C GLU B 102 22.22 -31.16 -36.20
N GLN B 103 22.84 -31.10 -37.36
CA GLN B 103 22.60 -29.99 -38.24
C GLN B 103 21.22 -30.08 -38.91
N ILE B 104 20.89 -31.26 -39.42
CA ILE B 104 19.61 -31.55 -39.98
C ILE B 104 18.48 -31.31 -38.95
N LEU B 105 18.66 -31.85 -37.74
CA LEU B 105 17.74 -31.66 -36.64
C LEU B 105 17.50 -30.17 -36.37
N GLN B 106 18.58 -29.41 -36.23
CA GLN B 106 18.46 -27.97 -35.99
C GLN B 106 17.61 -27.29 -37.07
N PHE B 107 17.88 -27.61 -38.34
CA PHE B 107 17.21 -26.93 -39.43
C PHE B 107 15.76 -27.35 -39.54
N ALA B 108 15.47 -28.61 -39.23
CA ALA B 108 14.10 -29.10 -39.20
C ALA B 108 13.23 -28.36 -38.11
N LEU B 109 13.84 -28.14 -36.97
CA LEU B 109 13.24 -27.47 -35.87
C LEU B 109 12.93 -26.04 -36.22
N ILE B 110 13.86 -25.36 -36.87
CA ILE B 110 13.64 -24.04 -37.31
C ILE B 110 12.50 -23.93 -38.32
N ALA B 111 12.45 -24.84 -39.30
CA ALA B 111 11.35 -24.84 -40.21
C ALA B 111 10.00 -25.08 -39.53
N LEU B 112 9.92 -26.07 -38.65
CA LEU B 112 8.71 -26.32 -37.83
C LEU B 112 8.29 -25.08 -37.04
N ALA B 113 9.23 -24.47 -36.37
CA ALA B 113 8.96 -23.28 -35.56
C ALA B 113 8.37 -22.21 -36.42
N ASN B 114 8.91 -21.99 -37.63
CA ASN B 114 8.39 -20.97 -38.54
C ASN B 114 6.93 -21.31 -38.96
N ILE B 115 6.66 -22.58 -39.24
CA ILE B 115 5.30 -22.96 -39.60
C ILE B 115 4.35 -22.65 -38.42
N ALA B 116 4.79 -22.98 -37.21
CA ALA B 116 4.03 -22.71 -35.99
C ALA B 116 4.01 -21.25 -35.58
N SER B 117 4.65 -20.36 -36.33
CA SER B 117 4.46 -18.93 -36.17
C SER B 117 3.30 -18.39 -37.00
N GLY B 118 2.54 -19.26 -37.66
CA GLY B 118 1.40 -18.82 -38.43
C GLY B 118 0.16 -18.64 -37.54
N GLY B 119 -1.00 -18.61 -38.19
CA GLY B 119 -2.26 -18.52 -37.48
C GLY B 119 -2.59 -19.82 -36.76
N ASN B 120 -3.71 -19.80 -36.03
CA ASN B 120 -4.06 -20.91 -35.19
C ASN B 120 -4.23 -22.20 -35.97
N GLU B 121 -4.80 -22.07 -37.17
CA GLU B 121 -5.00 -23.20 -38.08
C GLU B 121 -3.67 -23.84 -38.55
N GLN B 122 -2.67 -23.01 -38.81
CA GLN B 122 -1.33 -23.50 -39.15
C GLN B 122 -0.71 -24.21 -37.95
N ILE B 123 -0.85 -23.61 -36.75
CA ILE B 123 -0.34 -24.21 -35.54
C ILE B 123 -0.97 -25.57 -35.30
N GLN B 124 -2.28 -25.66 -35.54
CA GLN B 124 -3.02 -26.91 -35.31
C GLN B 124 -2.50 -28.02 -36.25
N ALA B 125 -2.21 -27.66 -37.51
CA ALA B 125 -1.59 -28.61 -38.45
C ALA B 125 -0.26 -29.20 -37.88
N VAL B 126 0.55 -28.36 -37.26
CA VAL B 126 1.79 -28.83 -36.62
C VAL B 126 1.49 -29.83 -35.51
N ILE B 127 0.50 -29.51 -34.66
CA ILE B 127 0.13 -30.40 -33.58
C ILE B 127 -0.42 -31.71 -34.11
N ASP B 128 -1.27 -31.61 -35.11
CA ASP B 128 -1.93 -32.80 -35.71
C ASP B 128 -0.92 -33.70 -36.43
N ALA B 129 0.16 -33.12 -36.95
CA ALA B 129 1.26 -33.91 -37.54
C ALA B 129 2.08 -34.70 -36.50
N GLY B 130 1.84 -34.43 -35.21
CA GLY B 130 2.49 -35.16 -34.14
C GLY B 130 3.81 -34.61 -33.66
N ALA B 131 4.02 -33.29 -33.78
CA ALA B 131 5.34 -32.74 -33.44
C ALA B 131 5.65 -32.70 -31.95
N LEU B 132 4.59 -32.60 -31.10
CA LEU B 132 4.80 -32.27 -29.69
C LEU B 132 5.60 -33.26 -28.86
N PRO B 133 5.35 -34.60 -28.99
CA PRO B 133 6.10 -35.53 -28.17
C PRO B 133 7.62 -35.44 -28.37
N ALA B 134 8.03 -35.31 -29.63
CA ALA B 134 9.44 -35.12 -29.92
C ALA B 134 9.95 -33.81 -29.37
N LEU B 135 9.18 -32.72 -29.52
CA LEU B 135 9.65 -31.41 -29.06
C LEU B 135 9.84 -31.41 -27.54
N VAL B 136 8.92 -32.05 -26.81
CA VAL B 136 9.02 -32.12 -25.37
C VAL B 136 10.21 -32.99 -24.93
N GLN B 137 10.40 -34.12 -25.62
CA GLN B 137 11.59 -34.94 -25.36
C GLN B 137 12.91 -34.15 -25.55
N LEU B 138 12.98 -33.30 -26.57
CA LEU B 138 14.18 -32.47 -26.81
C LEU B 138 14.45 -31.41 -25.75
N LEU B 139 13.49 -31.12 -24.90
CA LEU B 139 13.75 -30.20 -23.77
C LEU B 139 14.77 -30.74 -22.80
N SER B 140 15.01 -32.06 -22.87
CA SER B 140 16.04 -32.65 -22.06
C SER B 140 17.41 -32.80 -22.76
N SER B 141 17.58 -32.19 -23.92
CA SER B 141 18.83 -32.27 -24.66
C SER B 141 19.93 -31.52 -23.94
N PRO B 142 21.15 -32.13 -23.84
CA PRO B 142 22.26 -31.37 -23.34
C PRO B 142 22.87 -30.46 -24.39
N ASN B 143 22.37 -30.50 -25.63
CA ASN B 143 22.91 -29.72 -26.72
C ASN B 143 22.11 -28.43 -26.78
N GLU B 144 22.76 -27.35 -26.41
CA GLU B 144 22.10 -26.06 -26.32
C GLU B 144 21.49 -25.62 -27.62
N GLN B 145 22.08 -25.98 -28.72
CA GLN B 145 21.61 -25.51 -30.01
C GLN B 145 20.25 -26.19 -30.30
N ILE B 146 20.16 -27.49 -30.01
CA ILE B 146 18.95 -28.21 -30.25
C ILE B 146 17.86 -27.78 -29.26
N LEU B 147 18.20 -27.70 -27.97
CA LEU B 147 17.32 -27.23 -26.93
C LEU B 147 16.69 -25.85 -27.31
N GLN B 148 17.55 -24.89 -27.70
CA GLN B 148 17.10 -23.59 -28.11
C GLN B 148 16.10 -23.64 -29.24
N GLU B 149 16.31 -24.47 -30.28
CA GLU B 149 15.35 -24.51 -31.37
C GLU B 149 14.04 -25.24 -31.03
N ALA B 150 14.11 -26.27 -30.23
CA ALA B 150 12.93 -26.96 -29.76
C ALA B 150 12.05 -26.01 -28.88
N LEU B 151 12.71 -25.26 -28.02
CA LEU B 151 12.04 -24.29 -27.19
C LEU B 151 11.32 -23.24 -27.99
N TRP B 152 11.95 -22.69 -29.02
CA TRP B 152 11.24 -21.77 -29.89
C TRP B 152 10.03 -22.40 -30.56
N ALA B 153 10.12 -23.66 -31.00
CA ALA B 153 8.97 -24.30 -31.62
C ALA B 153 7.80 -24.45 -30.63
N LEU B 154 8.10 -24.93 -29.42
CA LEU B 154 7.08 -25.04 -28.38
C LEU B 154 6.42 -23.71 -28.04
N SER B 155 7.24 -22.67 -27.90
CA SER B 155 6.77 -21.33 -27.60
C SER B 155 5.79 -20.83 -28.64
N ASN B 156 6.12 -21.06 -29.92
CA ASN B 156 5.27 -20.63 -31.00
C ASN B 156 3.96 -21.42 -30.97
N ILE B 157 4.03 -22.73 -30.69
CA ILE B 157 2.79 -23.52 -30.67
C ILE B 157 1.87 -22.97 -29.57
N ALA B 158 2.47 -22.66 -28.39
CA ALA B 158 1.74 -22.07 -27.30
C ALA B 158 1.28 -20.63 -27.53
N SER B 159 1.65 -20.02 -28.64
CA SER B 159 1.09 -18.70 -29.01
C SER B 159 -0.24 -18.82 -29.74
N GLY B 160 -0.74 -20.03 -29.92
CA GLY B 160 -2.07 -20.20 -30.47
C GLY B 160 -3.25 -19.99 -29.52
N GLY B 161 -4.40 -20.53 -29.88
CA GLY B 161 -5.58 -20.47 -29.08
C GLY B 161 -5.52 -21.42 -27.91
N ASN B 162 -6.58 -21.44 -27.10
CA ASN B 162 -6.56 -22.20 -25.87
C ASN B 162 -6.44 -23.72 -26.10
N GLU B 163 -7.03 -24.21 -27.21
CA GLU B 163 -6.90 -25.60 -27.50
C GLU B 163 -5.45 -26.01 -27.91
N GLN B 164 -4.77 -25.12 -28.62
CA GLN B 164 -3.38 -25.31 -28.96
C GLN B 164 -2.49 -25.31 -27.70
N ILE B 165 -2.75 -24.34 -26.82
CA ILE B 165 -2.01 -24.26 -25.56
C ILE B 165 -2.23 -25.53 -24.78
N GLN B 166 -3.47 -26.01 -24.78
CA GLN B 166 -3.82 -27.21 -23.99
C GLN B 166 -3.09 -28.45 -24.53
N ALA B 167 -2.90 -28.52 -25.83
CA ALA B 167 -2.10 -29.58 -26.44
C ALA B 167 -0.66 -29.61 -25.87
N VAL B 168 -0.06 -28.42 -25.73
CA VAL B 168 1.27 -28.28 -25.15
C VAL B 168 1.32 -28.77 -23.73
N ILE B 169 0.34 -28.36 -22.94
CA ILE B 169 0.21 -28.77 -21.54
C ILE B 169 0.02 -30.28 -21.46
N ASP B 170 -0.85 -30.83 -22.30
CA ASP B 170 -1.15 -32.26 -22.23
C ASP B 170 0.05 -33.13 -22.71
N ALA B 171 0.96 -32.54 -23.49
CA ALA B 171 2.16 -33.26 -23.92
C ALA B 171 3.21 -33.25 -22.81
N GLY B 172 2.97 -32.58 -21.67
CA GLY B 172 3.89 -32.64 -20.57
C GLY B 172 5.06 -31.68 -20.60
N ALA B 173 4.91 -30.56 -21.26
CA ALA B 173 5.99 -29.61 -21.37
C ALA B 173 6.33 -28.86 -20.10
N LEU B 174 5.33 -28.66 -19.23
CA LEU B 174 5.49 -27.69 -18.13
C LEU B 174 6.59 -27.99 -17.13
N PRO B 175 6.72 -29.25 -16.66
CA PRO B 175 7.74 -29.49 -15.66
C PRO B 175 9.15 -29.13 -16.16
N ALA B 176 9.47 -29.45 -17.44
CA ALA B 176 10.75 -29.13 -17.98
C ALA B 176 10.91 -27.61 -18.09
N LEU B 177 9.86 -26.92 -18.53
CA LEU B 177 9.94 -25.47 -18.70
C LEU B 177 10.14 -24.77 -17.38
N VAL B 178 9.52 -25.26 -16.33
CA VAL B 178 9.69 -24.64 -15.03
C VAL B 178 11.07 -24.89 -14.52
N GLN B 179 11.58 -26.11 -14.72
CA GLN B 179 12.97 -26.41 -14.36
C GLN B 179 13.96 -25.45 -15.08
N LEU B 180 13.70 -25.17 -16.35
CA LEU B 180 14.55 -24.24 -17.10
C LEU B 180 14.60 -22.80 -16.61
N LEU B 181 13.66 -22.39 -15.73
CA LEU B 181 13.73 -21.07 -15.11
C LEU B 181 14.90 -20.91 -14.19
N SER B 182 15.44 -22.03 -13.72
CA SER B 182 16.70 -22.06 -12.99
C SER B 182 17.98 -22.11 -13.85
N SER B 183 17.88 -22.10 -15.18
CA SER B 183 19.05 -22.17 -16.01
C SER B 183 19.98 -20.98 -15.82
N PRO B 184 21.29 -21.23 -15.65
CA PRO B 184 22.24 -20.11 -15.71
C PRO B 184 22.46 -19.59 -17.13
N ASN B 185 21.87 -20.22 -18.14
CA ASN B 185 22.04 -19.80 -19.50
C ASN B 185 20.94 -18.82 -19.88
N GLU B 186 21.34 -17.57 -20.08
CA GLU B 186 20.40 -16.47 -20.44
C GLU B 186 19.64 -16.67 -21.73
N GLN B 187 20.20 -17.34 -22.73
CA GLN B 187 19.41 -17.66 -23.94
C GLN B 187 18.32 -18.66 -23.61
N ILE B 188 18.66 -19.75 -22.93
CA ILE B 188 17.65 -20.76 -22.60
C ILE B 188 16.58 -20.17 -21.66
N LEU B 189 17.01 -19.44 -20.63
CA LEU B 189 16.11 -18.80 -19.68
C LEU B 189 15.11 -17.89 -20.39
N GLN B 190 15.60 -17.01 -21.27
CA GLN B 190 14.69 -16.17 -22.03
C GLN B 190 13.64 -16.98 -22.79
N GLU B 191 14.06 -18.04 -23.45
CA GLU B 191 13.12 -18.85 -24.22
C GLU B 191 12.10 -19.58 -23.34
N ALA B 192 12.54 -20.04 -22.19
CA ALA B 192 11.68 -20.77 -21.31
C ALA B 192 10.57 -19.79 -20.79
N LEU B 193 10.97 -18.55 -20.58
CA LEU B 193 10.06 -17.48 -20.19
C LEU B 193 9.08 -17.13 -21.29
N TRP B 194 9.52 -17.05 -22.54
CA TRP B 194 8.56 -16.91 -23.65
C TRP B 194 7.55 -18.02 -23.70
N ALA B 195 8.04 -19.25 -23.58
CA ALA B 195 7.15 -20.44 -23.62
C ALA B 195 6.09 -20.39 -22.47
N LEU B 196 6.55 -20.20 -21.25
CA LEU B 196 5.65 -20.12 -20.11
C LEU B 196 4.70 -18.90 -20.21
N SER B 197 5.19 -17.75 -20.67
CA SER B 197 4.33 -16.60 -20.87
C SER B 197 3.23 -16.91 -21.85
N ASN B 198 3.56 -17.57 -22.97
CA ASN B 198 2.58 -17.90 -23.93
C ASN B 198 1.56 -18.91 -23.40
N ILE B 199 1.99 -19.91 -22.66
CA ILE B 199 1.03 -20.85 -22.06
C ILE B 199 0.09 -20.06 -21.09
N ALA B 200 0.66 -19.12 -20.33
CA ALA B 200 -0.10 -18.30 -19.42
C ALA B 200 -0.96 -17.20 -20.12
N SER B 201 -0.95 -17.15 -21.47
CA SER B 201 -1.80 -16.27 -22.21
C SER B 201 -3.10 -16.93 -22.58
N GLY B 202 -3.35 -18.17 -22.15
CA GLY B 202 -4.64 -18.82 -22.47
C GLY B 202 -5.66 -18.55 -21.33
N GLY B 203 -6.59 -19.46 -21.18
CA GLY B 203 -7.64 -19.36 -20.18
C GLY B 203 -7.15 -19.56 -18.78
N ASN B 204 -8.04 -19.31 -17.84
CA ASN B 204 -7.71 -19.43 -16.43
C ASN B 204 -7.23 -20.81 -16.06
N GLU B 205 -7.81 -21.86 -16.65
CA GLU B 205 -7.32 -23.23 -16.29
C GLU B 205 -5.90 -23.50 -16.87
N GLN B 206 -5.54 -22.85 -17.99
CA GLN B 206 -4.18 -22.92 -18.50
C GLN B 206 -3.19 -22.17 -17.66
N ILE B 207 -3.57 -20.96 -17.22
CA ILE B 207 -2.78 -20.23 -16.27
C ILE B 207 -2.58 -21.06 -15.01
N GLN B 208 -3.63 -21.74 -14.59
CA GLN B 208 -3.56 -22.51 -13.32
C GLN B 208 -2.64 -23.72 -13.45
N ALA B 209 -2.61 -24.37 -14.61
CA ALA B 209 -1.62 -25.42 -14.87
C ALA B 209 -0.20 -24.90 -14.71
N VAL B 210 0.10 -23.70 -15.19
CA VAL B 210 1.41 -23.08 -14.99
C VAL B 210 1.72 -22.93 -13.50
N ILE B 211 0.75 -22.45 -12.74
CA ILE B 211 0.89 -22.26 -11.27
C ILE B 211 1.09 -23.57 -10.58
N ASP B 212 0.29 -24.57 -10.95
CA ASP B 212 0.34 -25.87 -10.34
C ASP B 212 1.64 -26.62 -10.65
N ALA B 213 2.34 -26.26 -11.76
CA ALA B 213 3.61 -26.89 -12.10
C ALA B 213 4.73 -26.27 -11.33
N GLY B 214 4.45 -25.19 -10.56
CA GLY B 214 5.44 -24.62 -9.68
C GLY B 214 6.17 -23.45 -10.24
N ALA B 215 5.65 -22.77 -11.23
CA ALA B 215 6.40 -21.64 -11.85
C ALA B 215 6.64 -20.43 -10.98
N LEU B 216 5.71 -20.14 -10.02
CA LEU B 216 5.75 -18.86 -9.35
C LEU B 216 6.98 -18.58 -8.51
N PRO B 217 7.42 -19.51 -7.69
CA PRO B 217 8.59 -19.16 -6.85
C PRO B 217 9.82 -18.80 -7.72
N ALA B 218 10.08 -19.55 -8.79
CA ALA B 218 11.17 -19.19 -9.71
C ALA B 218 10.92 -17.83 -10.39
N LEU B 219 9.67 -17.56 -10.80
CA LEU B 219 9.37 -16.26 -11.43
C LEU B 219 9.61 -15.11 -10.45
N VAL B 220 9.26 -15.31 -9.19
CA VAL B 220 9.46 -14.29 -8.17
C VAL B 220 10.94 -14.11 -7.87
N GLN B 221 11.71 -15.20 -7.78
CA GLN B 221 13.18 -15.07 -7.70
C GLN B 221 13.76 -14.22 -8.84
N LEU B 222 13.27 -14.39 -10.05
CA LEU B 222 13.79 -13.63 -11.20
C LEU B 222 13.54 -12.15 -11.14
N LEU B 223 12.55 -11.75 -10.33
CA LEU B 223 12.28 -10.33 -10.09
C LEU B 223 13.44 -9.67 -9.36
N SER B 224 14.33 -10.45 -8.75
CA SER B 224 15.60 -9.91 -8.23
C SER B 224 16.79 -9.76 -9.23
N SER B 225 16.61 -10.12 -10.50
CA SER B 225 17.72 -10.02 -11.43
C SER B 225 18.19 -8.61 -11.74
N PRO B 226 19.51 -8.41 -11.77
CA PRO B 226 20.02 -7.15 -12.29
C PRO B 226 19.98 -7.10 -13.81
N ASN B 227 19.61 -8.20 -14.46
CA ASN B 227 19.66 -8.26 -15.93
C ASN B 227 18.34 -7.69 -16.44
N GLU B 228 18.35 -6.50 -17.05
CA GLU B 228 17.11 -5.86 -17.46
C GLU B 228 16.28 -6.64 -18.47
N GLN B 229 16.92 -7.42 -19.32
CA GLN B 229 16.17 -8.26 -20.26
C GLN B 229 15.44 -9.37 -19.54
N ILE B 230 16.12 -10.10 -18.66
CA ILE B 230 15.49 -11.18 -17.91
C ILE B 230 14.35 -10.65 -16.98
N LEU B 231 14.57 -9.48 -16.42
CA LEU B 231 13.63 -8.84 -15.53
C LEU B 231 12.33 -8.54 -16.28
N GLN B 232 12.46 -7.90 -17.43
CA GLN B 232 11.31 -7.65 -18.30
C GLN B 232 10.60 -8.91 -18.72
N GLU B 233 11.35 -9.99 -18.96
CA GLU B 233 10.73 -11.24 -19.38
C GLU B 233 9.96 -11.88 -18.25
N ALA B 234 10.49 -11.81 -17.03
CA ALA B 234 9.81 -12.38 -15.88
C ALA B 234 8.53 -11.57 -15.54
N LEU B 235 8.60 -10.26 -15.71
CA LEU B 235 7.43 -9.38 -15.53
C LEU B 235 6.33 -9.68 -16.49
N TRP B 236 6.69 -9.91 -17.76
CA TRP B 236 5.70 -10.31 -18.77
C TRP B 236 5.02 -11.62 -18.37
N ALA B 237 5.78 -12.60 -17.89
CA ALA B 237 5.17 -13.86 -17.48
C ALA B 237 4.20 -13.67 -16.30
N LEU B 238 4.63 -12.93 -15.28
CA LEU B 238 3.82 -12.67 -14.08
C LEU B 238 2.57 -11.86 -14.45
N SER B 239 2.74 -10.93 -15.38
CA SER B 239 1.66 -10.12 -15.87
C SER B 239 0.60 -10.95 -16.60
N ASN B 240 1.04 -11.91 -17.41
CA ASN B 240 0.10 -12.86 -18.05
C ASN B 240 -0.63 -13.71 -16.98
N ILE B 241 0.10 -14.20 -15.98
CA ILE B 241 -0.55 -15.04 -14.97
C ILE B 241 -1.61 -14.19 -14.16
N ALA B 242 -1.24 -12.95 -13.88
CA ALA B 242 -2.07 -12.00 -13.16
C ALA B 242 -3.31 -11.55 -13.94
N SER B 243 -3.37 -11.84 -15.23
CA SER B 243 -4.55 -11.64 -16.03
C SER B 243 -5.62 -12.71 -15.81
N GLY B 244 -5.36 -13.73 -15.02
CA GLY B 244 -6.37 -14.73 -14.77
C GLY B 244 -7.42 -14.23 -13.74
N GLY B 245 -8.13 -15.19 -13.17
CA GLY B 245 -9.17 -14.90 -12.18
C GLY B 245 -8.61 -14.76 -10.77
N ASN B 246 -9.55 -14.74 -9.80
CA ASN B 246 -9.19 -14.57 -8.41
C ASN B 246 -8.26 -15.64 -7.88
N GLU B 247 -8.49 -16.91 -8.20
CA GLU B 247 -7.61 -17.98 -7.68
C GLU B 247 -6.14 -17.79 -8.17
N GLN B 248 -6.01 -17.24 -9.38
CA GLN B 248 -4.69 -17.08 -10.02
C GLN B 248 -3.99 -15.87 -9.40
N LYS B 249 -4.74 -14.76 -9.27
CA LYS B 249 -4.20 -13.58 -8.62
C LYS B 249 -3.80 -13.89 -7.19
N GLN B 250 -4.59 -14.70 -6.51
CA GLN B 250 -4.31 -15.04 -5.07
C GLN B 250 -3.04 -15.90 -4.98
N ALA B 251 -2.85 -16.83 -5.92
CA ALA B 251 -1.59 -17.64 -5.94
C ALA B 251 -0.38 -16.76 -6.11
N VAL B 252 -0.49 -15.76 -6.97
CA VAL B 252 0.60 -14.78 -7.17
C VAL B 252 0.91 -14.01 -5.90
N LYS B 253 -0.13 -13.57 -5.18
CA LYS B 253 0.05 -12.91 -3.86
C LYS B 253 0.69 -13.82 -2.86
N GLU B 254 0.26 -15.09 -2.77
CA GLU B 254 0.84 -16.04 -1.83
C GLU B 254 2.33 -16.31 -2.08
N ALA B 255 2.81 -16.14 -3.31
CA ALA B 255 4.17 -16.38 -3.62
C ALA B 255 5.06 -15.18 -3.36
N GLY B 256 4.49 -14.05 -2.91
CA GLY B 256 5.28 -12.92 -2.50
C GLY B 256 5.56 -11.87 -3.55
N ALA B 257 4.84 -11.92 -4.66
CA ALA B 257 5.14 -11.07 -5.80
C ALA B 257 4.81 -9.60 -5.59
N LEU B 258 3.76 -9.33 -4.78
CA LEU B 258 3.29 -7.98 -4.57
C LEU B 258 4.36 -6.97 -4.14
N GLU B 259 5.03 -7.29 -3.05
N GLU B 259 5.03 -7.30 -3.04
CA GLU B 259 6.06 -6.39 -2.54
CA GLU B 259 6.08 -6.45 -2.53
C GLU B 259 7.10 -6.07 -3.61
C GLU B 259 7.10 -6.08 -3.60
N LYS B 260 7.54 -7.09 -4.35
CA LYS B 260 8.59 -6.92 -5.36
C LYS B 260 8.09 -6.13 -6.56
N LEU B 261 6.88 -6.44 -7.03
CA LEU B 261 6.31 -5.67 -8.14
C LEU B 261 6.20 -4.20 -7.79
N GLU B 262 5.86 -3.90 -6.53
CA GLU B 262 5.73 -2.53 -6.08
C GLU B 262 7.08 -1.81 -6.05
N GLN B 263 8.11 -2.47 -5.52
CA GLN B 263 9.48 -1.94 -5.53
C GLN B 263 9.97 -1.64 -6.96
N LEU B 264 9.66 -2.56 -7.90
CA LEU B 264 10.11 -2.41 -9.30
C LEU B 264 9.50 -1.23 -10.05
N GLN B 265 8.38 -0.67 -9.55
CA GLN B 265 7.87 0.57 -10.11
C GLN B 265 8.84 1.75 -9.85
N SER B 266 9.82 1.58 -8.98
CA SER B 266 10.86 2.60 -8.80
C SER B 266 12.18 2.33 -9.60
N HIS B 267 12.17 1.34 -10.50
CA HIS B 267 13.33 1.06 -11.35
C HIS B 267 13.53 2.19 -12.39
N GLU B 268 14.77 2.61 -12.60
CA GLU B 268 14.96 3.74 -13.53
C GLU B 268 14.74 3.38 -14.98
N ASN B 269 14.69 2.11 -15.35
CA ASN B 269 14.32 1.70 -16.71
C ASN B 269 12.81 1.82 -16.83
N GLU B 270 12.37 2.74 -17.71
CA GLU B 270 10.94 3.07 -17.89
C GLU B 270 10.08 1.89 -18.36
N LYS B 271 10.64 1.01 -19.16
CA LYS B 271 9.91 -0.17 -19.60
C LYS B 271 9.66 -1.15 -18.45
N ILE B 272 10.63 -1.27 -17.54
CA ILE B 272 10.49 -2.13 -16.35
C ILE B 272 9.43 -1.52 -15.41
N GLN B 273 9.63 -0.25 -15.09
CA GLN B 273 8.64 0.56 -14.34
C GLN B 273 7.24 0.31 -14.82
N LYS B 274 7.01 0.45 -16.11
CA LYS B 274 5.69 0.36 -16.72
C LYS B 274 5.16 -1.06 -16.64
N GLU B 275 5.99 -2.07 -16.91
CA GLU B 275 5.54 -3.43 -16.86
C GLU B 275 5.19 -3.85 -15.42
N ALA B 276 5.97 -3.35 -14.47
CA ALA B 276 5.73 -3.61 -13.04
C ALA B 276 4.38 -3.03 -12.58
N GLN B 277 4.12 -1.78 -12.99
CA GLN B 277 2.90 -1.07 -12.64
C GLN B 277 1.70 -1.79 -13.20
N GLU B 278 1.74 -2.13 -14.50
CA GLU B 278 0.67 -2.90 -15.13
C GLU B 278 0.38 -4.20 -14.40
N ALA B 279 1.43 -5.01 -14.11
CA ALA B 279 1.22 -6.29 -13.44
C ALA B 279 0.58 -6.13 -12.05
N LEU B 280 1.04 -5.11 -11.32
CA LEU B 280 0.52 -4.81 -10.01
C LEU B 280 -0.99 -4.40 -10.06
N GLU B 281 -1.35 -3.52 -11.00
N GLU B 281 -1.35 -3.52 -11.00
CA GLU B 281 -2.74 -3.10 -11.20
CA GLU B 281 -2.74 -3.10 -11.20
C GLU B 281 -3.64 -4.26 -11.50
C GLU B 281 -3.64 -4.26 -11.50
N LYS B 282 -3.18 -5.22 -12.31
CA LYS B 282 -3.98 -6.43 -12.58
C LYS B 282 -4.18 -7.27 -11.33
N LEU B 283 -3.13 -7.44 -10.51
CA LEU B 283 -3.27 -8.22 -9.27
C LEU B 283 -4.24 -7.65 -8.26
N GLN B 284 -4.39 -6.32 -8.27
CA GLN B 284 -5.29 -5.63 -7.34
C GLN B 284 -6.62 -5.21 -8.00
N SER B 285 -6.86 -5.65 -9.23
CA SER B 285 -8.04 -5.32 -10.04
C SER B 285 -8.99 -6.51 -9.79
N HIS B 286 -10.28 -6.30 -10.07
CA HIS B 286 -11.30 -7.34 -10.01
C HIS B 286 -11.60 -7.97 -11.35
N GLY B 287 -11.12 -7.37 -12.44
CA GLY B 287 -11.35 -7.96 -13.79
C GLY B 287 -10.25 -8.96 -14.21
N SER B 288 -10.39 -9.49 -15.41
CA SER B 288 -9.41 -10.37 -16.01
C SER B 288 -9.14 -10.05 -17.49
N GLY B 289 -8.20 -10.80 -18.09
CA GLY B 289 -7.82 -10.65 -19.47
C GLY B 289 -6.67 -9.71 -19.64
N GLY B 290 -6.33 -9.43 -20.91
CA GLY B 290 -5.17 -8.59 -21.24
C GLY B 290 -3.78 -9.26 -21.27
N SER B 291 -3.74 -10.57 -21.41
CA SER B 291 -2.46 -11.31 -21.53
C SER B 291 -1.91 -11.16 -22.99
N GLY B 292 -0.57 -11.20 -23.16
CA GLY B 292 0.11 -10.96 -24.44
C GLY B 292 0.80 -12.23 -24.96
N LYS B 293 0.65 -12.48 -26.28
CA LYS B 293 1.21 -13.63 -26.98
C LYS B 293 2.35 -13.13 -27.87
N ARG B 294 3.44 -13.90 -28.00
CA ARG B 294 4.53 -13.52 -28.93
C ARG B 294 4.97 -14.66 -29.80
N LYS B 295 5.30 -14.37 -31.04
CA LYS B 295 5.72 -15.34 -32.02
C LYS B 295 7.14 -15.00 -32.49
N ARG B 296 7.93 -16.03 -32.85
N ARG B 296 7.93 -16.02 -32.84
CA ARG B 296 9.26 -15.83 -33.44
CA ARG B 296 9.25 -15.82 -33.44
C ARG B 296 9.32 -16.48 -34.84
C ARG B 296 9.32 -16.48 -34.85
N LYS B 297 9.90 -15.75 -35.78
CA LYS B 297 10.24 -16.23 -37.11
C LYS B 297 11.78 -16.10 -37.26
N ALA B 298 12.43 -17.07 -37.90
CA ALA B 298 13.89 -17.01 -38.18
C ALA B 298 14.16 -17.45 -39.62
N LYS B 299 15.26 -17.01 -40.17
CA LYS B 299 15.67 -17.34 -41.54
C LYS B 299 16.97 -18.15 -41.55
N LEU B 300 17.15 -19.00 -42.54
CA LEU B 300 18.38 -19.79 -42.70
C LEU B 300 19.07 -19.40 -44.00
N SER B 301 20.13 -18.60 -43.91
CA SER B 301 20.92 -18.17 -45.05
C SER B 301 22.23 -18.91 -45.03
N PHE B 302 22.49 -19.73 -46.04
CA PHE B 302 23.91 -20.14 -46.27
C PHE B 302 24.16 -20.28 -47.76
N SER C 4 -28.01 -7.85 15.64
CA SER C 4 -29.06 -8.64 16.32
C SER C 4 -30.42 -8.61 15.58
N GLU C 5 -30.67 -7.57 14.77
CA GLU C 5 -31.99 -7.34 14.13
C GLU C 5 -32.24 -8.13 12.82
N LEU C 6 -31.16 -8.58 12.17
CA LEU C 6 -31.26 -9.20 10.83
C LEU C 6 -31.97 -10.55 10.83
N PRO C 7 -31.68 -11.43 11.81
CA PRO C 7 -32.42 -12.70 11.91
C PRO C 7 -33.95 -12.51 12.03
N GLN C 8 -34.38 -11.53 12.82
CA GLN C 8 -35.81 -11.21 12.89
C GLN C 8 -36.34 -10.76 11.51
N MET C 9 -35.60 -9.91 10.82
CA MET C 9 -36.00 -9.45 9.47
C MET C 9 -36.21 -10.62 8.53
N VAL C 10 -35.32 -11.58 8.62
CA VAL C 10 -35.40 -12.77 7.78
C VAL C 10 -36.60 -13.61 8.17
N GLN C 11 -36.81 -13.81 9.47
N GLN C 11 -36.81 -13.81 9.47
CA GLN C 11 -38.02 -14.49 9.94
CA GLN C 11 -38.02 -14.49 9.94
C GLN C 11 -39.29 -13.83 9.40
C GLN C 11 -39.29 -13.83 9.40
N GLN C 12 -39.31 -12.49 9.41
CA GLN C 12 -40.46 -11.72 8.91
C GLN C 12 -40.75 -11.85 7.42
N LEU C 13 -39.82 -12.41 6.67
CA LEU C 13 -40.07 -12.67 5.23
C LEU C 13 -41.16 -13.74 5.06
N ASN C 14 -41.46 -14.51 6.11
CA ASN C 14 -42.59 -15.46 6.12
C ASN C 14 -43.81 -14.96 6.96
N SER C 15 -43.87 -13.68 7.32
CA SER C 15 -44.97 -13.16 8.13
C SER C 15 -46.32 -13.17 7.40
N PRO C 16 -47.39 -13.59 8.09
CA PRO C 16 -48.71 -13.39 7.49
C PRO C 16 -49.18 -11.92 7.44
N ASP C 17 -48.51 -11.02 8.17
CA ASP C 17 -48.81 -9.60 8.11
C ASP C 17 -47.99 -9.01 6.96
N GLN C 18 -48.65 -8.71 5.82
CA GLN C 18 -47.96 -8.16 4.68
C GLN C 18 -47.22 -6.86 4.93
N GLN C 19 -47.69 -6.06 5.89
CA GLN C 19 -46.95 -4.85 6.26
C GLN C 19 -45.62 -5.21 6.90
N GLU C 20 -45.61 -6.19 7.79
CA GLU C 20 -44.36 -6.63 8.44
C GLU C 20 -43.37 -7.25 7.44
N LEU C 21 -43.91 -8.00 6.49
CA LEU C 21 -43.16 -8.69 5.44
C LEU C 21 -42.46 -7.67 4.55
N GLN C 22 -43.26 -6.76 3.96
CA GLN C 22 -42.78 -5.76 3.01
C GLN C 22 -41.76 -4.85 3.70
N SER C 23 -42.00 -4.55 4.96
CA SER C 23 -41.08 -3.74 5.71
C SER C 23 -39.72 -4.42 5.92
N ALA C 24 -39.74 -5.70 6.29
CA ALA C 24 -38.50 -6.44 6.51
C ALA C 24 -37.68 -6.61 5.19
N LEU C 25 -38.41 -6.87 4.10
CA LEU C 25 -37.86 -7.02 2.76
C LEU C 25 -37.17 -5.73 2.29
N ARG C 26 -37.86 -4.61 2.46
CA ARG C 26 -37.27 -3.32 2.14
C ARG C 26 -36.05 -3.01 2.96
N LYS C 27 -36.07 -3.32 4.27
CA LYS C 27 -34.87 -3.07 5.08
C LYS C 27 -33.67 -3.92 4.58
N LEU C 28 -33.91 -5.19 4.23
CA LEU C 28 -32.86 -6.08 3.75
C LEU C 28 -32.31 -5.54 2.42
N GLN C 29 -33.22 -5.15 1.51
CA GLN C 29 -32.83 -4.54 0.24
C GLN C 29 -31.89 -3.36 0.43
N GLN C 30 -32.24 -2.52 1.40
CA GLN C 30 -31.46 -1.33 1.70
C GLN C 30 -30.10 -1.62 2.38
N ILE C 31 -30.06 -2.57 3.29
CA ILE C 31 -28.81 -2.98 3.93
C ILE C 31 -27.84 -3.48 2.88
N ALA C 32 -28.35 -4.22 1.88
CA ALA C 32 -27.53 -4.73 0.77
C ALA C 32 -27.01 -3.68 -0.19
N MET C 33 -27.47 -2.43 -0.08
CA MET C 33 -26.81 -1.27 -0.74
C MET C 33 -25.53 -0.82 -0.07
N GLY C 34 -25.22 -1.31 1.12
CA GLY C 34 -24.14 -0.75 1.93
C GLY C 34 -22.76 -1.34 1.81
N GLY C 35 -22.47 -2.10 0.75
CA GLY C 35 -21.12 -2.63 0.53
C GLY C 35 -21.04 -4.09 0.95
N ASN C 36 -19.87 -4.69 0.69
CA ASN C 36 -19.75 -6.14 0.76
C ASN C 36 -19.83 -6.74 2.17
N GLU C 37 -19.40 -6.00 3.18
CA GLU C 37 -19.52 -6.47 4.56
C GLU C 37 -20.99 -6.54 4.99
N GLN C 38 -21.71 -5.46 4.68
CA GLN C 38 -23.16 -5.44 4.91
C GLN C 38 -23.88 -6.52 4.11
N ILE C 39 -23.49 -6.74 2.83
CA ILE C 39 -24.09 -7.83 2.07
C ILE C 39 -23.85 -9.13 2.79
N GLN C 40 -22.64 -9.32 3.33
CA GLN C 40 -22.30 -10.60 3.94
C GLN C 40 -23.14 -10.82 5.19
N ALA C 41 -23.43 -9.75 5.94
CA ALA C 41 -24.34 -9.84 7.11
C ALA C 41 -25.72 -10.37 6.71
N VAL C 42 -26.24 -9.89 5.58
CA VAL C 42 -27.53 -10.37 5.05
C VAL C 42 -27.50 -11.85 4.68
N ILE C 43 -26.44 -12.26 3.98
CA ILE C 43 -26.24 -13.66 3.59
C ILE C 43 -26.11 -14.54 4.84
N ASP C 44 -25.28 -14.11 5.78
CA ASP C 44 -25.07 -14.84 7.05
C ASP C 44 -26.33 -14.95 7.91
N ALA C 45 -27.24 -13.97 7.87
CA ALA C 45 -28.53 -14.09 8.57
C ALA C 45 -29.50 -15.10 7.93
N GLY C 46 -29.16 -15.62 6.73
CA GLY C 46 -29.93 -16.65 6.08
C GLY C 46 -30.96 -16.10 5.12
N ALA C 47 -30.78 -14.86 4.64
CA ALA C 47 -31.80 -14.23 3.82
C ALA C 47 -32.05 -14.91 2.47
N LEU C 48 -31.04 -15.53 1.88
CA LEU C 48 -31.12 -15.92 0.45
C LEU C 48 -32.19 -16.90 0.07
N PRO C 49 -32.37 -17.99 0.84
CA PRO C 49 -33.45 -18.95 0.46
C PRO C 49 -34.83 -18.32 0.40
N ALA C 50 -35.11 -17.44 1.35
CA ALA C 50 -36.41 -16.74 1.41
C ALA C 50 -36.56 -15.76 0.23
N LEU C 51 -35.50 -15.00 -0.07
CA LEU C 51 -35.54 -14.04 -1.18
C LEU C 51 -35.77 -14.80 -2.48
N VAL C 52 -35.10 -15.93 -2.65
CA VAL C 52 -35.28 -16.72 -3.86
C VAL C 52 -36.71 -17.25 -3.94
N GLN C 53 -37.23 -17.78 -2.82
CA GLN C 53 -38.62 -18.21 -2.76
C GLN C 53 -39.60 -17.12 -3.16
N LEU C 54 -39.35 -15.91 -2.72
CA LEU C 54 -40.21 -14.76 -3.06
C LEU C 54 -40.21 -14.36 -4.53
N LEU C 55 -39.29 -14.88 -5.33
CA LEU C 55 -39.33 -14.65 -6.77
C LEU C 55 -40.51 -15.37 -7.39
N SER C 56 -41.08 -16.35 -6.70
CA SER C 56 -42.32 -16.95 -7.13
C SER C 56 -43.61 -16.21 -6.66
N SER C 57 -43.48 -15.11 -5.91
CA SER C 57 -44.66 -14.45 -5.36
C SER C 57 -45.54 -13.85 -6.45
N PRO C 58 -46.87 -14.03 -6.33
CA PRO C 58 -47.76 -13.31 -7.22
C PRO C 58 -47.98 -11.83 -6.84
N ASN C 59 -47.43 -11.38 -5.69
CA ASN C 59 -47.51 -9.98 -5.28
C ASN C 59 -46.37 -9.20 -5.95
N GLU C 60 -46.69 -8.34 -6.90
CA GLU C 60 -45.70 -7.54 -7.61
C GLU C 60 -44.84 -6.62 -6.73
N GLN C 61 -45.34 -6.18 -5.60
CA GLN C 61 -44.53 -5.34 -4.73
C GLN C 61 -43.49 -6.15 -4.03
N ILE C 62 -43.87 -7.34 -3.61
CA ILE C 62 -42.95 -8.25 -2.98
C ILE C 62 -41.85 -8.69 -3.98
N LEU C 63 -42.28 -9.17 -5.15
CA LEU C 63 -41.40 -9.59 -6.21
C LEU C 63 -40.39 -8.49 -6.60
N ALA C 64 -40.85 -7.25 -6.80
CA ALA C 64 -39.94 -6.20 -7.17
C ALA C 64 -38.92 -5.93 -6.10
N SER C 65 -39.32 -6.00 -4.83
CA SER C 65 -38.37 -5.80 -3.75
C SER C 65 -37.40 -6.96 -3.58
N ALA C 66 -37.86 -8.17 -3.80
CA ALA C 66 -37.00 -9.36 -3.67
C ALA C 66 -35.91 -9.33 -4.78
N LEU C 67 -36.30 -8.90 -5.98
CA LEU C 67 -35.42 -8.72 -7.11
C LEU C 67 -34.38 -7.69 -6.80
N GLY C 68 -34.85 -6.59 -6.27
CA GLY C 68 -33.97 -5.52 -5.81
C GLY C 68 -32.95 -6.01 -4.80
N ALA C 69 -33.39 -6.75 -3.79
CA ALA C 69 -32.50 -7.25 -2.77
C ALA C 69 -31.43 -8.21 -3.39
N LEU C 70 -31.87 -9.15 -4.21
CA LEU C 70 -30.99 -10.12 -4.81
C LEU C 70 -30.00 -9.44 -5.78
N ALA C 71 -30.47 -8.44 -6.56
CA ALA C 71 -29.57 -7.67 -7.39
C ALA C 71 -28.49 -7.01 -6.57
N ASN C 72 -28.85 -6.44 -5.42
CA ASN C 72 -27.88 -5.72 -4.58
C ASN C 72 -26.87 -6.70 -3.94
N ILE C 73 -27.34 -7.87 -3.51
CA ILE C 73 -26.46 -8.89 -2.96
C ILE C 73 -25.44 -9.31 -4.07
N ALA C 74 -25.95 -9.49 -5.29
CA ALA C 74 -25.12 -9.84 -6.45
C ALA C 74 -24.23 -8.72 -7.00
N SER C 75 -24.29 -7.53 -6.38
CA SER C 75 -23.32 -6.49 -6.62
C SER C 75 -22.08 -6.66 -5.74
N GLY C 76 -22.02 -7.70 -4.93
CA GLY C 76 -20.89 -7.97 -4.06
C GLY C 76 -19.75 -8.75 -4.76
N GLY C 77 -18.92 -9.43 -3.95
CA GLY C 77 -17.81 -10.22 -4.45
C GLY C 77 -18.28 -11.46 -5.18
N ASN C 78 -17.36 -12.11 -5.87
CA ASN C 78 -17.68 -13.31 -6.65
C ASN C 78 -18.24 -14.42 -5.78
N GLU C 79 -17.75 -14.53 -4.53
CA GLU C 79 -18.30 -15.52 -3.57
C GLU C 79 -19.74 -15.20 -3.08
N GLN C 80 -20.04 -13.92 -2.99
CA GLN C 80 -21.40 -13.44 -2.66
C GLN C 80 -22.32 -13.73 -3.85
N ILE C 81 -21.83 -13.50 -5.07
CA ILE C 81 -22.56 -13.86 -6.26
C ILE C 81 -22.81 -15.35 -6.29
N GLN C 82 -21.80 -16.13 -5.93
CA GLN C 82 -21.93 -17.60 -5.96
C GLN C 82 -22.97 -18.06 -4.96
N ALA C 83 -23.01 -17.43 -3.79
CA ALA C 83 -24.10 -17.73 -2.80
C ALA C 83 -25.53 -17.56 -3.39
N VAL C 84 -25.72 -16.48 -4.15
CA VAL C 84 -26.98 -16.26 -4.84
C VAL C 84 -27.27 -17.40 -5.80
N ILE C 85 -26.27 -17.84 -6.59
CA ILE C 85 -26.45 -18.93 -7.57
C ILE C 85 -26.76 -20.22 -6.81
N ASP C 86 -26.03 -20.46 -5.73
CA ASP C 86 -26.19 -21.68 -4.92
C ASP C 86 -27.56 -21.75 -4.23
N ALA C 87 -28.14 -20.59 -3.89
CA ALA C 87 -29.52 -20.57 -3.37
C ALA C 87 -30.57 -20.85 -4.41
N GLY C 88 -30.18 -20.94 -5.68
CA GLY C 88 -31.11 -21.31 -6.76
C GLY C 88 -31.79 -20.13 -7.45
N ALA C 89 -31.21 -18.95 -7.44
CA ALA C 89 -31.86 -17.80 -8.09
C ALA C 89 -31.97 -17.85 -9.59
N LEU C 90 -31.02 -18.47 -10.28
CA LEU C 90 -30.98 -18.34 -11.74
C LEU C 90 -32.18 -18.87 -12.50
N PRO C 91 -32.68 -20.07 -12.18
CA PRO C 91 -33.84 -20.55 -12.96
C PRO C 91 -35.07 -19.62 -12.84
N ALA C 92 -35.31 -19.10 -11.64
CA ALA C 92 -36.39 -18.13 -11.45
C ALA C 92 -36.14 -16.84 -12.23
N LEU C 93 -34.91 -16.31 -12.19
CA LEU C 93 -34.59 -15.08 -12.94
C LEU C 93 -34.73 -15.29 -14.45
N VAL C 94 -34.31 -16.43 -14.92
CA VAL C 94 -34.43 -16.69 -16.37
C VAL C 94 -35.88 -16.82 -16.76
N GLN C 95 -36.68 -17.51 -15.96
CA GLN C 95 -38.14 -17.55 -16.20
C GLN C 95 -38.76 -16.14 -16.22
N LEU C 96 -38.31 -15.25 -15.31
CA LEU C 96 -38.79 -13.86 -15.29
C LEU C 96 -38.48 -13.04 -16.53
N LEU C 97 -37.58 -13.51 -17.39
CA LEU C 97 -37.31 -12.81 -18.65
C LEU C 97 -38.49 -12.88 -19.58
N SER C 98 -39.42 -13.77 -19.32
CA SER C 98 -40.67 -13.81 -20.05
C SER C 98 -41.83 -13.01 -19.41
N SER C 99 -41.57 -12.22 -18.36
CA SER C 99 -42.66 -11.51 -17.67
C SER C 99 -43.23 -10.47 -18.60
N PRO C 100 -44.59 -10.32 -18.62
CA PRO C 100 -45.15 -9.24 -19.39
C PRO C 100 -45.07 -7.86 -18.62
N ASN C 101 -44.58 -7.87 -17.39
CA ASN C 101 -44.44 -6.70 -16.60
C ASN C 101 -43.08 -6.09 -16.82
N GLU C 102 -43.04 -4.91 -17.44
CA GLU C 102 -41.79 -4.27 -17.75
C GLU C 102 -40.93 -3.93 -16.58
N GLN C 103 -41.54 -3.67 -15.42
CA GLN C 103 -40.73 -3.37 -14.25
C GLN C 103 -40.02 -4.61 -13.71
N ILE C 104 -40.75 -5.69 -13.58
CA ILE C 104 -40.22 -6.98 -13.16
C ILE C 104 -39.10 -7.46 -14.14
N LEU C 105 -39.37 -7.37 -15.44
CA LEU C 105 -38.42 -7.69 -16.49
C LEU C 105 -37.11 -6.89 -16.31
N GLN C 106 -37.25 -5.57 -16.18
CA GLN C 106 -36.07 -4.72 -15.98
C GLN C 106 -35.26 -5.17 -14.77
N PHE C 107 -35.91 -5.44 -13.65
CA PHE C 107 -35.21 -5.77 -12.41
C PHE C 107 -34.59 -7.15 -12.51
N ALA C 108 -35.25 -8.09 -13.18
CA ALA C 108 -34.69 -9.40 -13.42
C ALA C 108 -33.37 -9.36 -14.25
N LEU C 109 -33.38 -8.49 -15.28
CA LEU C 109 -32.27 -8.27 -16.13
C LEU C 109 -31.10 -7.72 -15.38
N ILE C 110 -31.35 -6.75 -14.52
CA ILE C 110 -30.33 -6.16 -13.73
C ILE C 110 -29.72 -7.19 -12.77
N ALA C 111 -30.54 -7.99 -12.12
CA ALA C 111 -30.01 -9.04 -11.27
C ALA C 111 -29.15 -10.05 -12.04
N LEU C 112 -29.63 -10.52 -13.19
CA LEU C 112 -28.83 -11.39 -14.07
C LEU C 112 -27.50 -10.76 -14.46
N ALA C 113 -27.54 -9.50 -14.90
CA ALA C 113 -26.36 -8.79 -15.29
C ALA C 113 -25.36 -8.77 -14.17
N ASN C 114 -25.81 -8.50 -12.95
CA ASN C 114 -24.90 -8.47 -11.78
C ASN C 114 -24.29 -9.87 -11.53
N ILE C 115 -25.09 -10.92 -11.66
CA ILE C 115 -24.54 -12.26 -11.47
C ILE C 115 -23.46 -12.52 -12.54
N ALA C 116 -23.71 -12.10 -13.79
CA ALA C 116 -22.76 -12.22 -14.88
C ALA C 116 -21.58 -11.27 -14.82
N SER C 117 -21.54 -10.40 -13.81
CA SER C 117 -20.34 -9.62 -13.53
C SER C 117 -19.38 -10.34 -12.57
N GLY C 118 -19.66 -11.59 -12.22
CA GLY C 118 -18.77 -12.39 -11.45
C GLY C 118 -17.66 -13.02 -12.28
N GLY C 119 -17.01 -14.01 -11.68
CA GLY C 119 -15.95 -14.73 -12.37
C GLY C 119 -16.53 -15.64 -13.44
N ASN C 120 -15.63 -16.28 -14.18
CA ASN C 120 -16.02 -17.06 -15.35
C ASN C 120 -16.98 -18.19 -14.98
N GLU C 121 -16.77 -18.79 -13.84
CA GLU C 121 -17.64 -19.84 -13.31
C GLU C 121 -19.07 -19.35 -13.00
N GLN C 122 -19.19 -18.14 -12.47
CA GLN C 122 -20.49 -17.50 -12.28
C GLN C 122 -21.16 -17.21 -13.62
N ILE C 123 -20.39 -16.70 -14.58
CA ILE C 123 -20.89 -16.43 -15.92
C ILE C 123 -21.38 -17.70 -16.58
N GLN C 124 -20.65 -18.79 -16.39
CA GLN C 124 -21.02 -20.09 -16.96
C GLN C 124 -22.35 -20.58 -16.42
N ALA C 125 -22.55 -20.42 -15.10
CA ALA C 125 -23.87 -20.73 -14.50
C ALA C 125 -25.02 -19.96 -15.19
N VAL C 126 -24.80 -18.69 -15.51
CA VAL C 126 -25.80 -17.90 -16.24
C VAL C 126 -26.12 -18.52 -17.60
N ILE C 127 -25.06 -18.88 -18.34
CA ILE C 127 -25.22 -19.52 -19.65
C ILE C 127 -25.92 -20.85 -19.53
N ASP C 128 -25.51 -21.63 -18.54
CA ASP C 128 -26.08 -22.99 -18.33
C ASP C 128 -27.54 -22.95 -17.89
N ALA C 129 -27.94 -21.87 -17.22
CA ALA C 129 -29.36 -21.66 -16.86
C ALA C 129 -30.24 -21.32 -18.06
N GLY C 130 -29.61 -21.09 -19.24
CA GLY C 130 -30.36 -20.82 -20.45
C GLY C 130 -30.73 -19.37 -20.68
N ALA C 131 -29.94 -18.43 -20.18
CA ALA C 131 -30.33 -17.01 -20.31
C ALA C 131 -30.16 -16.43 -21.69
N LEU C 132 -29.20 -16.98 -22.48
CA LEU C 132 -28.79 -16.31 -23.74
C LEU C 132 -29.87 -16.15 -24.79
N PRO C 133 -30.68 -17.19 -25.09
CA PRO C 133 -31.71 -17.02 -26.11
C PRO C 133 -32.67 -15.87 -25.83
N ALA C 134 -33.12 -15.79 -24.58
CA ALA C 134 -33.97 -14.67 -24.19
C ALA C 134 -33.24 -13.33 -24.30
N LEU C 135 -31.98 -13.27 -23.88
CA LEU C 135 -31.24 -12.00 -23.92
C LEU C 135 -31.07 -11.53 -25.36
N VAL C 136 -30.79 -12.46 -26.27
CA VAL C 136 -30.62 -12.10 -27.67
C VAL C 136 -31.94 -11.65 -28.29
N GLN C 137 -33.03 -12.36 -27.97
CA GLN C 137 -34.35 -11.93 -28.41
C GLN C 137 -34.68 -10.46 -27.97
N LEU C 138 -34.31 -10.11 -26.73
CA LEU C 138 -34.56 -8.76 -26.24
C LEU C 138 -33.77 -7.66 -26.91
N LEU C 139 -32.71 -8.02 -27.67
CA LEU C 139 -32.00 -7.00 -28.46
C LEU C 139 -32.86 -6.36 -29.50
N SER C 140 -33.99 -7.00 -29.82
CA SER C 140 -34.90 -6.41 -30.77
C SER C 140 -36.04 -5.59 -30.14
N SER C 141 -35.99 -5.35 -28.82
CA SER C 141 -37.09 -4.68 -28.14
C SER C 141 -37.15 -3.21 -28.54
N PRO C 142 -38.37 -2.69 -28.78
CA PRO C 142 -38.49 -1.27 -29.00
C PRO C 142 -38.45 -0.47 -27.69
N ASN C 143 -38.37 -1.13 -26.54
CA ASN C 143 -38.36 -0.49 -25.24
C ASN C 143 -36.93 -0.27 -24.85
N GLU C 144 -36.49 0.98 -24.90
CA GLU C 144 -35.10 1.30 -24.66
C GLU C 144 -34.63 0.86 -23.26
N GLN C 145 -35.50 0.85 -22.29
CA GLN C 145 -35.09 0.51 -20.96
C GLN C 145 -34.73 -1.00 -20.90
N ILE C 146 -35.56 -1.81 -21.54
CA ILE C 146 -35.36 -3.23 -21.57
C ILE C 146 -34.10 -3.57 -22.43
N LEU C 147 -34.03 -2.99 -23.61
CA LEU C 147 -32.89 -3.15 -24.48
C LEU C 147 -31.56 -2.82 -23.73
N GLN C 148 -31.50 -1.66 -23.09
CA GLN C 148 -30.34 -1.28 -22.30
C GLN C 148 -29.95 -2.31 -21.24
N GLU C 149 -30.89 -2.89 -20.50
CA GLU C 149 -30.51 -3.87 -19.50
C GLU C 149 -30.12 -5.23 -20.06
N ALA C 150 -30.75 -5.67 -21.15
CA ALA C 150 -30.36 -6.88 -21.82
C ALA C 150 -28.92 -6.74 -22.38
N LEU C 151 -28.62 -5.59 -22.97
CA LEU C 151 -27.31 -5.31 -23.49
C LEU C 151 -26.25 -5.37 -22.44
N TRP C 152 -26.49 -4.76 -21.27
CA TRP C 152 -25.50 -4.92 -20.20
C TRP C 152 -25.31 -6.37 -19.76
N ALA C 153 -26.36 -7.17 -19.71
CA ALA C 153 -26.21 -8.59 -19.34
C ALA C 153 -25.35 -9.36 -20.37
N LEU C 154 -25.64 -9.16 -21.66
CA LEU C 154 -24.83 -9.77 -22.72
C LEU C 154 -23.37 -9.36 -22.65
N SER C 155 -23.14 -8.06 -22.47
CA SER C 155 -21.79 -7.52 -22.36
C SER C 155 -21.01 -8.17 -21.23
N ASN C 156 -21.65 -8.35 -20.09
CA ASN C 156 -21.02 -8.98 -18.94
C ASN C 156 -20.71 -10.45 -19.24
N ILE C 157 -21.63 -11.14 -19.90
CA ILE C 157 -21.40 -12.56 -20.21
C ILE C 157 -20.16 -12.65 -21.13
N ALA C 158 -20.08 -11.74 -22.12
CA ALA C 158 -18.94 -11.64 -22.99
C ALA C 158 -17.66 -11.15 -22.36
N SER C 159 -17.69 -10.76 -21.09
CA SER C 159 -16.45 -10.43 -20.37
C SER C 159 -15.82 -11.68 -19.75
N GLY C 160 -16.39 -12.85 -19.96
CA GLY C 160 -15.76 -14.07 -19.54
C GLY C 160 -14.62 -14.62 -20.42
N GLY C 161 -14.36 -15.91 -20.27
CA GLY C 161 -13.32 -16.60 -21.04
C GLY C 161 -13.80 -16.86 -22.46
N ASN C 162 -12.93 -17.44 -23.26
CA ASN C 162 -13.22 -17.61 -24.70
C ASN C 162 -14.41 -18.52 -24.98
N GLU C 163 -14.60 -19.53 -24.15
CA GLU C 163 -15.78 -20.38 -24.29
C GLU C 163 -17.09 -19.63 -23.95
N GLN C 164 -17.07 -18.75 -22.94
CA GLN C 164 -18.24 -17.92 -22.63
C GLN C 164 -18.53 -16.94 -23.78
N ILE C 165 -17.47 -16.33 -24.33
CA ILE C 165 -17.64 -15.42 -25.44
C ILE C 165 -18.24 -16.20 -26.61
N GLN C 166 -17.76 -17.40 -26.81
CA GLN C 166 -18.22 -18.21 -27.97
C GLN C 166 -19.71 -18.57 -27.80
N ALA C 167 -20.14 -18.83 -26.58
CA ALA C 167 -21.56 -19.03 -26.28
C ALA C 167 -22.44 -17.83 -26.77
N VAL C 168 -21.96 -16.62 -26.51
CA VAL C 168 -22.68 -15.40 -26.94
C VAL C 168 -22.76 -15.34 -28.47
N ILE C 169 -21.63 -15.61 -29.13
CA ILE C 169 -21.58 -15.64 -30.59
C ILE C 169 -22.51 -16.72 -31.13
N ASP C 170 -22.48 -17.90 -30.54
CA ASP C 170 -23.29 -19.01 -31.05
C ASP C 170 -24.80 -18.77 -30.81
N ALA C 171 -25.15 -17.93 -29.84
CA ALA C 171 -26.54 -17.59 -29.60
C ALA C 171 -27.04 -16.55 -30.59
N GLY C 172 -26.18 -16.05 -31.48
CA GLY C 172 -26.64 -15.13 -32.50
C GLY C 172 -26.71 -13.67 -32.16
N ALA C 173 -25.95 -13.24 -31.21
CA ALA C 173 -26.00 -11.83 -30.78
C ALA C 173 -25.43 -10.84 -31.78
N LEU C 174 -24.42 -11.27 -32.57
CA LEU C 174 -23.62 -10.32 -33.33
C LEU C 174 -24.39 -9.46 -34.35
N PRO C 175 -25.28 -10.04 -35.16
CA PRO C 175 -25.92 -9.21 -36.14
C PRO C 175 -26.72 -8.04 -35.53
N ALA C 176 -27.39 -8.28 -34.40
CA ALA C 176 -28.11 -7.22 -33.73
C ALA C 176 -27.12 -6.19 -33.17
N LEU C 177 -26.01 -6.64 -32.60
CA LEU C 177 -25.05 -5.72 -32.03
C LEU C 177 -24.43 -4.82 -33.07
N VAL C 178 -24.16 -5.38 -34.25
CA VAL C 178 -23.58 -4.58 -35.32
C VAL C 178 -24.58 -3.59 -35.84
N GLN C 179 -25.80 -4.03 -35.97
CA GLN C 179 -26.93 -3.12 -36.36
C GLN C 179 -27.04 -1.92 -35.37
N LEU C 180 -26.89 -2.21 -34.07
CA LEU C 180 -26.92 -1.13 -33.07
C LEU C 180 -25.84 -0.09 -33.14
N LEU C 181 -24.76 -0.35 -33.89
CA LEU C 181 -23.70 0.65 -34.11
C LEU C 181 -24.20 1.83 -34.91
N SER C 182 -25.30 1.65 -35.62
CA SER C 182 -26.02 2.75 -36.26
C SER C 182 -27.01 3.53 -35.38
N SER C 183 -27.18 3.15 -34.09
CA SER C 183 -28.22 3.75 -33.28
C SER C 183 -27.96 5.25 -33.05
N PRO C 184 -29.00 6.09 -33.22
CA PRO C 184 -28.84 7.48 -32.82
C PRO C 184 -28.86 7.66 -31.28
N ASN C 185 -29.11 6.60 -30.52
CA ASN C 185 -29.19 6.69 -29.08
C ASN C 185 -27.80 6.40 -28.48
N GLU C 186 -27.17 7.43 -27.95
CA GLU C 186 -25.85 7.35 -27.31
C GLU C 186 -25.72 6.37 -26.14
N GLN C 187 -26.77 6.17 -25.35
CA GLN C 187 -26.73 5.13 -24.31
C GLN C 187 -26.66 3.72 -24.97
N ILE C 188 -27.55 3.45 -25.92
CA ILE C 188 -27.57 2.17 -26.59
C ILE C 188 -26.23 1.92 -27.37
N LEU C 189 -25.79 2.92 -28.11
CA LEU C 189 -24.54 2.88 -28.84
C LEU C 189 -23.36 2.52 -27.95
N GLN C 190 -23.23 3.23 -26.82
CA GLN C 190 -22.18 2.92 -25.86
C GLN C 190 -22.21 1.45 -25.44
N GLU C 191 -23.40 0.97 -25.10
CA GLU C 191 -23.51 -0.42 -24.65
C GLU C 191 -23.21 -1.45 -25.74
N ALA C 192 -23.59 -1.16 -26.96
CA ALA C 192 -23.36 -2.04 -28.05
C ALA C 192 -21.83 -2.15 -28.27
N LEU C 193 -21.14 -1.03 -28.07
CA LEU C 193 -19.71 -0.95 -28.17
C LEU C 193 -19.02 -1.71 -27.04
N TRP C 194 -19.54 -1.64 -25.80
CA TRP C 194 -19.01 -2.47 -24.73
C TRP C 194 -19.14 -3.97 -25.05
N ALA C 195 -20.32 -4.34 -25.53
CA ALA C 195 -20.60 -5.75 -25.86
C ALA C 195 -19.62 -6.26 -26.99
N LEU C 196 -19.52 -5.51 -28.08
CA LEU C 196 -18.64 -5.87 -29.16
C LEU C 196 -17.17 -5.87 -28.71
N SER C 197 -16.75 -4.88 -27.90
CA SER C 197 -15.40 -4.86 -27.39
C SER C 197 -15.08 -6.10 -26.59
N ASN C 198 -16.00 -6.50 -25.72
CA ASN C 198 -15.80 -7.66 -24.92
C ASN C 198 -15.74 -8.93 -25.77
N ILE C 199 -16.59 -9.06 -26.76
CA ILE C 199 -16.49 -10.22 -27.68
C ILE C 199 -15.10 -10.23 -28.36
N ALA C 200 -14.64 -9.05 -28.77
CA ALA C 200 -13.34 -8.89 -29.38
C ALA C 200 -12.15 -9.01 -28.42
N SER C 201 -12.39 -9.29 -27.15
CA SER C 201 -11.35 -9.52 -26.17
C SER C 201 -11.03 -11.01 -26.07
N GLY C 202 -11.66 -11.86 -26.89
CA GLY C 202 -11.37 -13.30 -26.86
C GLY C 202 -10.22 -13.64 -27.84
N GLY C 203 -10.20 -14.88 -28.28
CA GLY C 203 -9.15 -15.35 -29.20
C GLY C 203 -9.42 -14.82 -30.61
N ASN C 204 -8.49 -15.19 -31.45
CA ASN C 204 -8.50 -14.78 -32.85
C ASN C 204 -9.80 -15.15 -33.55
N GLU C 205 -10.32 -16.34 -33.30
CA GLU C 205 -11.55 -16.80 -33.94
C GLU C 205 -12.80 -15.92 -33.52
N GLN C 206 -12.77 -15.48 -32.27
CA GLN C 206 -13.81 -14.60 -31.74
C GLN C 206 -13.75 -13.21 -32.29
N ILE C 207 -12.53 -12.68 -32.40
CA ILE C 207 -12.31 -11.43 -33.08
C ILE C 207 -12.79 -11.55 -34.50
N GLN C 208 -12.52 -12.66 -35.13
CA GLN C 208 -12.88 -12.82 -36.57
C GLN C 208 -14.38 -12.89 -36.79
N ALA C 209 -15.11 -13.51 -35.87
CA ALA C 209 -16.58 -13.44 -35.90
C ALA C 209 -17.08 -11.98 -35.90
N VAL C 210 -16.50 -11.13 -35.06
CA VAL C 210 -16.86 -9.70 -35.05
C VAL C 210 -16.62 -9.07 -36.40
N ILE C 211 -15.44 -9.34 -36.98
CA ILE C 211 -15.08 -8.81 -38.33
C ILE C 211 -16.04 -9.29 -39.38
N ASP C 212 -16.32 -10.58 -39.35
CA ASP C 212 -17.18 -11.21 -40.37
C ASP C 212 -18.64 -10.72 -40.25
N ALA C 213 -19.06 -10.25 -39.08
CA ALA C 213 -20.43 -9.76 -38.90
C ALA C 213 -20.55 -8.33 -39.40
N GLY C 214 -19.44 -7.72 -39.80
CA GLY C 214 -19.50 -6.45 -40.49
C GLY C 214 -19.23 -5.25 -39.59
N ALA C 215 -18.61 -5.46 -38.43
CA ALA C 215 -18.42 -4.36 -37.49
C ALA C 215 -17.48 -3.24 -37.95
N LEU C 216 -16.47 -3.54 -38.76
CA LEU C 216 -15.39 -2.61 -38.98
C LEU C 216 -15.79 -1.26 -39.64
N PRO C 217 -16.56 -1.30 -40.72
CA PRO C 217 -16.86 0.00 -41.36
C PRO C 217 -17.58 0.98 -40.41
N ALA C 218 -18.54 0.49 -39.64
CA ALA C 218 -19.22 1.34 -38.63
C ALA C 218 -18.24 1.80 -37.56
N LEU C 219 -17.32 0.90 -37.10
CA LEU C 219 -16.37 1.30 -36.08
C LEU C 219 -15.46 2.42 -36.59
N VAL C 220 -15.05 2.32 -37.86
CA VAL C 220 -14.18 3.30 -38.45
C VAL C 220 -14.91 4.64 -38.63
N GLN C 221 -16.17 4.59 -39.10
CA GLN C 221 -16.97 5.81 -39.13
C GLN C 221 -17.06 6.52 -37.74
N LEU C 222 -17.20 5.75 -36.67
CA LEU C 222 -17.29 6.34 -35.33
C LEU C 222 -16.02 7.03 -34.85
N LEU C 223 -14.88 6.73 -35.48
CA LEU C 223 -13.65 7.45 -35.21
C LEU C 223 -13.75 8.92 -35.59
N SER C 224 -14.74 9.26 -36.46
CA SER C 224 -15.02 10.65 -36.77
C SER C 224 -16.11 11.30 -35.92
N SER C 225 -16.59 10.67 -34.86
CA SER C 225 -17.68 11.26 -34.05
C SER C 225 -17.24 12.54 -33.35
N PRO C 226 -18.12 13.57 -33.33
CA PRO C 226 -17.84 14.69 -32.48
C PRO C 226 -18.03 14.38 -30.98
N ASN C 227 -18.58 13.21 -30.67
CA ASN C 227 -18.75 12.85 -29.30
C ASN C 227 -17.48 12.13 -28.80
N GLU C 228 -16.70 12.79 -27.95
CA GLU C 228 -15.44 12.21 -27.47
C GLU C 228 -15.58 10.90 -26.69
N GLN C 229 -16.69 10.69 -26.04
CA GLN C 229 -16.94 9.44 -25.33
C GLN C 229 -17.16 8.31 -26.35
N ILE C 230 -18.00 8.50 -27.35
CA ILE C 230 -18.23 7.49 -28.39
C ILE C 230 -16.92 7.18 -29.18
N LEU C 231 -16.14 8.21 -29.42
CA LEU C 231 -14.89 8.09 -30.13
C LEU C 231 -13.93 7.14 -29.34
N GLN C 232 -13.76 7.43 -28.07
CA GLN C 232 -13.00 6.56 -27.17
C GLN C 232 -13.53 5.13 -27.10
N GLU C 233 -14.84 4.97 -27.15
CA GLU C 233 -15.45 3.64 -27.08
C GLU C 233 -15.16 2.88 -28.39
N ALA C 234 -15.22 3.56 -29.52
CA ALA C 234 -14.93 2.93 -30.79
C ALA C 234 -13.44 2.57 -30.91
N LEU C 235 -12.56 3.41 -30.37
CA LEU C 235 -11.13 3.16 -30.27
C LEU C 235 -10.84 1.90 -29.46
N TRP C 236 -11.51 1.75 -28.33
CA TRP C 236 -11.39 0.57 -27.50
C TRP C 236 -11.78 -0.69 -28.29
N ALA C 237 -12.89 -0.63 -29.01
CA ALA C 237 -13.32 -1.78 -29.81
C ALA C 237 -12.28 -2.14 -30.91
N LEU C 238 -11.81 -1.13 -31.65
CA LEU C 238 -10.84 -1.32 -32.71
C LEU C 238 -9.49 -1.83 -32.15
N SER C 239 -9.14 -1.33 -30.98
CA SER C 239 -7.95 -1.72 -30.30
C SER C 239 -8.01 -3.19 -29.87
N ASN C 240 -9.15 -3.65 -29.39
CA ASN C 240 -9.34 -5.07 -29.08
C ASN C 240 -9.24 -5.91 -30.37
N ILE C 241 -9.86 -5.48 -31.45
CA ILE C 241 -9.84 -6.26 -32.69
C ILE C 241 -8.35 -6.35 -33.23
N ALA C 242 -7.63 -5.24 -33.10
CA ALA C 242 -6.25 -5.14 -33.51
C ALA C 242 -5.29 -5.95 -32.65
N SER C 243 -5.74 -6.45 -31.51
CA SER C 243 -5.01 -7.41 -30.69
C SER C 243 -5.02 -8.82 -31.25
N GLY C 244 -5.71 -9.08 -32.35
CA GLY C 244 -5.72 -10.45 -32.90
C GLY C 244 -4.41 -10.74 -33.67
N GLY C 245 -4.49 -11.76 -34.52
CA GLY C 245 -3.35 -12.13 -35.37
C GLY C 245 -3.30 -11.34 -36.65
N ASN C 246 -2.50 -11.83 -37.60
CA ASN C 246 -2.26 -11.10 -38.85
C ASN C 246 -3.52 -10.85 -39.65
N GLU C 247 -4.40 -11.86 -39.79
N GLU C 247 -4.40 -11.85 -39.79
CA GLU C 247 -5.60 -11.70 -40.60
CA GLU C 247 -5.61 -11.70 -40.60
C GLU C 247 -6.52 -10.60 -40.00
C GLU C 247 -6.52 -10.60 -40.00
N GLN C 248 -6.49 -10.46 -38.66
CA GLN C 248 -7.34 -9.53 -37.97
C GLN C 248 -6.78 -8.12 -38.09
N LYS C 249 -5.47 -8.00 -37.86
CA LYS C 249 -4.79 -6.71 -38.05
C LYS C 249 -4.98 -6.24 -39.48
N GLN C 250 -4.90 -7.16 -40.44
CA GLN C 250 -5.00 -6.80 -41.86
C GLN C 250 -6.39 -6.33 -42.22
N ALA C 251 -7.41 -6.98 -41.67
CA ALA C 251 -8.82 -6.50 -41.87
C ALA C 251 -9.00 -5.09 -41.36
N VAL C 252 -8.41 -4.79 -40.22
CA VAL C 252 -8.43 -3.42 -39.66
C VAL C 252 -7.77 -2.40 -40.58
N LYS C 253 -6.61 -2.77 -41.15
CA LYS C 253 -5.91 -1.93 -42.16
C LYS C 253 -6.75 -1.74 -43.40
N GLU C 254 -7.37 -2.81 -43.91
CA GLU C 254 -8.22 -2.70 -45.10
C GLU C 254 -9.43 -1.82 -44.92
N ALA C 255 -9.91 -1.65 -43.68
CA ALA C 255 -11.05 -0.82 -43.43
C ALA C 255 -10.68 0.64 -43.27
N GLY C 256 -9.41 0.98 -43.35
CA GLY C 256 -8.98 2.37 -43.35
C GLY C 256 -8.61 2.92 -42.00
N ALA C 257 -8.43 2.08 -40.99
CA ALA C 257 -8.21 2.55 -39.61
C ALA C 257 -6.84 3.13 -39.42
N LEU C 258 -5.82 2.67 -40.16
CA LEU C 258 -4.47 3.24 -40.00
C LEU C 258 -4.37 4.73 -40.15
N GLU C 259 -4.81 5.19 -41.29
CA GLU C 259 -4.81 6.60 -41.63
C GLU C 259 -5.50 7.40 -40.53
N LYS C 260 -6.67 6.94 -40.08
CA LYS C 260 -7.46 7.64 -39.07
C LYS C 260 -6.81 7.63 -37.70
N LEU C 261 -6.28 6.50 -37.29
CA LEU C 261 -5.56 6.43 -36.00
C LEU C 261 -4.38 7.36 -36.00
N GLU C 262 -3.70 7.51 -37.13
CA GLU C 262 -2.56 8.40 -37.25
C GLU C 262 -3.01 9.89 -37.11
N GLN C 263 -4.07 10.25 -37.82
N GLN C 263 -4.07 10.25 -37.82
CA GLN C 263 -4.68 11.58 -37.69
CA GLN C 263 -4.68 11.59 -37.70
C GLN C 263 -5.11 11.91 -36.26
C GLN C 263 -5.12 11.90 -36.26
N LEU C 264 -5.70 10.92 -35.56
CA LEU C 264 -6.14 11.08 -34.17
C LEU C 264 -5.05 11.35 -33.15
N GLN C 265 -3.80 11.09 -33.47
CA GLN C 265 -2.68 11.55 -32.64
C GLN C 265 -2.55 13.06 -32.64
N SER C 266 -3.22 13.77 -33.55
CA SER C 266 -3.30 15.23 -33.48
C SER C 266 -4.61 15.78 -32.83
N HIS C 267 -5.43 14.91 -32.24
CA HIS C 267 -6.72 15.33 -31.61
C HIS C 267 -6.43 16.09 -30.32
N GLU C 268 -7.16 17.16 -30.08
CA GLU C 268 -6.99 17.98 -28.85
C GLU C 268 -7.20 17.24 -27.56
N ASN C 269 -8.03 16.21 -27.58
CA ASN C 269 -8.30 15.42 -26.38
C ASN C 269 -7.13 14.46 -26.17
N GLU C 270 -6.40 14.66 -25.09
CA GLU C 270 -5.19 13.87 -24.75
C GLU C 270 -5.48 12.39 -24.52
N LYS C 271 -6.64 12.06 -23.99
CA LYS C 271 -7.00 10.67 -23.82
C LYS C 271 -7.23 9.95 -25.16
N ILE C 272 -7.79 10.67 -26.14
CA ILE C 272 -7.99 10.16 -27.50
C ILE C 272 -6.64 9.96 -28.18
N GLN C 273 -5.82 11.00 -28.16
CA GLN C 273 -4.41 10.96 -28.59
C GLN C 273 -3.72 9.68 -28.13
N LYS C 274 -3.77 9.45 -26.82
CA LYS C 274 -3.08 8.33 -26.18
C LYS C 274 -3.67 6.97 -26.62
N GLU C 275 -5.00 6.91 -26.66
CA GLU C 275 -5.66 5.65 -27.01
C GLU C 275 -5.43 5.33 -28.50
N ALA C 276 -5.37 6.36 -29.33
CA ALA C 276 -5.06 6.20 -30.77
C ALA C 276 -3.64 5.66 -30.96
N GLN C 277 -2.67 6.21 -30.23
CA GLN C 277 -1.27 5.78 -30.31
C GLN C 277 -1.15 4.30 -29.89
N GLU C 278 -1.77 3.94 -28.76
CA GLU C 278 -1.77 2.56 -28.32
C GLU C 278 -2.37 1.59 -29.37
N ALA C 279 -3.52 1.94 -29.94
CA ALA C 279 -4.17 1.11 -30.96
C ALA C 279 -3.28 0.94 -32.22
N LEU C 280 -2.64 2.02 -32.60
CA LEU C 280 -1.72 2.04 -33.74
C LEU C 280 -0.50 1.12 -33.49
N GLU C 281 0.11 1.20 -32.30
CA GLU C 281 1.24 0.34 -31.91
C GLU C 281 0.85 -1.15 -32.00
N LYS C 282 -0.36 -1.50 -31.59
CA LYS C 282 -0.83 -2.87 -31.73
C LYS C 282 -0.96 -3.31 -33.21
N LEU C 283 -1.50 -2.43 -34.06
CA LEU C 283 -1.60 -2.74 -35.48
C LEU C 283 -0.27 -2.98 -36.19
N GLN C 284 0.78 -2.32 -35.71
CA GLN C 284 2.11 -2.42 -36.29
C GLN C 284 3.04 -3.38 -35.49
N SER C 285 2.50 -4.07 -34.48
CA SER C 285 3.23 -4.96 -33.58
C SER C 285 3.16 -6.36 -34.23
N HIS C 286 4.09 -7.22 -33.86
CA HIS C 286 4.19 -8.60 -34.41
C HIS C 286 3.57 -9.63 -33.43
N GLY C 287 3.33 -9.22 -32.18
CA GLY C 287 2.61 -10.05 -31.22
C GLY C 287 1.09 -9.80 -31.27
N SER C 288 0.40 -10.52 -30.39
CA SER C 288 -1.02 -10.39 -30.19
C SER C 288 -1.38 -10.45 -28.70
N GLY C 289 -2.67 -10.26 -28.43
CA GLY C 289 -3.19 -10.07 -27.06
C GLY C 289 -3.09 -8.63 -26.62
N GLY C 290 -3.29 -8.44 -25.30
CA GLY C 290 -3.43 -7.13 -24.71
C GLY C 290 -4.81 -6.40 -24.91
N SER C 291 -5.87 -7.16 -25.18
CA SER C 291 -7.21 -6.71 -25.28
C SER C 291 -7.79 -6.46 -23.82
N GLY C 292 -8.77 -5.55 -23.70
CA GLY C 292 -9.39 -5.20 -22.41
C GLY C 292 -10.85 -5.66 -22.31
N LYS C 293 -11.20 -6.23 -21.16
CA LYS C 293 -12.50 -6.70 -20.79
C LYS C 293 -13.08 -5.75 -19.74
N ARG C 294 -14.38 -5.48 -19.80
CA ARG C 294 -15.02 -4.60 -18.77
C ARG C 294 -16.28 -5.23 -18.24
N LYS C 295 -16.46 -5.09 -16.92
CA LYS C 295 -17.68 -5.55 -16.28
C LYS C 295 -18.50 -4.37 -15.74
N ARG C 296 -19.81 -4.52 -15.70
N ARG C 296 -19.81 -4.52 -15.70
CA ARG C 296 -20.71 -3.54 -15.05
CA ARG C 296 -20.71 -3.54 -15.05
C ARG C 296 -21.50 -4.17 -13.92
C ARG C 296 -21.50 -4.17 -13.93
N LYS C 297 -21.53 -3.47 -12.79
CA LYS C 297 -22.39 -3.79 -11.66
C LYS C 297 -23.35 -2.60 -11.44
N ALA C 298 -24.63 -2.88 -11.13
CA ALA C 298 -25.61 -1.84 -10.76
C ALA C 298 -26.37 -2.21 -9.50
N LYS C 299 -26.92 -1.24 -8.82
CA LYS C 299 -27.73 -1.44 -7.61
C LYS C 299 -29.17 -1.00 -7.83
N LEU C 300 -30.12 -1.58 -7.11
CA LEU C 300 -31.53 -1.16 -7.17
C LEU C 300 -31.95 -0.70 -5.79
N SER C 301 -32.05 0.62 -5.60
CA SER C 301 -32.50 1.15 -4.29
C SER C 301 -33.93 1.63 -4.42
N PHE C 302 -34.83 1.02 -3.63
CA PHE C 302 -36.25 1.43 -3.76
C PHE C 302 -36.58 2.87 -3.45
N SER D 4 56.49 -32.70 -12.56
CA SER D 4 57.80 -33.30 -12.18
C SER D 4 58.97 -32.30 -12.19
N GLU D 5 58.81 -31.17 -12.88
CA GLU D 5 59.89 -30.12 -12.94
C GLU D 5 60.01 -29.19 -11.73
N LEU D 6 58.90 -28.93 -11.05
CA LEU D 6 59.00 -28.14 -9.75
C LEU D 6 59.64 -28.95 -8.62
N PRO D 7 59.23 -30.23 -8.48
CA PRO D 7 59.91 -31.11 -7.50
C PRO D 7 61.42 -31.21 -7.71
N GLN D 8 61.88 -31.29 -8.94
CA GLN D 8 63.33 -31.27 -9.21
C GLN D 8 63.96 -29.95 -8.72
N MET D 9 63.31 -28.82 -9.02
CA MET D 9 63.82 -27.51 -8.57
C MET D 9 63.95 -27.46 -7.06
N VAL D 10 62.99 -28.02 -6.38
CA VAL D 10 63.01 -28.06 -4.92
C VAL D 10 64.13 -28.97 -4.43
N GLN D 11 64.27 -30.13 -5.04
CA GLN D 11 65.40 -31.01 -4.72
C GLN D 11 66.74 -30.30 -4.89
N GLN D 12 66.87 -29.53 -5.96
CA GLN D 12 68.10 -28.77 -6.23
C GLN D 12 68.42 -27.66 -5.23
N LEU D 13 67.48 -27.30 -4.37
CA LEU D 13 67.76 -26.34 -3.31
C LEU D 13 68.74 -26.90 -2.29
N ASN D 14 68.90 -28.24 -2.26
CA ASN D 14 69.94 -28.89 -1.42
C ASN D 14 71.16 -29.37 -2.24
N SER D 15 71.35 -28.92 -3.49
CA SER D 15 72.49 -29.29 -4.29
C SER D 15 73.80 -28.77 -3.74
N PRO D 16 74.86 -29.62 -3.73
CA PRO D 16 76.18 -29.07 -3.42
C PRO D 16 76.76 -28.17 -4.54
N ASP D 17 76.20 -28.21 -5.74
CA ASP D 17 76.63 -27.34 -6.81
C ASP D 17 75.86 -26.03 -6.70
N GLN D 18 76.54 -24.97 -6.25
CA GLN D 18 75.94 -23.65 -6.11
C GLN D 18 75.33 -23.10 -7.39
N GLN D 19 75.85 -23.46 -8.55
CA GLN D 19 75.25 -23.05 -9.81
C GLN D 19 73.86 -23.68 -9.97
N GLU D 20 73.75 -24.99 -9.67
CA GLU D 20 72.47 -25.68 -9.80
C GLU D 20 71.43 -25.15 -8.78
N LEU D 21 71.91 -24.83 -7.58
CA LEU D 21 71.11 -24.33 -6.48
C LEU D 21 70.53 -22.97 -6.83
N GLN D 22 71.41 -22.01 -7.17
CA GLN D 22 71.04 -20.64 -7.48
C GLN D 22 70.11 -20.60 -8.69
N SER D 23 70.32 -21.48 -9.62
CA SER D 23 69.48 -21.58 -10.79
C SER D 23 68.06 -22.05 -10.44
N ALA D 24 67.96 -23.07 -9.61
CA ALA D 24 66.67 -23.59 -9.19
C ALA D 24 65.87 -22.56 -8.33
N LEU D 25 66.61 -21.87 -7.46
CA LEU D 25 66.09 -20.83 -6.58
C LEU D 25 65.52 -19.65 -7.38
N ARG D 26 66.27 -19.19 -8.37
CA ARG D 26 65.80 -18.15 -9.26
C ARG D 26 64.58 -18.56 -10.04
N LYS D 27 64.53 -19.80 -10.53
CA LYS D 27 63.32 -20.25 -11.23
C LYS D 27 62.09 -20.23 -10.31
N LEU D 28 62.25 -20.69 -9.07
CA LEU D 28 61.15 -20.71 -8.10
C LEU D 28 60.69 -19.28 -7.79
N GLN D 29 61.65 -18.39 -7.57
CA GLN D 29 61.39 -16.97 -7.34
C GLN D 29 60.53 -16.38 -8.44
N GLN D 30 60.89 -16.71 -9.68
CA GLN D 30 60.17 -16.24 -10.84
C GLN D 30 58.76 -16.84 -11.03
N ILE D 31 58.62 -18.13 -10.78
CA ILE D 31 57.32 -18.80 -10.86
C ILE D 31 56.35 -18.15 -9.85
N ALA D 32 56.87 -17.80 -8.67
CA ALA D 32 56.09 -17.14 -7.62
C ALA D 32 55.69 -15.69 -7.92
N MET D 33 56.22 -15.09 -9.00
CA MET D 33 55.69 -13.85 -9.57
C MET D 33 54.38 -14.02 -10.33
N GLY D 34 53.96 -15.25 -10.63
CA GLY D 34 52.93 -15.48 -11.63
C GLY D 34 51.50 -15.64 -11.15
N GLY D 35 51.16 -15.17 -9.95
CA GLY D 35 49.80 -15.26 -9.45
C GLY D 35 49.61 -16.41 -8.49
N ASN D 36 48.43 -16.44 -7.87
CA ASN D 36 48.22 -17.31 -6.73
C ASN D 36 48.17 -18.82 -7.06
N GLU D 37 47.75 -19.19 -8.27
CA GLU D 37 47.79 -20.60 -8.68
C GLU D 37 49.24 -21.09 -8.81
N GLN D 38 50.04 -20.28 -9.48
CA GLN D 38 51.46 -20.56 -9.58
C GLN D 38 52.14 -20.59 -8.21
N ILE D 39 51.79 -19.64 -7.31
CA ILE D 39 52.33 -19.68 -5.96
C ILE D 39 51.98 -21.01 -5.32
N GLN D 40 50.75 -21.46 -5.51
CA GLN D 40 50.29 -22.68 -4.84
C GLN D 40 51.06 -23.89 -5.36
N ALA D 41 51.38 -23.90 -6.65
CA ALA D 41 52.23 -24.98 -7.24
C ALA D 41 53.59 -25.06 -6.54
N VAL D 42 54.19 -23.90 -6.23
CA VAL D 42 55.47 -23.85 -5.52
C VAL D 42 55.35 -24.41 -4.10
N ILE D 43 54.31 -24.01 -3.39
CA ILE D 43 54.05 -24.50 -2.04
C ILE D 43 53.80 -26.02 -2.06
N ASP D 44 52.95 -26.45 -2.98
CA ASP D 44 52.61 -27.88 -3.16
C ASP D 44 53.82 -28.75 -3.53
N ALA D 45 54.80 -28.22 -4.28
CA ALA D 45 56.05 -28.96 -4.55
C ALA D 45 56.97 -29.13 -3.32
N GLY D 46 56.65 -28.43 -2.22
CA GLY D 46 57.37 -28.56 -0.98
C GLY D 46 58.47 -27.54 -0.82
N ALA D 47 58.42 -26.43 -1.54
CA ALA D 47 59.52 -25.47 -1.53
C ALA D 47 59.82 -24.82 -0.19
N LEU D 48 58.80 -24.62 0.64
CA LEU D 48 58.93 -23.71 1.78
C LEU D 48 59.95 -24.06 2.83
N PRO D 49 59.99 -25.33 3.27
CA PRO D 49 61.00 -25.69 4.30
C PRO D 49 62.43 -25.40 3.88
N ALA D 50 62.74 -25.68 2.61
CA ALA D 50 64.08 -25.44 2.06
C ALA D 50 64.36 -23.93 1.96
N LEU D 51 63.40 -23.15 1.49
CA LEU D 51 63.58 -21.69 1.40
C LEU D 51 63.81 -21.11 2.79
N VAL D 52 63.07 -21.58 3.77
CA VAL D 52 63.25 -21.12 5.14
C VAL D 52 64.64 -21.50 5.65
N GLN D 53 65.06 -22.73 5.41
CA GLN D 53 66.43 -23.17 5.74
C GLN D 53 67.48 -22.29 5.13
N LEU D 54 67.30 -21.90 3.88
CA LEU D 54 68.25 -21.01 3.20
C LEU D 54 68.35 -19.60 3.76
N LEU D 55 67.44 -19.20 4.65
CA LEU D 55 67.59 -17.91 5.32
C LEU D 55 68.75 -17.93 6.28
N SER D 56 69.21 -19.13 6.67
CA SER D 56 70.44 -19.24 7.41
C SER D 56 71.72 -19.35 6.56
N SER D 57 71.64 -19.24 5.24
CA SER D 57 72.82 -19.45 4.40
C SER D 57 73.87 -18.35 4.63
N PRO D 58 75.14 -18.71 4.68
CA PRO D 58 76.17 -17.67 4.69
C PRO D 58 76.47 -17.11 3.28
N ASN D 59 75.87 -17.65 2.22
CA ASN D 59 76.00 -17.08 0.89
C ASN D 59 74.98 -15.97 0.66
N GLU D 60 75.42 -14.73 0.60
CA GLU D 60 74.49 -13.58 0.39
C GLU D 60 73.70 -13.62 -0.90
N GLN D 61 74.18 -14.25 -1.94
CA GLN D 61 73.37 -14.34 -3.16
C GLN D 61 72.27 -15.30 -2.99
N ILE D 62 72.53 -16.41 -2.31
CA ILE D 62 71.48 -17.39 -2.03
C ILE D 62 70.41 -16.80 -1.09
N LEU D 63 70.87 -16.20 0.02
CA LEU D 63 70.01 -15.55 0.97
C LEU D 63 69.08 -14.50 0.29
N ALA D 64 69.65 -13.63 -0.54
CA ALA D 64 68.84 -12.61 -1.19
C ALA D 64 67.80 -13.22 -2.10
N SER D 65 68.13 -14.30 -2.78
N SER D 65 68.14 -14.30 -2.79
CA SER D 65 67.17 -14.96 -3.67
CA SER D 65 67.18 -14.95 -3.66
C SER D 65 66.11 -15.71 -2.90
C SER D 65 66.11 -15.71 -2.90
N ALA D 66 66.47 -16.30 -1.77
CA ALA D 66 65.51 -17.05 -0.96
C ALA D 66 64.45 -16.06 -0.37
N LEU D 67 64.92 -14.89 0.04
CA LEU D 67 64.08 -13.83 0.53
C LEU D 67 63.15 -13.34 -0.52
N GLY D 68 63.68 -13.15 -1.71
CA GLY D 68 62.89 -12.80 -2.88
C GLY D 68 61.79 -13.82 -3.12
N ALA D 69 62.13 -15.11 -3.12
CA ALA D 69 61.15 -16.14 -3.36
C ALA D 69 60.03 -16.13 -2.27
N LEU D 70 60.44 -16.07 -1.00
CA LEU D 70 59.50 -16.08 0.11
C LEU D 70 58.61 -14.82 0.09
N ALA D 71 59.18 -13.67 -0.24
CA ALA D 71 58.39 -12.46 -0.40
C ALA D 71 57.32 -12.62 -1.45
N ASN D 72 57.67 -13.22 -2.58
CA ASN D 72 56.69 -13.42 -3.66
C ASN D 72 55.58 -14.40 -3.29
N ILE D 73 55.96 -15.48 -2.59
CA ILE D 73 54.96 -16.47 -2.12
C ILE D 73 53.98 -15.73 -1.17
N ALA D 74 54.54 -14.90 -0.28
CA ALA D 74 53.75 -14.12 0.68
C ALA D 74 52.94 -12.95 0.06
N SER D 75 53.06 -12.73 -1.25
CA SER D 75 52.18 -11.85 -1.97
C SER D 75 50.89 -12.55 -2.40
N GLY D 76 50.72 -13.82 -2.03
CA GLY D 76 49.51 -14.57 -2.39
C GLY D 76 48.34 -14.36 -1.41
N GLY D 77 47.43 -15.33 -1.37
CA GLY D 77 46.24 -15.26 -0.50
C GLY D 77 46.65 -15.51 0.94
N ASN D 78 45.69 -15.28 1.82
CA ASN D 78 45.93 -15.38 3.26
C ASN D 78 46.39 -16.78 3.66
N GLU D 79 45.87 -17.82 2.99
CA GLU D 79 46.27 -19.20 3.22
C GLU D 79 47.73 -19.52 2.76
N GLN D 80 48.15 -18.85 1.69
CA GLN D 80 49.51 -18.93 1.21
C GLN D 80 50.44 -18.23 2.16
N ILE D 81 50.01 -17.06 2.68
CA ILE D 81 50.77 -16.38 3.69
C ILE D 81 50.89 -17.25 4.92
N GLN D 82 49.80 -17.92 5.29
CA GLN D 82 49.82 -18.78 6.49
C GLN D 82 50.79 -19.95 6.32
N ALA D 83 50.85 -20.51 5.12
CA ALA D 83 51.87 -21.56 4.82
C ALA D 83 53.33 -21.09 5.11
N VAL D 84 53.63 -19.87 4.69
CA VAL D 84 54.93 -19.25 4.99
C VAL D 84 55.15 -19.18 6.49
N ILE D 85 54.15 -18.72 7.25
CA ILE D 85 54.27 -18.59 8.71
C ILE D 85 54.45 -19.98 9.32
N ASP D 86 53.66 -20.93 8.85
CA ASP D 86 53.69 -22.33 9.35
C ASP D 86 55.02 -23.02 9.07
N ALA D 87 55.70 -22.67 7.96
CA ALA D 87 57.04 -23.19 7.69
C ALA D 87 58.10 -22.60 8.57
N GLY D 88 57.76 -21.57 9.39
CA GLY D 88 58.67 -21.04 10.38
C GLY D 88 59.46 -19.84 9.92
N ALA D 89 59.02 -19.11 8.89
CA ALA D 89 59.83 -18.00 8.38
C ALA D 89 60.00 -16.82 9.31
N LEU D 90 59.02 -16.54 10.18
CA LEU D 90 59.05 -15.26 10.91
C LEU D 90 60.24 -15.04 11.83
N PRO D 91 60.63 -16.04 12.64
CA PRO D 91 61.78 -15.76 13.53
C PRO D 91 63.08 -15.43 12.74
N ALA D 92 63.31 -16.14 11.64
CA ALA D 92 64.44 -15.82 10.78
C ALA D 92 64.32 -14.44 10.15
N LEU D 93 63.14 -14.06 9.66
CA LEU D 93 62.94 -12.72 9.07
C LEU D 93 63.16 -11.61 10.10
N VAL D 94 62.67 -11.84 11.31
CA VAL D 94 62.84 -10.85 12.36
C VAL D 94 64.29 -10.70 12.74
N GLN D 95 64.99 -11.81 12.88
CA GLN D 95 66.46 -11.78 13.12
C GLN D 95 67.19 -11.00 11.98
N LEU D 96 66.77 -11.19 10.72
CA LEU D 96 67.36 -10.46 9.59
C LEU D 96 67.16 -8.93 9.62
N LEU D 97 66.25 -8.45 10.47
CA LEU D 97 66.09 -7.00 10.59
C LEU D 97 67.27 -6.36 11.25
N SER D 98 68.13 -7.16 11.85
CA SER D 98 69.41 -6.67 12.39
C SER D 98 70.58 -6.74 11.41
N SER D 99 70.37 -7.17 10.15
CA SER D 99 71.48 -7.36 9.22
C SER D 99 72.14 -6.02 8.92
N PRO D 100 73.49 -5.98 8.86
CA PRO D 100 74.15 -4.77 8.39
C PRO D 100 74.17 -4.68 6.85
N ASN D 101 73.65 -5.67 6.16
CA ASN D 101 73.60 -5.69 4.71
C ASN D 101 72.27 -5.08 4.27
N GLU D 102 72.34 -3.90 3.65
CA GLU D 102 71.15 -3.19 3.23
C GLU D 102 70.29 -3.93 2.25
N GLN D 103 70.87 -4.80 1.43
CA GLN D 103 70.03 -5.55 0.48
C GLN D 103 69.22 -6.63 1.18
N ILE D 104 69.86 -7.38 2.05
CA ILE D 104 69.20 -8.37 2.87
C ILE D 104 68.09 -7.76 3.74
N LEU D 105 68.42 -6.65 4.41
CA LEU D 105 67.49 -5.91 5.24
C LEU D 105 66.26 -5.48 4.41
N GLN D 106 66.49 -4.89 3.26
CA GLN D 106 65.38 -4.47 2.40
C GLN D 106 64.48 -5.61 2.05
N PHE D 107 65.06 -6.74 1.67
CA PHE D 107 64.24 -7.87 1.20
C PHE D 107 63.52 -8.51 2.36
N ALA D 108 64.15 -8.56 3.53
CA ALA D 108 63.48 -9.06 4.75
C ALA D 108 62.23 -8.22 5.14
N LEU D 109 62.37 -6.90 5.01
CA LEU D 109 61.33 -5.98 5.30
C LEU D 109 60.17 -6.16 4.38
N ILE D 110 60.46 -6.31 3.09
CA ILE D 110 59.42 -6.54 2.14
C ILE D 110 58.69 -7.85 2.38
N ALA D 111 59.41 -8.92 2.70
CA ALA D 111 58.76 -10.16 3.04
C ALA D 111 57.87 -10.04 4.26
N LEU D 112 58.35 -9.42 5.33
CA LEU D 112 57.54 -9.15 6.53
C LEU D 112 56.28 -8.36 6.20
N ALA D 113 56.45 -7.28 5.44
CA ALA D 113 55.32 -6.46 5.03
C ALA D 113 54.29 -7.26 4.32
N ASN D 114 54.71 -8.13 3.41
CA ASN D 114 53.77 -8.99 2.66
C ASN D 114 53.03 -9.95 3.62
N ILE D 115 53.74 -10.52 4.58
CA ILE D 115 53.06 -11.39 5.54
C ILE D 115 52.01 -10.58 6.33
N ALA D 116 52.37 -9.37 6.72
CA ALA D 116 51.45 -8.46 7.42
C ALA D 116 50.36 -7.85 6.55
N SER D 117 50.35 -8.17 5.25
CA SER D 117 49.21 -7.86 4.41
C SER D 117 48.14 -8.95 4.41
N GLY D 118 48.30 -9.98 5.23
CA GLY D 118 47.30 -11.01 5.35
C GLY D 118 46.14 -10.60 6.29
N GLY D 119 45.41 -11.61 6.73
CA GLY D 119 44.33 -11.39 7.68
C GLY D 119 44.88 -11.08 9.05
N ASN D 120 43.96 -10.78 9.97
CA ASN D 120 44.34 -10.31 11.30
C ASN D 120 45.17 -11.32 12.04
N GLU D 121 44.88 -12.61 11.84
CA GLU D 121 45.65 -13.70 12.45
C GLU D 121 47.11 -13.75 11.93
N GLN D 122 47.29 -13.52 10.64
CA GLN D 122 48.64 -13.43 10.07
C GLN D 122 49.38 -12.22 10.62
N ILE D 123 48.67 -11.07 10.73
CA ILE D 123 49.29 -9.87 11.27
C ILE D 123 49.71 -10.10 12.71
N GLN D 124 48.87 -10.80 13.47
CA GLN D 124 49.17 -11.06 14.89
C GLN D 124 50.43 -11.92 15.03
N ALA D 125 50.57 -12.92 14.16
CA ALA D 125 51.84 -13.72 14.12
C ALA D 125 53.09 -12.84 13.94
N VAL D 126 52.99 -11.84 13.07
CA VAL D 126 54.10 -10.89 12.88
C VAL D 126 54.42 -10.14 14.19
N ILE D 127 53.37 -9.65 14.85
CA ILE D 127 53.54 -8.93 16.13
C ILE D 127 54.11 -9.85 17.19
N ASP D 128 53.57 -11.06 17.27
CA ASP D 128 54.02 -12.05 18.27
C ASP D 128 55.44 -12.52 18.05
N ALA D 129 55.92 -12.51 16.80
CA ALA D 129 57.32 -12.80 16.49
C ALA D 129 58.28 -11.72 16.92
N GLY D 130 57.75 -10.56 17.36
CA GLY D 130 58.59 -9.47 17.86
C GLY D 130 59.07 -8.50 16.82
N ALA D 131 58.35 -8.32 15.74
CA ALA D 131 58.87 -7.45 14.65
C ALA D 131 58.81 -5.97 14.95
N LEU D 132 57.88 -5.55 15.82
CA LEU D 132 57.56 -4.13 15.98
C LEU D 132 58.69 -3.25 16.50
N PRO D 133 59.43 -3.68 17.55
CA PRO D 133 60.52 -2.83 18.05
C PRO D 133 61.56 -2.48 17.00
N ALA D 134 61.94 -3.49 16.21
CA ALA D 134 62.86 -3.24 15.10
C ALA D 134 62.26 -2.31 14.07
N LEU D 135 60.97 -2.50 13.72
CA LEU D 135 60.36 -1.67 12.69
C LEU D 135 60.28 -0.20 13.15
N VAL D 136 59.97 0.01 14.42
CA VAL D 136 59.89 1.37 14.95
C VAL D 136 61.27 2.02 15.01
N GLN D 137 62.27 1.26 15.44
CA GLN D 137 63.65 1.74 15.40
C GLN D 137 64.08 2.21 13.97
N LEU D 138 63.68 1.45 12.94
CA LEU D 138 64.03 1.81 11.56
C LEU D 138 63.33 3.06 11.04
N LEU D 139 62.30 3.57 11.73
CA LEU D 139 61.73 4.86 11.37
C LEU D 139 62.71 6.01 11.49
N SER D 140 63.77 5.78 12.23
CA SER D 140 64.82 6.75 12.40
C SER D 140 66.01 6.59 11.44
N SER D 141 65.89 5.67 10.46
CA SER D 141 67.00 5.40 9.55
C SER D 141 67.18 6.59 8.62
N PRO D 142 68.46 6.96 8.37
CA PRO D 142 68.71 7.97 7.37
C PRO D 142 68.64 7.40 5.94
N ASN D 143 68.43 6.11 5.80
CA ASN D 143 68.39 5.43 4.52
C ASN D 143 66.95 5.37 4.10
N GLU D 144 66.61 6.19 3.13
CA GLU D 144 65.23 6.31 2.68
C GLU D 144 64.66 4.98 2.19
N GLN D 145 65.47 4.11 1.63
CA GLN D 145 64.94 2.88 1.11
C GLN D 145 64.50 1.97 2.26
N ILE D 146 65.32 1.92 3.31
CA ILE D 146 65.04 1.11 4.46
C ILE D 146 63.80 1.70 5.23
N LEU D 147 63.83 3.00 5.46
CA LEU D 147 62.72 3.71 6.07
C LEU D 147 61.39 3.40 5.32
N GLN D 148 61.38 3.57 4.01
CA GLN D 148 60.21 3.25 3.18
C GLN D 148 59.72 1.82 3.38
N GLU D 149 60.59 0.81 3.44
CA GLU D 149 60.09 -0.56 3.61
C GLU D 149 59.60 -0.85 5.05
N ALA D 150 60.23 -0.27 6.06
CA ALA D 150 59.76 -0.41 7.40
C ALA D 150 58.37 0.26 7.58
N LEU D 151 58.20 1.44 6.97
CA LEU D 151 56.95 2.14 7.00
C LEU D 151 55.84 1.34 6.39
N TRP D 152 56.07 0.72 5.22
CA TRP D 152 55.05 -0.18 4.68
C TRP D 152 54.71 -1.33 5.58
N ALA D 153 55.70 -1.93 6.26
CA ALA D 153 55.38 -3.03 7.17
C ALA D 153 54.49 -2.55 8.36
N LEU D 154 54.85 -1.43 8.97
CA LEU D 154 54.05 -0.85 10.05
C LEU D 154 52.62 -0.52 9.61
N SER D 155 52.49 0.08 8.44
CA SER D 155 51.21 0.43 7.86
C SER D 155 50.31 -0.79 7.68
N ASN D 156 50.89 -1.87 7.19
CA ASN D 156 50.15 -3.11 6.98
C ASN D 156 49.74 -3.69 8.35
N ILE D 157 50.62 -3.63 9.35
CA ILE D 157 50.28 -4.16 10.67
C ILE D 157 49.07 -3.37 11.22
N ALA D 158 49.09 -2.04 11.05
CA ALA D 158 48.02 -1.18 11.46
C ALA D 158 46.76 -1.31 10.64
N SER D 159 46.77 -2.10 9.56
CA SER D 159 45.54 -2.41 8.84
C SER D 159 44.78 -3.55 9.42
N GLY D 160 45.27 -4.13 10.52
CA GLY D 160 44.51 -5.16 11.23
C GLY D 160 43.39 -4.64 12.13
N GLY D 161 42.99 -5.48 13.09
CA GLY D 161 41.97 -5.12 14.06
C GLY D 161 42.51 -4.16 15.11
N ASN D 162 41.64 -3.74 16.03
CA ASN D 162 42.03 -2.73 17.01
C ASN D 162 43.14 -3.18 17.95
N GLU D 163 43.19 -4.45 18.26
CA GLU D 163 44.32 -4.98 19.06
C GLU D 163 45.67 -4.92 18.33
N GLN D 164 45.67 -5.18 17.03
CA GLN D 164 46.86 -5.02 16.20
C GLN D 164 47.29 -3.56 16.12
N ILE D 165 46.31 -2.66 15.90
CA ILE D 165 46.60 -1.23 15.86
C ILE D 165 47.18 -0.81 17.18
N GLN D 166 46.62 -1.33 18.27
CA GLN D 166 47.07 -0.93 19.62
C GLN D 166 48.49 -1.37 19.86
N ALA D 167 48.86 -2.54 19.36
CA ALA D 167 50.28 -2.99 19.39
C ALA D 167 51.23 -1.98 18.75
N VAL D 168 50.84 -1.44 17.60
CA VAL D 168 51.63 -0.41 16.90
C VAL D 168 51.80 0.82 17.75
N ILE D 169 50.68 1.28 18.33
CA ILE D 169 50.71 2.45 19.20
C ILE D 169 51.60 2.19 20.42
N ASP D 170 51.44 1.02 21.02
CA ASP D 170 52.18 0.70 22.24
C ASP D 170 53.68 0.49 21.97
N ALA D 171 54.06 0.20 20.74
CA ALA D 171 55.46 0.09 20.37
C ALA D 171 56.09 1.45 20.14
N GLY D 172 55.32 2.52 20.22
CA GLY D 172 55.90 3.87 20.16
C GLY D 172 56.07 4.46 18.79
N ALA D 173 55.28 4.00 17.83
CA ALA D 173 55.45 4.47 16.46
C ALA D 173 54.96 5.91 16.24
N LEU D 174 53.97 6.37 17.01
CA LEU D 174 53.25 7.61 16.63
C LEU D 174 54.11 8.89 16.54
N PRO D 175 55.01 9.13 17.53
CA PRO D 175 55.77 10.37 17.43
C PRO D 175 56.61 10.45 16.15
N ALA D 176 57.22 9.34 15.74
CA ALA D 176 58.01 9.31 14.51
C ALA D 176 57.08 9.52 13.30
N LEU D 177 55.92 8.89 13.30
CA LEU D 177 55.00 9.01 12.18
C LEU D 177 54.50 10.43 12.01
N VAL D 178 54.25 11.11 13.12
CA VAL D 178 53.79 12.48 13.04
C VAL D 178 54.88 13.38 12.57
N GLN D 179 56.09 13.14 13.06
CA GLN D 179 57.27 13.89 12.56
C GLN D 179 57.44 13.73 11.03
N LEU D 180 57.22 12.51 10.52
CA LEU D 180 57.32 12.28 9.05
C LEU D 180 56.30 13.04 8.21
N LEU D 181 55.23 13.59 8.80
CA LEU D 181 54.29 14.40 8.04
C LEU D 181 54.89 15.71 7.60
N SER D 182 55.98 16.11 8.23
CA SER D 182 56.80 17.23 7.77
C SER D 182 57.88 16.88 6.69
N SER D 183 57.97 15.63 6.28
CA SER D 183 59.04 15.25 5.34
C SER D 183 58.86 15.93 4.00
N PRO D 184 59.95 16.49 3.44
CA PRO D 184 59.87 16.96 2.06
C PRO D 184 59.85 15.81 1.03
N ASN D 185 59.98 14.56 1.47
CA ASN D 185 60.01 13.44 0.59
C ASN D 185 58.60 12.90 0.42
N GLU D 186 58.05 13.07 -0.78
CA GLU D 186 56.69 12.64 -1.11
C GLU D 186 56.43 11.13 -0.98
N GLN D 187 57.45 10.27 -1.20
CA GLN D 187 57.26 8.84 -0.92
C GLN D 187 57.11 8.58 0.57
N ILE D 188 57.99 9.13 1.37
CA ILE D 188 57.91 8.93 2.83
C ILE D 188 56.60 9.53 3.39
N LEU D 189 56.27 10.75 2.98
CA LEU D 189 55.03 11.41 3.36
C LEU D 189 53.83 10.58 3.06
N GLN D 190 53.70 10.08 1.84
CA GLN D 190 52.60 9.19 1.48
C GLN D 190 52.50 8.01 2.41
N GLU D 191 53.61 7.36 2.70
CA GLU D 191 53.57 6.17 3.54
C GLU D 191 53.23 6.49 5.00
N ALA D 192 53.68 7.63 5.50
CA ALA D 192 53.41 8.01 6.83
C ALA D 192 51.90 8.29 6.98
N LEU D 193 51.31 8.84 5.92
CA LEU D 193 49.87 9.10 5.84
C LEU D 193 49.11 7.78 5.77
N TRP D 194 49.56 6.79 5.02
CA TRP D 194 48.94 5.46 5.06
C TRP D 194 48.95 4.87 6.46
N ALA D 195 50.11 4.95 7.12
CA ALA D 195 50.28 4.39 8.45
C ALA D 195 49.33 5.07 9.47
N LEU D 196 49.33 6.41 9.50
CA LEU D 196 48.46 7.13 10.38
C LEU D 196 46.99 6.91 10.03
N SER D 197 46.63 6.86 8.74
CA SER D 197 45.26 6.58 8.34
C SER D 197 44.79 5.24 8.88
N ASN D 198 45.65 4.22 8.75
CA ASN D 198 45.28 2.93 9.23
C ASN D 198 45.15 2.90 10.77
N ILE D 199 46.03 3.57 11.49
CA ILE D 199 45.90 3.64 12.95
C ILE D 199 44.55 4.35 13.31
N ALA D 200 44.22 5.40 12.56
CA ALA D 200 42.97 6.11 12.73
C ALA D 200 41.72 5.38 12.22
N SER D 201 41.88 4.16 11.72
CA SER D 201 40.76 3.33 11.33
C SER D 201 40.33 2.43 12.46
N GLY D 202 40.93 2.54 13.65
CA GLY D 202 40.51 1.73 14.79
C GLY D 202 39.43 2.45 15.60
N GLY D 203 39.34 2.10 16.89
CA GLY D 203 38.34 2.69 17.76
C GLY D 203 38.67 4.14 18.12
N ASN D 204 37.73 4.75 18.81
CA ASN D 204 37.84 6.14 19.20
C ASN D 204 39.09 6.43 20.01
N GLU D 205 39.47 5.54 20.89
CA GLU D 205 40.69 5.66 21.72
C GLU D 205 41.98 5.64 20.83
N GLN D 206 41.95 4.87 19.76
CA GLN D 206 43.08 4.82 18.79
C GLN D 206 43.14 6.08 17.95
N ILE D 207 41.99 6.56 17.50
CA ILE D 207 41.92 7.84 16.84
C ILE D 207 42.46 8.91 17.75
N GLN D 208 42.12 8.84 19.03
CA GLN D 208 42.52 9.90 19.98
C GLN D 208 44.00 9.90 20.27
N ALA D 209 44.62 8.71 20.29
CA ALA D 209 46.10 8.63 20.34
C ALA D 209 46.73 9.39 19.18
N VAL D 210 46.20 9.24 17.96
CA VAL D 210 46.71 9.97 16.82
C VAL D 210 46.60 11.49 17.04
N ILE D 211 45.43 11.93 17.53
CA ILE D 211 45.20 13.37 17.81
C ILE D 211 46.15 13.88 18.88
N ASP D 212 46.28 13.11 19.93
CA ASP D 212 47.13 13.50 21.07
C ASP D 212 48.62 13.50 20.71
N ALA D 213 49.03 12.78 19.64
CA ALA D 213 50.42 12.79 19.21
C ALA D 213 50.70 13.98 18.35
N GLY D 214 49.68 14.77 18.02
CA GLY D 214 49.89 16.04 17.34
C GLY D 214 49.68 15.99 15.85
N ALA D 215 48.99 14.97 15.33
CA ALA D 215 48.86 14.86 13.88
C ALA D 215 48.05 15.97 13.17
N LEU D 216 47.05 16.56 13.86
CA LEU D 216 46.08 17.40 13.16
C LEU D 216 46.62 18.64 12.47
N PRO D 217 47.46 19.42 13.14
CA PRO D 217 47.92 20.65 12.45
C PRO D 217 48.65 20.33 11.12
N ALA D 218 49.52 19.31 11.13
CA ALA D 218 50.18 18.90 9.88
C ALA D 218 49.16 18.39 8.84
N LEU D 219 48.17 17.61 9.28
CA LEU D 219 47.18 17.11 8.34
C LEU D 219 46.39 18.24 7.69
N VAL D 220 46.08 19.26 8.47
CA VAL D 220 45.35 20.39 7.95
C VAL D 220 46.19 21.21 7.02
N GLN D 221 47.46 21.44 7.37
CA GLN D 221 48.38 22.09 6.43
C GLN D 221 48.43 21.35 5.05
N LEU D 222 48.42 20.02 5.06
CA LEU D 222 48.48 19.27 3.83
C LEU D 222 47.28 19.41 2.91
N LEU D 223 46.16 19.87 3.47
CA LEU D 223 44.98 20.20 2.66
C LEU D 223 45.25 21.38 1.72
N SER D 224 46.31 22.14 1.99
CA SER D 224 46.75 23.18 1.06
C SER D 224 47.81 22.74 0.00
N SER D 225 48.14 21.45 -0.09
CA SER D 225 49.12 21.02 -1.07
C SER D 225 48.64 21.19 -2.53
N PRO D 226 49.54 21.65 -3.41
CA PRO D 226 49.23 21.59 -4.82
C PRO D 226 49.28 20.16 -5.39
N ASN D 227 49.78 19.20 -4.60
CA ASN D 227 49.95 17.86 -5.07
C ASN D 227 48.67 17.08 -4.81
N GLU D 228 47.93 16.77 -5.84
CA GLU D 228 46.64 16.05 -5.72
C GLU D 228 46.74 14.69 -5.04
N GLN D 229 47.85 13.99 -5.19
CA GLN D 229 48.02 12.72 -4.51
C GLN D 229 48.18 12.94 -2.99
N ILE D 230 49.02 13.86 -2.57
CA ILE D 230 49.20 14.15 -1.16
C ILE D 230 47.89 14.68 -0.50
N LEU D 231 47.17 15.47 -1.26
CA LEU D 231 45.91 16.05 -0.81
C LEU D 231 44.90 14.95 -0.53
N GLN D 232 44.73 14.04 -1.49
CA GLN D 232 43.87 12.87 -1.29
C GLN D 232 44.30 12.02 -0.10
N GLU D 233 45.61 11.89 0.11
CA GLU D 233 46.08 11.08 1.23
C GLU D 233 45.80 11.75 2.56
N ALA D 234 45.94 13.08 2.62
CA ALA D 234 45.65 13.79 3.85
C ALA D 234 44.14 13.80 4.14
N LEU D 235 43.32 13.88 3.10
CA LEU D 235 41.86 13.76 3.23
C LEU D 235 41.43 12.45 3.77
N TRP D 236 42.04 11.36 3.29
CA TRP D 236 41.76 10.03 3.81
C TRP D 236 42.06 9.96 5.30
N ALA D 237 43.20 10.48 5.71
CA ALA D 237 43.56 10.47 7.14
C ALA D 237 42.56 11.28 7.99
N LEU D 238 42.24 12.50 7.55
CA LEU D 238 41.28 13.36 8.25
C LEU D 238 39.90 12.76 8.29
N SER D 239 39.54 12.10 7.20
CA SER D 239 38.26 11.43 7.09
C SER D 239 38.18 10.26 8.07
N ASN D 240 39.25 9.49 8.24
CA ASN D 240 39.30 8.43 9.24
C ASN D 240 39.19 9.03 10.66
N ILE D 241 39.89 10.11 10.94
CA ILE D 241 39.83 10.71 12.28
C ILE D 241 38.41 11.23 12.58
N ALA D 242 37.79 11.81 11.56
CA ALA D 242 36.44 12.37 11.64
C ALA D 242 35.36 11.30 11.78
N SER D 243 35.72 10.03 11.55
CA SER D 243 34.83 8.92 11.84
C SER D 243 34.71 8.59 13.32
N GLY D 244 35.47 9.23 14.18
CA GLY D 244 35.36 8.92 15.59
C GLY D 244 34.11 9.55 16.24
N GLY D 245 34.15 9.64 17.56
CA GLY D 245 33.05 10.25 18.33
C GLY D 245 33.17 11.78 18.40
N ASN D 246 32.39 12.35 19.31
CA ASN D 246 32.28 13.82 19.42
C ASN D 246 33.58 14.49 19.73
N GLU D 247 34.35 13.97 20.67
CA GLU D 247 35.63 14.59 21.06
C GLU D 247 36.61 14.60 19.86
N GLN D 248 36.51 13.59 19.00
CA GLN D 248 37.43 13.44 17.87
C GLN D 248 36.99 14.41 16.75
N LYS D 249 35.69 14.43 16.46
CA LYS D 249 35.16 15.39 15.49
C LYS D 249 35.47 16.79 15.92
N GLN D 250 35.35 17.07 17.21
CA GLN D 250 35.56 18.46 17.71
C GLN D 250 37.03 18.85 17.58
N ALA D 251 37.95 17.93 17.87
CA ALA D 251 39.40 18.21 17.64
C ALA D 251 39.70 18.57 16.18
N VAL D 252 39.07 17.84 15.26
CA VAL D 252 39.21 18.15 13.84
C VAL D 252 38.71 19.56 13.48
N LYS D 253 37.55 19.93 14.03
CA LYS D 253 37.02 21.30 13.85
C LYS D 253 37.91 22.35 14.44
N GLU D 254 38.43 22.11 15.64
CA GLU D 254 39.33 23.09 16.29
C GLU D 254 40.61 23.31 15.55
N ALA D 255 41.05 22.34 14.73
CA ALA D 255 42.27 22.49 13.99
C ALA D 255 42.07 23.18 12.68
N GLY D 256 40.83 23.55 12.34
CA GLY D 256 40.59 24.40 11.17
C GLY D 256 40.31 23.66 9.89
N ALA D 257 39.88 22.42 10.02
CA ALA D 257 39.61 21.60 8.83
C ALA D 257 38.42 22.05 8.00
N LEU D 258 37.43 22.58 8.67
CA LEU D 258 36.15 23.00 8.05
C LEU D 258 36.32 23.92 6.87
N GLU D 259 37.00 25.05 7.10
CA GLU D 259 37.21 26.02 6.06
C GLU D 259 37.81 25.37 4.81
N LYS D 260 38.86 24.55 5.02
CA LYS D 260 39.58 23.92 3.93
C LYS D 260 38.76 22.86 3.22
N LEU D 261 38.06 22.03 3.98
CA LEU D 261 37.18 21.03 3.36
C LEU D 261 36.14 21.69 2.49
N GLU D 262 35.62 22.85 2.92
CA GLU D 262 34.63 23.59 2.14
C GLU D 262 35.23 24.13 0.81
N GLN D 263 36.41 24.73 0.90
CA GLN D 263 37.14 25.18 -0.30
C GLN D 263 37.41 24.01 -1.31
N LEU D 264 37.77 22.85 -0.77
CA LEU D 264 38.07 21.66 -1.59
C LEU D 264 36.87 21.07 -2.36
N GLN D 265 35.64 21.44 -1.98
CA GLN D 265 34.48 21.12 -2.79
C GLN D 265 34.51 21.85 -4.13
N SER D 266 35.36 22.87 -4.30
CA SER D 266 35.57 23.51 -5.60
C SER D 266 36.79 22.96 -6.41
N HIS D 267 37.44 21.91 -5.92
CA HIS D 267 38.66 21.40 -6.56
C HIS D 267 38.30 20.65 -7.84
N GLU D 268 39.07 20.87 -8.90
N GLU D 268 39.08 20.88 -8.91
CA GLU D 268 38.83 20.27 -10.21
CA GLU D 268 38.87 20.27 -10.21
C GLU D 268 38.88 18.76 -10.20
C GLU D 268 38.88 18.76 -10.20
N ASN D 269 39.65 18.18 -9.29
CA ASN D 269 39.81 16.74 -9.22
C ASN D 269 38.57 16.18 -8.51
N GLU D 270 37.80 15.38 -9.24
CA GLU D 270 36.54 14.80 -8.75
C GLU D 270 36.68 13.89 -7.54
N LYS D 271 37.77 13.17 -7.45
CA LYS D 271 38.01 12.30 -6.28
C LYS D 271 38.27 13.16 -5.01
N ILE D 272 38.94 14.30 -5.17
CA ILE D 272 39.18 15.22 -4.05
C ILE D 272 37.85 15.85 -3.60
N GLN D 273 37.13 16.43 -4.57
CA GLN D 273 35.76 16.93 -4.37
C GLN D 273 34.94 15.98 -3.51
N LYS D 274 34.87 14.73 -3.95
CA LYS D 274 34.04 13.71 -3.31
C LYS D 274 34.55 13.36 -1.90
N GLU D 275 35.85 13.21 -1.75
CA GLU D 275 36.42 12.83 -0.46
C GLU D 275 36.25 13.99 0.54
N ALA D 276 36.35 15.23 0.06
CA ALA D 276 36.13 16.42 0.91
C ALA D 276 34.69 16.47 1.44
N GLN D 277 33.73 16.22 0.53
CA GLN D 277 32.31 16.24 0.87
C GLN D 277 32.00 15.16 1.91
N GLU D 278 32.47 13.94 1.65
CA GLU D 278 32.31 12.83 2.61
C GLU D 278 32.87 13.16 3.99
N ALA D 279 34.10 13.67 4.05
CA ALA D 279 34.74 14.01 5.36
C ALA D 279 33.94 15.09 6.10
N LEU D 280 33.45 16.08 5.36
CA LEU D 280 32.63 17.13 5.91
C LEU D 280 31.29 16.59 6.50
N GLU D 281 30.59 15.73 5.75
CA GLU D 281 29.36 15.10 6.20
C GLU D 281 29.59 14.30 7.50
N LYS D 282 30.71 13.60 7.62
CA LYS D 282 31.02 12.91 8.87
C LYS D 282 31.24 13.86 10.04
N LEU D 283 31.93 14.97 9.81
CA LEU D 283 32.16 15.96 10.88
C LEU D 283 30.90 16.59 11.41
N GLN D 284 29.87 16.72 10.56
CA GLN D 284 28.60 17.32 10.95
C GLN D 284 27.51 16.26 11.25
N SER D 285 27.87 14.97 11.25
CA SER D 285 26.94 13.86 11.44
C SER D 285 26.93 13.57 12.94
N HIS D 286 25.86 12.93 13.40
CA HIS D 286 25.71 12.55 14.83
C HIS D 286 26.08 11.07 15.06
N GLY D 287 26.21 10.29 14.00
CA GLY D 287 26.84 8.95 14.08
C GLY D 287 28.35 9.01 13.89
N SER D 288 28.92 7.81 13.84
CA SER D 288 30.37 7.60 13.64
C SER D 288 30.59 6.40 12.69
N GLY D 289 31.85 6.02 12.49
CA GLY D 289 32.26 4.91 11.65
C GLY D 289 32.43 5.36 10.20
N GLY D 290 32.64 4.42 9.32
CA GLY D 290 33.05 4.70 7.94
C GLY D 290 34.54 4.88 7.70
N SER D 291 35.41 4.46 8.61
CA SER D 291 36.88 4.60 8.38
C SER D 291 37.37 3.48 7.41
N GLY D 292 38.41 3.77 6.60
CA GLY D 292 38.95 2.86 5.56
C GLY D 292 40.35 2.36 5.91
N LYS D 293 40.58 1.06 5.73
CA LYS D 293 41.88 0.41 5.96
C LYS D 293 42.49 0.03 4.61
N ARG D 294 43.81 0.09 4.46
CA ARG D 294 44.47 -0.32 3.18
C ARG D 294 45.68 -1.18 3.43
N LYS D 295 45.86 -2.15 2.55
CA LYS D 295 47.03 -3.03 2.59
C LYS D 295 47.87 -2.87 1.34
N ARG D 296 49.18 -3.08 1.45
CA ARG D 296 50.09 -3.14 0.27
C ARG D 296 50.79 -4.49 0.21
N LYS D 297 50.84 -5.02 -1.00
CA LYS D 297 51.60 -6.24 -1.35
C LYS D 297 52.65 -5.83 -2.40
N ALA D 298 53.86 -6.35 -2.31
CA ALA D 298 54.96 -6.07 -3.27
C ALA D 298 55.67 -7.36 -3.67
N LYS D 299 56.24 -7.37 -4.87
CA LYS D 299 56.95 -8.52 -5.41
C LYS D 299 58.42 -8.17 -5.63
N LEU D 300 59.30 -9.14 -5.53
CA LEU D 300 60.72 -8.96 -5.79
C LEU D 300 61.13 -9.83 -6.98
N SER D 301 61.31 -9.21 -8.15
CA SER D 301 61.75 -9.96 -9.35
C SER D 301 63.19 -9.67 -9.64
N PHE D 302 64.04 -10.68 -9.58
CA PHE D 302 65.36 -10.62 -10.25
C PHE D 302 65.75 -12.11 -10.44
N PRO E 2 7.94 29.28 6.37
CA PRO E 2 7.17 28.24 7.08
C PRO E 2 6.03 27.56 6.27
N GLY E 3 5.10 28.39 5.78
CA GLY E 3 3.71 28.01 5.48
C GLY E 3 3.25 27.93 4.03
N SER E 4 4.07 28.39 3.07
CA SER E 4 3.77 28.22 1.60
C SER E 4 3.75 26.75 1.17
N GLU E 5 4.51 25.90 1.87
CA GLU E 5 4.69 24.47 1.53
C GLU E 5 3.66 23.51 2.07
N LEU E 6 2.62 23.96 2.78
CA LEU E 6 1.62 23.10 3.42
C LEU E 6 0.82 22.24 2.44
N PRO E 7 0.33 22.84 1.32
CA PRO E 7 -0.37 22.00 0.34
C PRO E 7 0.49 20.82 -0.19
N GLN E 8 1.77 21.05 -0.44
CA GLN E 8 2.67 19.99 -0.84
C GLN E 8 2.78 18.92 0.26
N MET E 9 2.92 19.34 1.52
CA MET E 9 3.00 18.39 2.65
C MET E 9 1.79 17.49 2.69
N VAL E 10 0.63 18.09 2.44
CA VAL E 10 -0.60 17.32 2.44
C VAL E 10 -0.65 16.37 1.26
N GLN E 11 -0.26 16.85 0.08
CA GLN E 11 -0.15 15.97 -1.09
C GLN E 11 0.78 14.78 -0.81
N GLN E 12 1.89 15.03 -0.12
CA GLN E 12 2.85 13.96 0.22
C GLN E 12 2.33 12.92 1.19
N LEU E 13 1.19 13.16 1.82
CA LEU E 13 0.58 12.14 2.66
C LEU E 13 0.10 10.95 1.83
N ASN E 14 -0.07 11.14 0.52
CA ASN E 14 -0.34 10.04 -0.43
C ASN E 14 0.87 9.61 -1.29
N SER E 15 2.08 9.98 -0.91
CA SER E 15 3.30 9.61 -1.66
C SER E 15 3.55 8.10 -1.57
N PRO E 16 3.93 7.49 -2.70
CA PRO E 16 4.41 6.10 -2.61
C PRO E 16 5.79 5.95 -1.92
N ASP E 17 6.53 7.04 -1.78
CA ASP E 17 7.83 7.00 -1.09
C ASP E 17 7.55 7.20 0.40
N GLN E 18 7.68 6.12 1.19
CA GLN E 18 7.44 6.17 2.63
C GLN E 18 8.31 7.17 3.36
N GLN E 19 9.51 7.45 2.86
CA GLN E 19 10.34 8.45 3.47
C GLN E 19 9.71 9.86 3.29
N GLU E 20 9.22 10.15 2.10
CA GLU E 20 8.58 11.44 1.81
C GLU E 20 7.28 11.62 2.63
N LEU E 21 6.52 10.51 2.76
CA LEU E 21 5.27 10.46 3.49
C LEU E 21 5.49 10.76 4.96
N GLN E 22 6.34 9.97 5.59
CA GLN E 22 6.64 10.05 7.02
C GLN E 22 7.24 11.40 7.36
N SER E 23 8.02 11.91 6.47
CA SER E 23 8.59 13.24 6.65
C SER E 23 7.55 14.35 6.61
N ALA E 24 6.63 14.29 5.69
CA ALA E 24 5.55 15.30 5.56
C ALA E 24 4.62 15.24 6.78
N LEU E 25 4.30 14.02 7.22
CA LEU E 25 3.45 13.73 8.36
C LEU E 25 4.06 14.30 9.66
N ARG E 26 5.36 14.05 9.86
CA ARG E 26 6.08 14.61 10.98
C ARG E 26 6.09 16.14 10.95
N LYS E 27 6.29 16.74 9.78
CA LYS E 27 6.27 18.20 9.71
C LYS E 27 4.89 18.77 10.09
N LEU E 28 3.81 18.13 9.62
CA LEU E 28 2.46 18.55 9.93
C LEU E 28 2.20 18.42 11.43
N GLN E 29 2.60 17.29 12.00
CA GLN E 29 2.51 17.04 13.44
C GLN E 29 3.17 18.17 14.24
N GLN E 30 4.34 18.57 13.81
CA GLN E 30 5.09 19.64 14.44
C GLN E 30 4.48 21.06 14.27
N ILE E 31 3.98 21.36 13.08
CA ILE E 31 3.32 22.63 12.81
C ILE E 31 2.10 22.77 13.75
N ALA E 32 1.38 21.66 13.95
CA ALA E 32 0.23 21.60 14.86
C ALA E 32 0.55 21.71 16.35
N MET E 33 1.82 21.71 16.72
CA MET E 33 2.28 22.11 18.06
C MET E 33 2.29 23.64 18.25
N GLY E 34 2.15 24.42 17.20
CA GLY E 34 2.50 25.85 17.24
C GLY E 34 1.37 26.82 17.49
N GLY E 35 0.25 26.38 18.07
CA GLY E 35 -0.84 27.31 18.42
C GLY E 35 -1.94 27.27 17.40
N ASN E 36 -3.05 27.94 17.75
CA ASN E 36 -4.29 27.75 16.99
C ASN E 36 -4.29 28.31 15.57
N GLU E 37 -3.52 29.36 15.31
CA GLU E 37 -3.39 29.89 13.95
C GLU E 37 -2.67 28.87 13.04
N GLN E 38 -1.57 28.33 13.56
CA GLN E 38 -0.85 27.29 12.87
C GLN E 38 -1.72 26.03 12.67
N ILE E 39 -2.49 25.63 13.70
CA ILE E 39 -3.40 24.49 13.53
C ILE E 39 -4.35 24.78 12.37
N GLN E 40 -4.85 26.03 12.31
CA GLN E 40 -5.87 26.34 11.32
C GLN E 40 -5.26 26.29 9.90
N ALA E 41 -3.99 26.69 9.77
CA ALA E 41 -3.28 26.57 8.47
C ALA E 41 -3.24 25.10 7.98
N VAL E 42 -2.99 24.17 8.90
CA VAL E 42 -2.98 22.75 8.59
C VAL E 42 -4.35 22.25 8.14
N ILE E 43 -5.40 22.64 8.86
CA ILE E 43 -6.77 22.26 8.52
C ILE E 43 -7.15 22.85 7.14
N ASP E 44 -6.85 24.15 6.96
CA ASP E 44 -7.14 24.85 5.70
C ASP E 44 -6.36 24.28 4.49
N ALA E 45 -5.17 23.74 4.69
CA ALA E 45 -4.44 23.04 3.58
C ALA E 45 -5.07 21.69 3.18
N GLY E 46 -6.04 21.21 3.97
CA GLY E 46 -6.80 20.01 3.65
C GLY E 46 -6.24 18.77 4.31
N ALA E 47 -5.46 18.90 5.37
CA ALA E 47 -4.81 17.76 5.99
C ALA E 47 -5.74 16.69 6.55
N LEU E 48 -6.92 17.07 7.02
CA LEU E 48 -7.71 16.17 7.86
C LEU E 48 -8.20 14.87 7.22
N PRO E 49 -8.74 14.93 6.00
CA PRO E 49 -9.20 13.67 5.37
C PRO E 49 -8.08 12.64 5.21
N ALA E 50 -6.89 13.10 4.86
CA ALA E 50 -5.72 12.23 4.69
C ALA E 50 -5.27 11.65 6.04
N LEU E 51 -5.23 12.48 7.08
CA LEU E 51 -4.82 12.00 8.40
C LEU E 51 -5.81 10.95 8.88
N VAL E 52 -7.10 11.18 8.66
CA VAL E 52 -8.10 10.21 9.06
C VAL E 52 -7.93 8.89 8.29
N GLN E 53 -7.73 9.00 6.97
CA GLN E 53 -7.46 7.82 6.13
C GLN E 53 -6.26 7.00 6.66
N LEU E 54 -5.21 7.71 7.07
CA LEU E 54 -4.02 7.04 7.62
C LEU E 54 -4.22 6.31 8.94
N LEU E 55 -5.35 6.51 9.62
CA LEU E 55 -5.66 5.73 10.81
C LEU E 55 -5.94 4.28 10.45
N SER E 56 -6.26 4.01 9.18
CA SER E 56 -6.33 2.65 8.70
C SER E 56 -5.00 2.03 8.24
N SER E 57 -3.87 2.75 8.33
CA SER E 57 -2.62 2.26 7.73
C SER E 57 -2.12 1.02 8.46
N PRO E 58 -1.65 0.01 7.74
CA PRO E 58 -0.99 -1.11 8.40
C PRO E 58 0.46 -0.79 8.83
N ASN E 59 1.00 0.37 8.46
CA ASN E 59 2.31 0.78 8.95
C ASN E 59 2.19 1.46 10.32
N GLU E 60 2.66 0.82 11.36
CA GLU E 60 2.58 1.38 12.72
C GLU E 60 3.30 2.72 12.91
N GLN E 61 4.34 3.01 12.15
CA GLN E 61 5.00 4.27 12.29
C GLN E 61 4.17 5.37 11.71
N ILE E 62 3.53 5.10 10.59
CA ILE E 62 2.64 6.06 9.96
C ILE E 62 1.40 6.33 10.86
N LEU E 63 0.75 5.25 11.31
CA LEU E 63 -0.36 5.31 12.21
C LEU E 63 -0.04 6.15 13.49
N ALA E 64 1.08 5.88 14.14
CA ALA E 64 1.43 6.59 15.35
C ALA E 64 1.63 8.07 15.07
N SER E 65 2.21 8.42 13.92
CA SER E 65 2.41 9.83 13.58
C SER E 65 1.12 10.50 13.20
N ALA E 66 0.20 9.80 12.55
CA ALA E 66 -1.07 10.37 12.16
C ALA E 66 -1.90 10.71 13.43
N LEU E 67 -1.84 9.79 14.42
CA LEU E 67 -2.48 9.93 15.68
C LEU E 67 -1.91 11.17 16.42
N GLY E 68 -0.60 11.27 16.41
CA GLY E 68 0.09 12.41 16.94
C GLY E 68 -0.39 13.72 16.33
N ALA E 69 -0.45 13.77 14.99
CA ALA E 69 -0.88 14.96 14.33
C ALA E 69 -2.32 15.35 14.68
N LEU E 70 -3.24 14.38 14.63
CA LEU E 70 -4.64 14.60 14.95
C LEU E 70 -4.82 15.01 16.41
N ALA E 71 -4.08 14.40 17.33
CA ALA E 71 -4.13 14.81 18.72
C ALA E 71 -3.74 16.29 18.86
N ASN E 72 -2.69 16.71 18.14
CA ASN E 72 -2.25 18.10 18.24
C ASN E 72 -3.26 19.10 17.63
N ILE E 73 -3.88 18.71 16.52
CA ILE E 73 -4.93 19.55 15.90
C ILE E 73 -6.08 19.68 16.92
N ALA E 74 -6.45 18.57 17.57
CA ALA E 74 -7.51 18.54 18.59
C ALA E 74 -7.15 19.22 19.93
N SER E 75 -5.94 19.74 20.05
CA SER E 75 -5.56 20.60 21.15
C SER E 75 -5.93 22.06 20.87
N GLY E 76 -6.55 22.34 19.73
CA GLY E 76 -6.91 23.73 19.38
C GLY E 76 -8.28 24.16 19.93
N GLY E 77 -8.91 25.12 19.26
CA GLY E 77 -10.21 25.66 19.67
C GLY E 77 -11.30 24.66 19.38
N ASN E 78 -12.47 24.95 19.93
CA ASN E 78 -13.62 24.06 19.82
C ASN E 78 -14.00 23.81 18.35
N GLU E 79 -13.86 24.81 17.52
CA GLU E 79 -14.12 24.72 16.08
C GLU E 79 -13.09 23.83 15.31
N GLN E 80 -11.84 23.85 15.78
CA GLN E 80 -10.78 23.00 15.28
C GLN E 80 -11.05 21.58 15.70
N ILE E 81 -11.48 21.38 16.95
CA ILE E 81 -11.89 20.06 17.40
C ILE E 81 -13.05 19.56 16.57
N GLN E 82 -14.01 20.45 16.27
CA GLN E 82 -15.17 20.05 15.49
C GLN E 82 -14.77 19.64 14.07
N ALA E 83 -13.81 20.32 13.49
CA ALA E 83 -13.26 19.90 12.15
C ALA E 83 -12.73 18.43 12.17
N VAL E 84 -12.03 18.07 13.24
CA VAL E 84 -11.54 16.71 13.43
C VAL E 84 -12.73 15.74 13.47
N ILE E 85 -13.78 16.08 14.23
CA ILE E 85 -14.97 15.22 14.35
C ILE E 85 -15.65 15.11 12.99
N ASP E 86 -15.78 16.25 12.31
CA ASP E 86 -16.43 16.31 10.99
C ASP E 86 -15.68 15.51 9.91
N ALA E 87 -14.35 15.43 10.02
CA ALA E 87 -13.57 14.57 9.11
C ALA E 87 -13.76 13.10 9.35
N GLY E 88 -14.45 12.73 10.46
CA GLY E 88 -14.76 11.33 10.73
C GLY E 88 -13.77 10.61 11.59
N ALA E 89 -12.98 11.31 12.41
CA ALA E 89 -11.98 10.64 13.23
C ALA E 89 -12.51 9.76 14.31
N LEU E 90 -13.67 10.07 14.90
CA LEU E 90 -14.06 9.36 16.14
C LEU E 90 -14.28 7.86 15.99
N PRO E 91 -14.99 7.39 14.95
CA PRO E 91 -15.17 5.94 14.84
C PRO E 91 -13.83 5.16 14.73
N ALA E 92 -12.91 5.70 13.98
CA ALA E 92 -11.56 5.10 13.90
C ALA E 92 -10.85 5.12 15.24
N LEU E 93 -10.89 6.24 15.96
CA LEU E 93 -10.24 6.32 17.30
C LEU E 93 -10.86 5.35 18.27
N VAL E 94 -12.16 5.23 18.24
CA VAL E 94 -12.85 4.29 19.15
C VAL E 94 -12.49 2.87 18.83
N GLN E 95 -12.47 2.52 17.55
CA GLN E 95 -11.98 1.18 17.12
C GLN E 95 -10.55 0.93 17.61
N LEU E 96 -9.67 1.93 17.55
CA LEU E 96 -8.28 1.80 18.04
C LEU E 96 -8.15 1.53 19.55
N LEU E 97 -9.23 1.73 20.32
CA LEU E 97 -9.18 1.41 21.74
C LEU E 97 -9.08 -0.07 21.97
N SER E 98 -9.35 -0.87 20.93
CA SER E 98 -9.13 -2.31 20.99
C SER E 98 -7.71 -2.77 20.57
N SER E 99 -6.79 -1.84 20.24
CA SER E 99 -5.50 -2.25 19.65
C SER E 99 -4.70 -3.04 20.67
N PRO E 100 -4.02 -4.11 20.28
CA PRO E 100 -3.09 -4.76 21.20
C PRO E 100 -1.73 -4.03 21.29
N ASN E 101 -1.53 -2.98 20.50
CA ASN E 101 -0.32 -2.20 20.53
C ASN E 101 -0.49 -1.06 21.55
N GLU E 102 0.26 -1.13 22.63
CA GLU E 102 0.15 -0.13 23.70
C GLU E 102 0.48 1.27 23.28
N GLN E 103 1.32 1.43 22.27
CA GLN E 103 1.63 2.79 21.82
C GLN E 103 0.50 3.41 21.06
N ILE E 104 -0.08 2.65 20.14
CA ILE E 104 -1.23 3.05 19.38
C ILE E 104 -2.42 3.37 20.30
N LEU E 105 -2.69 2.47 21.25
CA LEU E 105 -3.71 2.64 22.25
C LEU E 105 -3.51 3.97 23.02
N GLN E 106 -2.31 4.18 23.53
CA GLN E 106 -2.00 5.41 24.24
C GLN E 106 -2.29 6.64 23.43
N PHE E 107 -1.87 6.65 22.18
CA PHE E 107 -2.02 7.84 21.34
C PHE E 107 -3.47 8.04 20.96
N ALA E 108 -4.21 6.97 20.75
CA ALA E 108 -5.65 7.05 20.48
C ALA E 108 -6.43 7.70 21.67
N LEU E 109 -6.06 7.29 22.87
CA LEU E 109 -6.65 7.78 24.08
C LEU E 109 -6.39 9.26 24.25
N ILE E 110 -5.17 9.69 23.98
CA ILE E 110 -4.82 11.06 24.05
C ILE E 110 -5.62 11.91 23.06
N ALA E 111 -5.72 11.43 21.80
CA ALA E 111 -6.50 12.14 20.84
C ALA E 111 -8.00 12.25 21.27
N LEU E 112 -8.60 11.15 21.72
CA LEU E 112 -9.96 11.15 22.25
C LEU E 112 -10.13 12.17 23.39
N ALA E 113 -9.22 12.13 24.35
CA ALA E 113 -9.25 13.03 25.47
C ALA E 113 -9.25 14.48 25.01
N ASN E 114 -8.41 14.80 24.04
CA ASN E 114 -8.34 16.19 23.50
C ASN E 114 -9.67 16.56 22.82
N ILE E 115 -10.28 15.64 22.09
CA ILE E 115 -11.57 15.96 21.48
C ILE E 115 -12.61 16.23 22.58
N ALA E 116 -12.59 15.43 23.63
CA ALA E 116 -13.48 15.61 24.80
C ALA E 116 -13.11 16.78 25.68
N SER E 117 -12.06 17.53 25.37
CA SER E 117 -11.81 18.81 26.00
C SER E 117 -12.49 19.98 25.29
N GLY E 118 -13.31 19.71 24.29
CA GLY E 118 -14.03 20.76 23.60
C GLY E 118 -15.31 21.16 24.35
N GLY E 119 -16.21 21.82 23.61
CA GLY E 119 -17.49 22.21 24.18
C GLY E 119 -18.38 20.99 24.33
N ASN E 120 -19.56 21.23 24.90
CA ASN E 120 -20.46 20.14 25.26
C ASN E 120 -20.88 19.33 24.05
N GLU E 121 -21.04 19.98 22.93
CA GLU E 121 -21.39 19.29 21.66
C GLU E 121 -20.29 18.36 21.15
N GLN E 122 -19.04 18.78 21.31
CA GLN E 122 -17.87 17.92 20.99
C GLN E 122 -17.82 16.74 21.93
N ILE E 123 -18.06 16.98 23.23
CA ILE E 123 -18.07 15.91 24.20
C ILE E 123 -19.15 14.90 23.88
N GLN E 124 -20.32 15.40 23.48
CA GLN E 124 -21.46 14.53 23.16
C GLN E 124 -21.14 13.63 21.96
N ALA E 125 -20.47 14.19 20.95
CA ALA E 125 -19.98 13.36 19.80
C ALA E 125 -19.11 12.20 20.28
N VAL E 126 -18.23 12.43 21.25
CA VAL E 126 -17.42 11.36 21.83
C VAL E 126 -18.29 10.27 22.45
N ILE E 127 -19.28 10.69 23.24
CA ILE E 127 -20.19 9.75 23.90
C ILE E 127 -20.99 8.99 22.85
N ASP E 128 -21.49 9.70 21.86
CA ASP E 128 -22.32 9.10 20.80
C ASP E 128 -21.53 8.14 19.90
N ALA E 129 -20.24 8.35 19.76
CA ALA E 129 -19.36 7.41 19.05
C ALA E 129 -19.13 6.10 19.82
N GLY E 130 -19.59 6.04 21.08
CA GLY E 130 -19.49 4.83 21.86
C GLY E 130 -18.25 4.68 22.69
N ALA E 131 -17.56 5.75 23.05
CA ALA E 131 -16.27 5.62 23.74
C ALA E 131 -16.34 5.17 25.17
N LEU E 132 -17.47 5.44 25.86
CA LEU E 132 -17.51 5.26 27.33
C LEU E 132 -17.31 3.83 27.83
N PRO E 133 -17.96 2.80 27.22
CA PRO E 133 -17.76 1.43 27.73
C PRO E 133 -16.30 1.00 27.72
N ALA E 134 -15.60 1.30 26.63
CA ALA E 134 -14.19 1.00 26.56
C ALA E 134 -13.40 1.78 27.59
N LEU E 135 -13.70 3.07 27.77
CA LEU E 135 -12.93 3.89 28.72
C LEU E 135 -13.10 3.38 30.14
N VAL E 136 -14.31 2.98 30.49
CA VAL E 136 -14.57 2.46 31.84
C VAL E 136 -13.87 1.09 32.03
N GLN E 137 -13.92 0.23 31.02
CA GLN E 137 -13.18 -1.01 31.06
C GLN E 137 -11.66 -0.80 31.30
N LEU E 138 -11.07 0.21 30.66
CA LEU E 138 -9.64 0.52 30.84
C LEU E 138 -9.27 1.03 32.23
N LEU E 139 -10.26 1.42 33.05
CA LEU E 139 -9.97 1.75 34.45
C LEU E 139 -9.44 0.54 35.23
N SER E 140 -9.64 -0.64 34.70
CA SER E 140 -9.14 -1.85 35.29
C SER E 140 -7.77 -2.32 34.73
N SER E 141 -7.14 -1.51 33.88
CA SER E 141 -5.89 -1.93 33.24
C SER E 141 -4.76 -1.97 34.28
N PRO E 142 -3.92 -3.02 34.23
CA PRO E 142 -2.76 -3.01 35.08
C PRO E 142 -1.64 -2.14 34.51
N ASN E 143 -1.84 -1.55 33.35
CA ASN E 143 -0.85 -0.68 32.72
C ASN E 143 -1.15 0.73 33.12
N GLU E 144 -0.31 1.28 33.97
CA GLU E 144 -0.51 2.64 34.49
C GLU E 144 -0.61 3.68 33.39
N GLN E 145 0.10 3.48 32.32
CA GLN E 145 0.12 4.48 31.28
C GLN E 145 -1.25 4.52 30.58
N ILE E 146 -1.81 3.36 30.32
CA ILE E 146 -3.10 3.26 29.67
C ILE E 146 -4.22 3.75 30.61
N LEU E 147 -4.19 3.28 31.85
CA LEU E 147 -5.10 3.74 32.89
C LEU E 147 -5.11 5.30 32.99
N GLN E 148 -3.93 5.89 33.11
CA GLN E 148 -3.80 7.34 33.18
C GLN E 148 -4.41 8.05 31.98
N GLU E 149 -4.23 7.55 30.73
CA GLU E 149 -4.86 8.23 29.61
C GLU E 149 -6.39 8.04 29.52
N ALA E 150 -6.87 6.87 29.88
CA ALA E 150 -8.29 6.62 29.93
C ALA E 150 -8.96 7.55 31.00
N LEU E 151 -8.32 7.68 32.17
CA LEU E 151 -8.79 8.54 33.21
C LEU E 151 -8.89 9.98 32.77
N TRP E 152 -7.88 10.49 32.09
CA TRP E 152 -8.02 11.84 31.53
C TRP E 152 -9.18 11.98 30.54
N ALA E 153 -9.41 10.97 29.69
CA ALA E 153 -10.53 11.06 28.78
C ALA E 153 -11.89 11.11 29.50
N LEU E 154 -12.07 10.23 30.49
CA LEU E 154 -13.29 10.22 31.31
C LEU E 154 -13.51 11.57 32.03
N SER E 155 -12.43 12.09 32.61
CA SER E 155 -12.47 13.33 33.33
C SER E 155 -12.94 14.48 32.43
N ASN E 156 -12.45 14.52 31.20
CA ASN E 156 -12.81 15.54 30.26
C ASN E 156 -14.28 15.38 29.87
N ILE E 157 -14.73 14.15 29.67
CA ILE E 157 -16.14 13.93 29.30
C ILE E 157 -17.03 14.49 30.44
N ALA E 158 -16.65 14.19 31.68
CA ALA E 158 -17.35 14.69 32.85
C ALA E 158 -17.22 16.20 33.09
N SER E 159 -16.41 16.90 32.30
CA SER E 159 -16.38 18.36 32.36
C SER E 159 -17.46 19.00 31.50
N GLY E 160 -18.30 18.21 30.87
CA GLY E 160 -19.42 18.76 30.15
C GLY E 160 -20.64 19.14 30.98
N GLY E 161 -21.81 19.17 30.31
CA GLY E 161 -23.04 19.49 30.97
C GLY E 161 -23.55 18.31 31.76
N ASN E 162 -24.69 18.51 32.42
CA ASN E 162 -25.20 17.50 33.35
C ASN E 162 -25.57 16.18 32.66
N GLU E 163 -26.05 16.28 31.43
CA GLU E 163 -26.36 15.07 30.67
C GLU E 163 -25.10 14.26 30.31
N GLN E 164 -24.01 14.96 29.96
CA GLN E 164 -22.76 14.31 29.69
C GLN E 164 -22.19 13.64 30.97
N ILE E 165 -22.27 14.36 32.11
CA ILE E 165 -21.84 13.81 33.37
C ILE E 165 -22.63 12.56 33.67
N GLN E 166 -23.93 12.63 33.41
CA GLN E 166 -24.83 11.50 33.76
C GLN E 166 -24.48 10.27 32.88
N ALA E 167 -24.10 10.49 31.63
CA ALA E 167 -23.61 9.40 30.76
C ALA E 167 -22.42 8.66 31.39
N VAL E 168 -21.48 9.41 31.97
CA VAL E 168 -20.33 8.83 32.67
C VAL E 168 -20.75 7.97 33.82
N ILE E 169 -21.67 8.51 34.64
CA ILE E 169 -22.20 7.79 35.79
C ILE E 169 -22.92 6.52 35.32
N ASP E 170 -23.74 6.64 34.30
CA ASP E 170 -24.54 5.51 33.84
C ASP E 170 -23.67 4.41 33.18
N ALA E 171 -22.46 4.76 32.72
CA ALA E 171 -21.55 3.80 32.17
C ALA E 171 -20.81 3.04 33.27
N GLY E 172 -21.03 3.39 34.53
CA GLY E 172 -20.46 2.59 35.62
C GLY E 172 -19.06 2.99 36.07
N ALA E 173 -18.65 4.21 35.83
CA ALA E 173 -17.34 4.65 36.20
C ALA E 173 -17.12 4.83 37.68
N LEU E 174 -18.16 5.17 38.44
CA LEU E 174 -17.92 5.64 39.82
C LEU E 174 -17.26 4.64 40.77
N PRO E 175 -17.68 3.36 40.78
CA PRO E 175 -17.04 2.44 41.70
C PRO E 175 -15.52 2.34 41.51
N ALA E 176 -15.05 2.32 40.27
CA ALA E 176 -13.63 2.26 40.02
C ALA E 176 -12.97 3.56 40.46
N LEU E 177 -13.61 4.70 40.19
CA LEU E 177 -13.02 5.98 40.55
C LEU E 177 -12.87 6.10 42.07
N VAL E 178 -13.86 5.62 42.81
CA VAL E 178 -13.80 5.72 44.24
C VAL E 178 -12.73 4.78 44.78
N GLN E 179 -12.65 3.59 44.20
CA GLN E 179 -11.56 2.65 44.58
C GLN E 179 -10.17 3.29 44.35
N LEU E 180 -10.01 4.03 43.26
CA LEU E 180 -8.73 4.71 42.99
C LEU E 180 -8.34 5.80 43.97
N LEU E 181 -9.27 6.29 44.80
CA LEU E 181 -8.93 7.26 45.84
C LEU E 181 -8.04 6.67 46.92
N SER E 182 -8.05 5.35 47.01
CA SER E 182 -7.10 4.62 47.87
C SER E 182 -5.74 4.29 47.21
N SER E 183 -5.51 4.71 45.97
CA SER E 183 -4.28 4.32 45.28
C SER E 183 -3.10 4.99 45.93
N PRO E 184 -1.99 4.21 46.15
CA PRO E 184 -0.74 4.84 46.55
C PRO E 184 -0.06 5.64 45.43
N ASN E 185 -0.61 5.60 44.21
CA ASN E 185 0.04 6.22 43.06
C ASN E 185 -0.57 7.63 42.93
N GLU E 186 0.27 8.64 43.23
CA GLU E 186 -0.12 10.05 43.17
C GLU E 186 -0.59 10.55 41.81
N GLN E 187 -0.07 10.00 40.70
CA GLN E 187 -0.61 10.36 39.39
C GLN E 187 -2.03 9.84 39.22
N ILE E 188 -2.25 8.56 39.52
CA ILE E 188 -3.58 7.98 39.40
C ILE E 188 -4.58 8.72 40.37
N LEU E 189 -4.18 8.90 41.61
CA LEU E 189 -4.95 9.60 42.62
C LEU E 189 -5.38 10.99 42.14
N GLN E 190 -4.43 11.78 41.66
CA GLN E 190 -4.75 13.09 41.09
C GLN E 190 -5.82 13.02 40.02
N GLU E 191 -5.65 12.09 39.09
CA GLU E 191 -6.62 11.98 37.99
C GLU E 191 -8.00 11.52 38.45
N ALA E 192 -8.04 10.63 39.41
CA ALA E 192 -9.28 10.12 39.92
C ALA E 192 -10.03 11.27 40.62
N LEU E 193 -9.28 12.14 41.26
CA LEU E 193 -9.81 13.34 41.90
C LEU E 193 -10.30 14.34 40.90
N TRP E 194 -9.62 14.56 39.80
CA TRP E 194 -10.16 15.39 38.70
C TRP E 194 -11.46 14.84 38.19
N ALA E 195 -11.50 13.52 37.94
CA ALA E 195 -12.71 12.89 37.42
C ALA E 195 -13.89 13.05 38.40
N LEU E 196 -13.71 12.70 39.66
CA LEU E 196 -14.76 12.82 40.65
C LEU E 196 -15.14 14.30 40.87
N SER E 197 -14.19 15.23 40.89
CA SER E 197 -14.50 16.63 40.99
C SER E 197 -15.41 17.10 39.87
N ASN E 198 -15.09 16.69 38.64
CA ASN E 198 -15.89 17.07 37.52
C ASN E 198 -17.28 16.46 37.58
N ILE E 199 -17.40 15.22 37.97
CA ILE E 199 -18.73 14.62 38.13
C ILE E 199 -19.53 15.42 39.21
N ALA E 200 -18.86 15.79 40.29
CA ALA E 200 -19.45 16.57 41.34
C ALA E 200 -19.70 18.06 40.99
N SER E 201 -19.37 18.47 39.75
CA SER E 201 -19.66 19.81 39.28
C SER E 201 -21.02 19.85 38.59
N GLY E 202 -21.78 18.74 38.56
CA GLY E 202 -23.09 18.73 37.94
C GLY E 202 -24.20 19.09 38.94
N GLY E 203 -25.40 18.62 38.67
CA GLY E 203 -26.56 18.94 39.55
C GLY E 203 -26.51 18.08 40.80
N ASN E 204 -27.54 18.31 41.63
CA ASN E 204 -27.60 17.66 42.91
C ASN E 204 -27.63 16.14 42.78
N GLU E 205 -28.35 15.61 41.77
CA GLU E 205 -28.45 14.17 41.60
C GLU E 205 -27.03 13.52 41.24
N GLN E 206 -26.25 14.29 40.49
CA GLN E 206 -24.90 13.87 40.13
C GLN E 206 -23.95 13.90 41.28
N ILE E 207 -24.02 14.98 42.08
CA ILE E 207 -23.27 15.03 43.31
C ILE E 207 -23.64 13.88 44.19
N GLN E 208 -24.91 13.57 44.24
CA GLN E 208 -25.39 12.51 45.17
C GLN E 208 -24.93 11.12 44.77
N ALA E 209 -24.84 10.86 43.46
CA ALA E 209 -24.23 9.62 42.98
C ALA E 209 -22.79 9.48 43.51
N VAL E 210 -22.02 10.57 43.48
CA VAL E 210 -20.65 10.54 44.02
C VAL E 210 -20.66 10.17 45.49
N ILE E 211 -21.56 10.80 46.26
CA ILE E 211 -21.69 10.54 47.71
C ILE E 211 -22.09 9.10 47.96
N ASP E 212 -23.08 8.64 47.21
CA ASP E 212 -23.61 7.29 47.37
C ASP E 212 -22.59 6.19 46.98
N ALA E 213 -21.62 6.54 46.15
CA ALA E 213 -20.57 5.55 45.75
C ALA E 213 -19.50 5.49 46.80
N GLY E 214 -19.56 6.33 47.82
CA GLY E 214 -18.67 6.21 48.97
C GLY E 214 -17.48 7.11 48.93
N ALA E 215 -17.50 8.17 48.12
CA ALA E 215 -16.30 9.01 47.99
C ALA E 215 -15.90 9.80 49.25
N LEU E 216 -16.86 10.18 50.09
CA LEU E 216 -16.59 11.15 51.18
C LEU E 216 -15.54 10.73 52.20
N PRO E 217 -15.61 9.51 52.73
CA PRO E 217 -14.59 9.15 53.74
C PRO E 217 -13.15 9.29 53.23
N ALA E 218 -12.91 8.79 52.00
CA ALA E 218 -11.57 8.91 51.40
C ALA E 218 -11.22 10.40 51.19
N LEU E 219 -12.20 11.21 50.70
CA LEU E 219 -11.88 12.60 50.44
C LEU E 219 -11.52 13.35 51.74
N VAL E 220 -12.23 13.02 52.83
CA VAL E 220 -11.97 13.66 54.08
C VAL E 220 -10.64 13.23 54.66
N GLN E 221 -10.32 11.94 54.59
CA GLN E 221 -8.97 11.50 54.98
C GLN E 221 -7.86 12.27 54.23
N LEU E 222 -8.05 12.54 52.93
CA LEU E 222 -7.02 13.23 52.17
C LEU E 222 -6.78 14.67 52.59
N LEU E 223 -7.74 15.27 53.31
CA LEU E 223 -7.54 16.59 53.87
C LEU E 223 -6.42 16.60 54.93
N SER E 224 -6.07 15.42 55.43
CA SER E 224 -4.87 15.28 56.28
C SER E 224 -3.54 15.00 55.56
N SER E 225 -3.48 15.00 54.24
CA SER E 225 -2.25 14.65 53.52
C SER E 225 -1.15 15.69 53.72
N PRO E 226 0.10 15.23 53.92
CA PRO E 226 1.21 16.15 53.89
C PRO E 226 1.53 16.64 52.47
N ASN E 227 0.91 16.03 51.45
CA ASN E 227 1.20 16.40 50.10
C ASN E 227 0.26 17.55 49.70
N GLU E 228 0.80 18.76 49.58
CA GLU E 228 -0.07 19.93 49.27
C GLU E 228 -0.81 19.87 47.97
N GLN E 229 -0.28 19.17 46.97
CA GLN E 229 -1.00 18.99 45.72
C GLN E 229 -2.22 18.10 45.91
N ILE E 230 -2.05 16.96 46.56
CA ILE E 230 -3.19 16.04 46.82
C ILE E 230 -4.26 16.70 47.73
N LEU E 231 -3.79 17.47 48.69
CA LEU E 231 -4.67 18.17 49.63
C LEU E 231 -5.55 19.16 48.85
N GLN E 232 -4.95 19.99 48.01
CA GLN E 232 -5.71 20.91 47.16
C GLN E 232 -6.67 20.17 46.24
N GLU E 233 -6.28 18.99 45.74
CA GLU E 233 -7.17 18.24 44.86
C GLU E 233 -8.36 17.69 45.61
N ALA E 234 -8.13 17.21 46.83
CA ALA E 234 -9.23 16.67 47.64
C ALA E 234 -10.18 17.82 48.09
N LEU E 235 -9.63 19.00 48.38
CA LEU E 235 -10.41 20.17 48.68
C LEU E 235 -11.30 20.61 47.55
N TRP E 236 -10.77 20.58 46.34
CA TRP E 236 -11.54 20.89 45.16
C TRP E 236 -12.73 19.95 45.02
N ALA E 237 -12.48 18.64 45.19
CA ALA E 237 -13.57 17.68 45.12
C ALA E 237 -14.66 17.93 46.19
N LEU E 238 -14.24 18.12 47.45
CA LEU E 238 -15.16 18.37 48.54
C LEU E 238 -15.91 19.66 48.39
N SER E 239 -15.22 20.66 47.84
CA SER E 239 -15.82 21.96 47.59
C SER E 239 -16.88 21.85 46.52
N ASN E 240 -16.64 21.06 45.46
CA ASN E 240 -17.67 20.81 44.45
C ASN E 240 -18.87 20.07 45.09
N ILE E 241 -18.64 19.06 45.91
CA ILE E 241 -19.75 18.31 46.50
C ILE E 241 -20.58 19.26 47.44
N ALA E 242 -19.88 20.13 48.17
CA ALA E 242 -20.49 21.08 49.08
C ALA E 242 -21.30 22.18 48.37
N SER E 243 -21.12 22.31 47.05
CA SER E 243 -21.95 23.16 46.24
C SER E 243 -23.34 22.61 45.94
N GLY E 244 -23.66 21.40 46.40
CA GLY E 244 -25.00 20.87 46.13
C GLY E 244 -26.09 21.48 47.02
N GLY E 245 -27.21 20.78 47.16
CA GLY E 245 -28.26 21.23 48.09
C GLY E 245 -28.05 20.80 49.51
N ASN E 246 -29.08 20.97 50.33
CA ASN E 246 -28.98 20.65 51.75
C ASN E 246 -28.61 19.21 52.05
N GLU E 247 -29.20 18.26 51.35
CA GLU E 247 -28.82 16.84 51.58
C GLU E 247 -27.32 16.56 51.35
N GLN E 248 -26.76 17.28 50.40
CA GLN E 248 -25.35 17.06 49.98
C GLN E 248 -24.44 17.77 50.98
N LYS E 249 -24.79 19.02 51.33
CA LYS E 249 -24.04 19.74 52.37
C LYS E 249 -24.07 18.94 53.66
N GLN E 250 -25.21 18.34 53.99
CA GLN E 250 -25.34 17.60 55.25
C GLN E 250 -24.50 16.34 55.25
N ALA E 251 -24.45 15.64 54.11
CA ALA E 251 -23.57 14.45 53.98
C ALA E 251 -22.09 14.82 54.20
N VAL E 252 -21.68 15.96 53.68
CA VAL E 252 -20.32 16.45 53.90
C VAL E 252 -20.03 16.74 55.37
N LYS E 253 -20.99 17.36 56.06
CA LYS E 253 -20.87 17.58 57.53
C LYS E 253 -20.81 16.29 58.28
N GLU E 254 -21.68 15.32 57.93
CA GLU E 254 -21.65 14.03 58.63
C GLU E 254 -20.35 13.24 58.46
N ALA E 255 -19.62 13.50 57.41
CA ALA E 255 -18.35 12.80 57.15
C ALA E 255 -17.20 13.47 57.85
N GLY E 256 -17.43 14.57 58.59
CA GLY E 256 -16.41 15.13 59.44
C GLY E 256 -15.55 16.21 58.81
N ALA E 257 -16.05 16.81 57.74
CA ALA E 257 -15.25 17.77 56.98
C ALA E 257 -15.01 19.08 57.70
N LEU E 258 -15.98 19.49 58.50
CA LEU E 258 -15.95 20.76 59.22
C LEU E 258 -14.69 21.02 59.99
N GLU E 259 -14.38 20.11 60.91
CA GLU E 259 -13.19 20.30 61.76
C GLU E 259 -11.95 20.48 60.90
N LYS E 260 -11.79 19.65 59.86
CA LYS E 260 -10.60 19.72 59.00
C LYS E 260 -10.55 20.97 58.17
N LEU E 261 -11.68 21.36 57.58
CA LEU E 261 -11.72 22.60 56.80
C LEU E 261 -11.36 23.79 57.65
N GLU E 262 -11.78 23.78 58.91
CA GLU E 262 -11.48 24.89 59.83
C GLU E 262 -9.96 24.95 60.13
N GLN E 263 -9.37 23.81 60.44
CA GLN E 263 -7.91 23.71 60.65
C GLN E 263 -7.10 24.20 59.42
N LEU E 264 -7.58 23.84 58.22
CA LEU E 264 -6.89 24.24 56.97
C LEU E 264 -6.89 25.75 56.67
N GLN E 265 -7.75 26.52 57.31
CA GLN E 265 -7.66 27.99 57.25
C GLN E 265 -6.39 28.51 57.90
N SER E 266 -5.70 27.68 58.70
CA SER E 266 -4.38 28.07 59.23
C SER E 266 -3.16 27.54 58.39
N HIS E 267 -3.43 26.94 57.24
CA HIS E 267 -2.33 26.30 56.46
C HIS E 267 -1.49 27.38 55.77
N GLU E 268 -0.19 27.18 55.76
CA GLU E 268 0.77 28.11 55.13
C GLU E 268 0.53 28.32 53.64
N ASN E 269 -0.02 27.32 52.96
CA ASN E 269 -0.27 27.41 51.53
C ASN E 269 -1.53 28.24 51.32
N GLU E 270 -1.37 29.41 50.69
CA GLU E 270 -2.49 30.37 50.52
C GLU E 270 -3.63 29.85 49.64
N LYS E 271 -3.31 29.02 48.69
CA LYS E 271 -4.35 28.42 47.83
C LYS E 271 -5.22 27.43 48.65
N ILE E 272 -4.59 26.69 49.58
CA ILE E 272 -5.31 25.77 50.46
C ILE E 272 -6.20 26.56 51.43
N GLN E 273 -5.61 27.53 52.10
CA GLN E 273 -6.32 28.50 52.95
C GLN E 273 -7.61 28.99 52.29
N LYS E 274 -7.46 29.50 51.08
CA LYS E 274 -8.56 30.10 50.35
C LYS E 274 -9.63 29.06 49.95
N GLU E 275 -9.18 27.91 49.49
CA GLU E 275 -10.11 26.87 49.05
C GLU E 275 -10.86 26.29 50.24
N ALA E 276 -10.20 26.19 51.39
CA ALA E 276 -10.84 25.73 52.63
C ALA E 276 -11.96 26.71 53.08
N GLN E 277 -11.65 28.00 53.03
CA GLN E 277 -12.58 29.05 53.43
C GLN E 277 -13.82 29.03 52.52
N GLU E 278 -13.59 28.99 51.21
CA GLU E 278 -14.67 28.87 50.24
C GLU E 278 -15.56 27.66 50.48
N ALA E 279 -14.97 26.48 50.68
CA ALA E 279 -15.75 25.24 50.91
C ALA E 279 -16.62 25.36 52.20
N LEU E 280 -16.03 25.94 53.23
CA LEU E 280 -16.72 26.15 54.48
C LEU E 280 -17.95 27.11 54.34
N GLU E 281 -17.74 28.25 53.64
CA GLU E 281 -18.83 29.19 53.34
C GLU E 281 -19.97 28.54 52.58
N LYS E 282 -19.66 27.67 51.64
CA LYS E 282 -20.71 26.90 50.91
C LYS E 282 -21.48 25.97 51.81
N LEU E 283 -20.79 25.28 52.71
CA LEU E 283 -21.48 24.35 53.66
C LEU E 283 -22.45 25.07 54.59
N GLN E 284 -22.17 26.34 54.91
CA GLN E 284 -22.99 27.12 55.82
C GLN E 284 -23.90 28.13 55.07
N SER E 285 -23.95 28.05 53.73
CA SER E 285 -24.71 28.94 52.85
C SER E 285 -26.08 28.25 52.67
N HIS E 286 -27.10 29.04 52.29
CA HIS E 286 -28.47 28.52 52.11
C HIS E 286 -28.79 28.26 50.62
N GLY E 287 -27.97 28.79 49.71
CA GLY E 287 -28.13 28.45 48.29
C GLY E 287 -27.27 27.30 47.84
N SER E 288 -27.03 27.25 46.53
CA SER E 288 -26.26 26.18 45.87
C SER E 288 -25.31 26.80 44.81
N GLY E 289 -24.48 25.95 44.19
CA GLY E 289 -23.67 26.39 43.07
C GLY E 289 -22.30 26.82 43.48
N GLY E 290 -21.53 27.30 42.53
CA GLY E 290 -20.11 27.63 42.70
C GLY E 290 -19.13 26.49 42.48
N SER E 291 -19.54 25.40 41.80
CA SER E 291 -18.61 24.29 41.52
C SER E 291 -17.69 24.63 40.32
N GLY E 292 -16.48 24.07 40.27
CA GLY E 292 -15.49 24.31 39.19
C GLY E 292 -15.28 23.05 38.34
N LYS E 293 -15.20 23.25 37.02
CA LYS E 293 -14.95 22.18 36.03
C LYS E 293 -13.53 22.39 35.49
N ARG E 294 -12.79 21.31 35.22
CA ARG E 294 -11.46 21.46 34.56
C ARG E 294 -11.29 20.53 33.38
N LYS E 295 -10.67 21.05 32.34
CA LYS E 295 -10.39 20.29 31.12
C LYS E 295 -8.86 20.17 30.96
N ARG E 296 -8.40 19.04 30.45
N ARG E 296 -8.40 19.04 30.45
CA ARG E 296 -6.98 18.84 30.09
CA ARG E 296 -6.98 18.82 30.10
C ARG E 296 -6.83 18.63 28.57
C ARG E 296 -6.82 18.64 28.58
N LYS E 297 -5.86 19.38 28.04
CA LYS E 297 -5.39 19.24 26.66
C LYS E 297 -3.91 18.81 26.73
N ALA E 298 -3.52 17.88 25.87
CA ALA E 298 -2.11 17.40 25.78
C ALA E 298 -1.68 17.37 24.31
N LYS E 299 -0.39 17.52 24.12
CA LYS E 299 0.23 17.47 22.79
C LYS E 299 1.11 16.23 22.67
N LEU E 300 1.26 15.71 21.47
CA LEU E 300 2.20 14.61 21.18
C LEU E 300 3.28 15.14 20.24
N SER E 301 4.47 15.42 20.77
CA SER E 301 5.61 15.93 20.01
C SER E 301 6.55 14.73 20.09
N PHE E 302 6.48 13.84 19.14
CA PHE E 302 7.35 12.71 19.32
C PHE E 302 8.34 12.87 18.17
N SER F 4 -15.42 25.58 -2.89
CA SER F 4 -16.54 25.00 -3.64
C SER F 4 -16.17 24.81 -5.13
N GLU F 5 -16.31 23.55 -5.56
CA GLU F 5 -16.12 23.07 -6.94
C GLU F 5 -17.33 23.31 -7.90
N LEU F 6 -18.48 23.72 -7.34
CA LEU F 6 -19.74 23.83 -8.00
C LEU F 6 -19.77 24.83 -9.14
N PRO F 7 -19.19 26.04 -8.99
CA PRO F 7 -19.15 26.96 -10.12
C PRO F 7 -18.49 26.38 -11.38
N GLN F 8 -17.38 25.66 -11.20
CA GLN F 8 -16.71 25.01 -12.31
C GLN F 8 -17.65 23.94 -12.93
N MET F 9 -18.32 23.14 -12.08
CA MET F 9 -19.22 22.11 -12.58
C MET F 9 -20.31 22.73 -13.47
N VAL F 10 -20.82 23.87 -13.04
CA VAL F 10 -21.86 24.52 -13.80
C VAL F 10 -21.30 25.07 -15.11
N GLN F 11 -20.12 25.70 -15.05
CA GLN F 11 -19.46 26.13 -16.29
C GLN F 11 -19.29 24.98 -17.29
N GLN F 12 -18.91 23.81 -16.77
CA GLN F 12 -18.68 22.64 -17.63
C GLN F 12 -19.91 22.08 -18.31
N LEU F 13 -21.11 22.50 -17.85
CA LEU F 13 -22.33 22.08 -18.51
C LEU F 13 -22.44 22.63 -19.93
N ASN F 14 -21.63 23.67 -20.26
CA ASN F 14 -21.53 24.18 -21.63
C ASN F 14 -20.31 23.67 -22.48
N SER F 15 -19.57 22.67 -21.96
CA SER F 15 -18.35 22.23 -22.62
C SER F 15 -18.61 21.54 -23.96
N PRO F 16 -17.81 21.85 -24.99
CA PRO F 16 -17.88 21.03 -26.21
C PRO F 16 -17.32 19.58 -26.02
N ASP F 17 -16.58 19.34 -24.95
CA ASP F 17 -16.11 18.01 -24.65
C ASP F 17 -17.18 17.27 -23.87
N GLN F 18 -17.85 16.31 -24.56
CA GLN F 18 -18.92 15.53 -23.95
C GLN F 18 -18.50 14.80 -22.65
N GLN F 19 -17.23 14.39 -22.56
CA GLN F 19 -16.75 13.74 -21.38
C GLN F 19 -16.75 14.72 -20.18
N GLU F 20 -16.28 15.96 -20.42
CA GLU F 20 -16.25 16.95 -19.35
C GLU F 20 -17.69 17.34 -18.86
N LEU F 21 -18.59 17.43 -19.86
CA LEU F 21 -19.97 17.80 -19.65
C LEU F 21 -20.68 16.75 -18.81
N GLN F 22 -20.65 15.49 -19.28
CA GLN F 22 -21.32 14.36 -18.64
C GLN F 22 -20.79 14.17 -17.22
N SER F 23 -19.51 14.40 -17.03
CA SER F 23 -18.92 14.28 -15.74
C SER F 23 -19.46 15.35 -14.75
N ALA F 24 -19.53 16.61 -15.22
CA ALA F 24 -20.02 17.67 -14.38
C ALA F 24 -21.54 17.48 -14.00
N LEU F 25 -22.30 17.02 -15.00
CA LEU F 25 -23.72 16.74 -14.89
C LEU F 25 -24.00 15.64 -13.88
N ARG F 26 -23.24 14.55 -13.96
CA ARG F 26 -23.36 13.46 -13.00
C ARG F 26 -23.04 13.93 -11.59
N LYS F 27 -21.99 14.74 -11.42
CA LYS F 27 -21.67 15.23 -10.07
C LYS F 27 -22.83 16.07 -9.50
N LEU F 28 -23.41 16.95 -10.32
CA LEU F 28 -24.53 17.80 -9.89
C LEU F 28 -25.74 16.94 -9.51
N GLN F 29 -26.04 15.96 -10.37
CA GLN F 29 -27.13 15.01 -10.12
C GLN F 29 -26.98 14.34 -8.76
N GLN F 30 -25.76 13.92 -8.46
CA GLN F 30 -25.47 13.26 -7.20
C GLN F 30 -25.49 14.20 -5.95
N ILE F 31 -24.99 15.41 -6.10
CA ILE F 31 -25.05 16.40 -5.02
C ILE F 31 -26.51 16.68 -4.65
N ALA F 32 -27.39 16.73 -5.66
CA ALA F 32 -28.83 16.95 -5.48
C ALA F 32 -29.57 15.77 -4.84
N MET F 33 -28.91 14.61 -4.67
CA MET F 33 -29.40 13.53 -3.81
C MET F 33 -29.23 13.82 -2.31
N GLY F 34 -28.45 14.82 -1.94
CA GLY F 34 -28.00 14.96 -0.56
C GLY F 34 -28.82 15.82 0.40
N GLY F 35 -30.08 16.12 0.07
CA GLY F 35 -30.95 16.88 0.95
C GLY F 35 -31.05 18.33 0.55
N ASN F 36 -31.90 19.06 1.23
CA ASN F 36 -32.31 20.38 0.76
C ASN F 36 -31.22 21.46 0.81
N GLU F 37 -30.29 21.36 1.76
CA GLU F 37 -29.17 22.31 1.79
C GLU F 37 -28.25 22.12 0.58
N GLN F 38 -27.93 20.86 0.30
CA GLN F 38 -27.18 20.51 -0.89
C GLN F 38 -27.91 20.92 -2.17
N ILE F 39 -29.25 20.70 -2.23
CA ILE F 39 -30.01 21.14 -3.39
C ILE F 39 -29.84 22.65 -3.54
N GLN F 40 -29.90 23.37 -2.42
CA GLN F 40 -29.85 24.84 -2.49
C GLN F 40 -28.49 25.30 -3.01
N ALA F 41 -27.42 24.61 -2.63
CA ALA F 41 -26.06 24.89 -3.17
C ALA F 41 -26.02 24.79 -4.70
N VAL F 42 -26.67 23.77 -5.24
CA VAL F 42 -26.76 23.58 -6.71
C VAL F 42 -27.53 24.73 -7.38
N ILE F 43 -28.68 25.11 -6.79
CA ILE F 43 -29.49 26.21 -7.31
C ILE F 43 -28.68 27.53 -7.24
N ASP F 44 -28.08 27.77 -6.09
CA ASP F 44 -27.25 28.99 -5.88
C ASP F 44 -26.02 29.07 -6.80
N ALA F 45 -25.43 27.94 -7.18
CA ALA F 45 -24.32 27.94 -8.17
C ALA F 45 -24.77 28.28 -9.61
N GLY F 46 -26.10 28.32 -9.85
CA GLY F 46 -26.64 28.70 -11.13
C GLY F 46 -26.93 27.52 -12.02
N ALA F 47 -27.04 26.32 -11.50
CA ALA F 47 -27.19 25.15 -12.34
C ALA F 47 -28.48 25.09 -13.19
N LEU F 48 -29.57 25.68 -12.72
CA LEU F 48 -30.88 25.44 -13.35
C LEU F 48 -31.04 25.82 -14.82
N PRO F 49 -30.60 27.02 -15.21
CA PRO F 49 -30.74 27.37 -16.65
C PRO F 49 -30.05 26.41 -17.59
N ALA F 50 -28.87 25.93 -17.20
CA ALA F 50 -28.10 24.96 -17.98
C ALA F 50 -28.80 23.60 -18.02
N LEU F 51 -29.32 23.14 -16.90
CA LEU F 51 -30.04 21.87 -16.85
C LEU F 51 -31.25 21.93 -17.74
N VAL F 52 -31.98 23.07 -17.69
CA VAL F 52 -33.14 23.22 -18.54
C VAL F 52 -32.73 23.21 -20.02
N GLN F 53 -31.69 23.95 -20.35
CA GLN F 53 -31.13 23.95 -21.73
C GLN F 53 -30.82 22.52 -22.22
N LEU F 54 -30.23 21.71 -21.34
CA LEU F 54 -29.91 20.34 -21.69
C LEU F 54 -31.09 19.40 -21.93
N LEU F 55 -32.30 19.82 -21.59
CA LEU F 55 -33.49 19.06 -21.95
C LEU F 55 -33.71 19.07 -23.47
N SER F 56 -33.12 20.02 -24.16
CA SER F 56 -33.09 19.98 -25.61
C SER F 56 -31.95 19.18 -26.26
N SER F 57 -31.10 18.52 -25.48
CA SER F 57 -29.92 17.83 -26.05
C SER F 57 -30.36 16.65 -26.93
N PRO F 58 -29.73 16.47 -28.07
CA PRO F 58 -30.00 15.26 -28.83
C PRO F 58 -29.23 14.01 -28.28
N ASN F 59 -28.36 14.17 -27.29
CA ASN F 59 -27.68 13.07 -26.66
C ASN F 59 -28.55 12.49 -25.53
N GLU F 60 -29.07 11.28 -25.73
CA GLU F 60 -29.92 10.65 -24.73
C GLU F 60 -29.27 10.41 -23.37
N GLN F 61 -27.97 10.27 -23.28
CA GLN F 61 -27.33 10.10 -21.99
C GLN F 61 -27.35 11.41 -21.23
N ILE F 62 -27.10 12.48 -21.94
CA ILE F 62 -27.11 13.82 -21.34
C ILE F 62 -28.55 14.19 -20.87
N LEU F 63 -29.53 14.01 -21.76
CA LEU F 63 -30.91 14.19 -21.46
C LEU F 63 -31.37 13.41 -20.21
N ALA F 64 -31.04 12.11 -20.15
CA ALA F 64 -31.45 11.31 -19.02
C ALA F 64 -30.82 11.80 -17.73
N SER F 65 -29.58 12.25 -17.78
CA SER F 65 -28.93 12.78 -16.59
C SER F 65 -29.46 14.13 -16.19
N ALA F 66 -29.81 14.97 -17.14
CA ALA F 66 -30.36 16.30 -16.84
C ALA F 66 -31.74 16.15 -16.15
N LEU F 67 -32.53 15.17 -16.63
CA LEU F 67 -33.81 14.84 -16.09
C LEU F 67 -33.65 14.37 -14.66
N GLY F 68 -32.68 13.47 -14.45
CA GLY F 68 -32.32 13.02 -13.16
C GLY F 68 -31.96 14.14 -12.21
N ALA F 69 -31.12 15.06 -12.64
CA ALA F 69 -30.69 16.15 -11.80
C ALA F 69 -31.93 17.06 -11.42
N LEU F 70 -32.75 17.42 -12.42
CA LEU F 70 -33.91 18.25 -12.21
C LEU F 70 -34.95 17.56 -11.28
N ALA F 71 -35.14 16.24 -11.47
CA ALA F 71 -36.00 15.48 -10.58
C ALA F 71 -35.52 15.57 -9.15
N ASN F 72 -34.22 15.44 -8.94
CA ASN F 72 -33.65 15.46 -7.59
C ASN F 72 -33.79 16.85 -6.94
N ILE F 73 -33.56 17.91 -7.72
CA ILE F 73 -33.73 19.27 -7.22
C ILE F 73 -35.21 19.45 -6.80
N ALA F 74 -36.13 18.95 -7.64
CA ALA F 74 -37.57 19.01 -7.34
C ALA F 74 -38.07 18.07 -6.21
N SER F 75 -37.18 17.29 -5.64
CA SER F 75 -37.46 16.55 -4.42
C SER F 75 -37.22 17.42 -3.18
N GLY F 76 -36.85 18.68 -3.35
CA GLY F 76 -36.61 19.57 -2.23
C GLY F 76 -37.88 20.29 -1.71
N GLY F 77 -37.68 21.45 -1.08
CA GLY F 77 -38.77 22.25 -0.54
C GLY F 77 -39.58 22.89 -1.67
N ASN F 78 -40.73 23.45 -1.30
CA ASN F 78 -41.64 24.07 -2.27
C ASN F 78 -40.96 25.21 -3.03
N GLU F 79 -40.09 25.96 -2.35
CA GLU F 79 -39.33 27.04 -3.01
C GLU F 79 -38.26 26.54 -4.03
N GLN F 80 -37.70 25.38 -3.74
CA GLN F 80 -36.77 24.69 -4.64
C GLN F 80 -37.54 24.18 -5.83
N ILE F 81 -38.73 23.63 -5.61
CA ILE F 81 -39.59 23.23 -6.70
C ILE F 81 -39.94 24.43 -7.56
N GLN F 82 -40.24 25.54 -6.90
CA GLN F 82 -40.62 26.76 -7.65
C GLN F 82 -39.47 27.26 -8.50
N ALA F 83 -38.25 27.17 -7.99
CA ALA F 83 -37.04 27.53 -8.81
C ALA F 83 -36.97 26.71 -10.15
N VAL F 84 -37.25 25.42 -10.06
CA VAL F 84 -37.32 24.58 -11.26
C VAL F 84 -38.38 25.10 -12.23
N ILE F 85 -39.58 25.42 -11.72
CA ILE F 85 -40.68 25.92 -12.56
C ILE F 85 -40.27 27.28 -13.17
N ASP F 86 -39.66 28.12 -12.35
CA ASP F 86 -39.23 29.47 -12.78
C ASP F 86 -38.13 29.42 -13.84
N ALA F 87 -37.27 28.40 -13.80
CA ALA F 87 -36.27 28.24 -14.85
C ALA F 87 -36.88 27.77 -16.19
N GLY F 88 -38.17 27.42 -16.19
CA GLY F 88 -38.83 27.08 -17.43
C GLY F 88 -38.87 25.60 -17.79
N ALA F 89 -38.71 24.71 -16.80
CA ALA F 89 -38.65 23.29 -17.13
C ALA F 89 -39.94 22.68 -17.64
N LEU F 90 -41.11 23.19 -17.24
CA LEU F 90 -42.35 22.51 -17.46
C LEU F 90 -42.72 22.25 -18.95
N PRO F 91 -42.59 23.24 -19.84
CA PRO F 91 -43.03 22.95 -21.19
C PRO F 91 -42.18 21.80 -21.86
N ALA F 92 -40.87 21.81 -21.59
CA ALA F 92 -40.02 20.70 -22.05
C ALA F 92 -40.43 19.36 -21.43
N LEU F 93 -40.69 19.32 -20.11
CA LEU F 93 -41.08 18.07 -19.47
C LEU F 93 -42.39 17.53 -20.02
N VAL F 94 -43.34 18.45 -20.24
CA VAL F 94 -44.63 18.01 -20.75
C VAL F 94 -44.49 17.46 -22.17
N GLN F 95 -43.71 18.16 -23.01
CA GLN F 95 -43.43 17.63 -24.36
C GLN F 95 -42.75 16.22 -24.29
N LEU F 96 -41.87 16.01 -23.32
CA LEU F 96 -41.23 14.67 -23.14
C LEU F 96 -42.19 13.53 -22.79
N LEU F 97 -43.41 13.86 -22.39
CA LEU F 97 -44.40 12.80 -22.12
C LEU F 97 -44.83 12.11 -23.39
N SER F 98 -44.52 12.70 -24.52
CA SER F 98 -44.76 12.05 -25.82
C SER F 98 -43.53 11.30 -26.37
N SER F 99 -42.44 11.17 -25.61
CA SER F 99 -41.21 10.53 -26.11
C SER F 99 -41.47 9.08 -26.43
N PRO F 100 -40.94 8.56 -27.54
CA PRO F 100 -41.02 7.12 -27.76
C PRO F 100 -39.96 6.32 -26.95
N ASN F 101 -39.07 7.01 -26.25
CA ASN F 101 -38.04 6.40 -25.47
C ASN F 101 -38.55 6.19 -24.03
N GLU F 102 -38.75 4.95 -23.65
CA GLU F 102 -39.29 4.61 -22.35
C GLU F 102 -38.48 5.11 -21.20
N GLN F 103 -37.17 5.24 -21.36
CA GLN F 103 -36.35 5.69 -20.27
C GLN F 103 -36.54 7.20 -20.02
N ILE F 104 -36.50 7.96 -21.09
CA ILE F 104 -36.76 9.38 -21.06
C ILE F 104 -38.17 9.69 -20.49
N LEU F 105 -39.17 8.97 -20.99
CA LEU F 105 -40.53 9.08 -20.54
C LEU F 105 -40.63 8.85 -19.02
N GLN F 106 -40.04 7.75 -18.54
CA GLN F 106 -40.04 7.46 -17.13
C GLN F 106 -39.45 8.57 -16.31
N PHE F 107 -38.32 9.09 -16.72
CA PHE F 107 -37.62 10.11 -15.95
C PHE F 107 -38.37 11.44 -16.00
N ALA F 108 -39.00 11.75 -17.11
CA ALA F 108 -39.83 12.93 -17.25
C ALA F 108 -41.05 12.90 -16.28
N LEU F 109 -41.66 11.73 -16.17
CA LEU F 109 -42.78 11.51 -15.33
C LEU F 109 -42.40 11.68 -13.90
N ILE F 110 -41.26 11.14 -13.49
CA ILE F 110 -40.80 11.29 -12.16
C ILE F 110 -40.51 12.74 -11.83
N ALA F 111 -39.86 13.46 -12.71
CA ALA F 111 -39.64 14.88 -12.48
C ALA F 111 -40.95 15.66 -12.33
N LEU F 112 -41.91 15.45 -13.22
CA LEU F 112 -43.24 16.07 -13.11
C LEU F 112 -43.91 15.73 -11.80
N ALA F 113 -43.91 14.46 -11.41
CA ALA F 113 -44.50 14.01 -10.18
C ALA F 113 -43.91 14.73 -9.02
N ASN F 114 -42.59 14.89 -8.98
CA ASN F 114 -41.90 15.61 -7.88
C ASN F 114 -42.35 17.10 -7.86
N ILE F 115 -42.47 17.72 -9.02
CA ILE F 115 -42.91 19.10 -9.07
C ILE F 115 -44.35 19.20 -8.50
N ALA F 116 -45.19 18.25 -8.87
CA ALA F 116 -46.58 18.16 -8.37
C ALA F 116 -46.69 17.67 -6.93
N SER F 117 -45.58 17.39 -6.26
CA SER F 117 -45.58 17.19 -4.83
C SER F 117 -45.35 18.50 -4.04
N GLY F 118 -45.32 19.63 -4.74
CA GLY F 118 -45.17 20.90 -4.06
C GLY F 118 -46.52 21.43 -3.52
N GLY F 119 -46.52 22.72 -3.25
CA GLY F 119 -47.74 23.41 -2.81
C GLY F 119 -48.70 23.54 -3.96
N ASN F 120 -49.88 24.05 -3.62
CA ASN F 120 -50.98 24.11 -4.57
C ASN F 120 -50.63 24.92 -5.80
N GLU F 121 -49.88 25.99 -5.61
CA GLU F 121 -49.43 26.83 -6.71
C GLU F 121 -48.46 26.09 -7.69
N GLN F 122 -47.57 25.27 -7.13
CA GLN F 122 -46.69 24.44 -7.93
C GLN F 122 -47.52 23.39 -8.73
N ILE F 123 -48.52 22.79 -8.06
CA ILE F 123 -49.37 21.83 -8.70
C ILE F 123 -50.12 22.45 -9.85
N GLN F 124 -50.61 23.68 -9.62
CA GLN F 124 -51.39 24.39 -10.64
C GLN F 124 -50.53 24.68 -11.87
N ALA F 125 -49.27 25.07 -11.66
CA ALA F 125 -48.32 25.25 -12.79
C ALA F 125 -48.21 23.96 -13.67
N VAL F 126 -48.17 22.79 -13.04
CA VAL F 126 -48.17 21.53 -13.79
C VAL F 126 -49.42 21.37 -14.63
N ILE F 127 -50.59 21.66 -14.04
CA ILE F 127 -51.86 21.54 -14.75
C ILE F 127 -51.90 22.56 -15.89
N ASP F 128 -51.46 23.80 -15.61
CA ASP F 128 -51.51 24.87 -16.60
C ASP F 128 -50.55 24.65 -17.75
N ALA F 129 -49.45 23.93 -17.51
CA ALA F 129 -48.54 23.54 -18.58
C ALA F 129 -49.13 22.47 -19.51
N GLY F 130 -50.28 21.93 -19.18
CA GLY F 130 -50.95 20.97 -20.04
C GLY F 130 -50.61 19.51 -19.80
N ALA F 131 -50.20 19.14 -18.61
CA ALA F 131 -49.73 17.75 -18.39
C ALA F 131 -50.84 16.71 -18.35
N LEU F 132 -52.06 17.13 -17.97
CA LEU F 132 -53.14 16.20 -17.63
C LEU F 132 -53.59 15.26 -18.75
N PRO F 133 -53.81 15.75 -19.98
CA PRO F 133 -54.32 14.84 -21.03
C PRO F 133 -53.33 13.68 -21.29
N ALA F 134 -52.07 14.00 -21.34
CA ALA F 134 -51.03 12.97 -21.47
C ALA F 134 -51.03 12.01 -20.28
N LEU F 135 -51.14 12.55 -19.04
CA LEU F 135 -51.08 11.69 -17.87
C LEU F 135 -52.25 10.73 -17.84
N VAL F 136 -53.44 11.22 -18.21
CA VAL F 136 -54.61 10.36 -18.20
C VAL F 136 -54.52 9.31 -19.29
N GLN F 137 -54.04 9.69 -20.47
CA GLN F 137 -53.79 8.72 -21.53
C GLN F 137 -52.85 7.59 -21.09
N LEU F 138 -51.78 7.93 -20.34
CA LEU F 138 -50.83 6.92 -19.86
C LEU F 138 -51.40 5.97 -18.82
N LEU F 139 -52.56 6.25 -18.25
CA LEU F 139 -53.24 5.25 -17.40
C LEU F 139 -53.63 4.01 -18.13
N SER F 140 -53.69 4.10 -19.44
CA SER F 140 -53.96 2.97 -20.30
C SER F 140 -52.71 2.36 -20.91
N SER F 141 -51.53 2.71 -20.43
CA SER F 141 -50.27 2.13 -20.96
C SER F 141 -50.19 0.66 -20.57
N PRO F 142 -49.77 -0.21 -21.50
CA PRO F 142 -49.54 -1.59 -21.12
C PRO F 142 -48.20 -1.76 -20.42
N ASN F 143 -47.41 -0.71 -20.30
CA ASN F 143 -46.10 -0.75 -19.65
C ASN F 143 -46.29 -0.39 -18.22
N GLU F 144 -46.18 -1.37 -17.35
CA GLU F 144 -46.45 -1.16 -15.93
C GLU F 144 -45.56 -0.07 -15.30
N GLN F 145 -44.34 0.06 -15.79
CA GLN F 145 -43.45 1.00 -15.21
C GLN F 145 -43.92 2.43 -15.54
N ILE F 146 -44.35 2.64 -16.77
CA ILE F 146 -44.84 3.93 -17.19
C ILE F 146 -46.19 4.25 -16.49
N LEU F 147 -47.11 3.30 -16.51
CA LEU F 147 -48.38 3.39 -15.81
C LEU F 147 -48.15 3.83 -14.30
N GLN F 148 -47.29 3.12 -13.62
CA GLN F 148 -46.97 3.43 -12.22
C GLN F 148 -46.45 4.86 -12.05
N GLU F 149 -45.58 5.37 -12.92
CA GLU F 149 -45.09 6.73 -12.75
C GLU F 149 -46.18 7.82 -13.12
N ALA F 150 -47.00 7.55 -14.11
CA ALA F 150 -48.07 8.42 -14.44
C ALA F 150 -49.10 8.50 -13.28
N LEU F 151 -49.40 7.35 -12.68
CA LEU F 151 -50.28 7.27 -11.54
C LEU F 151 -49.76 8.05 -10.39
N TRP F 152 -48.46 7.95 -10.06
CA TRP F 152 -47.92 8.81 -9.01
C TRP F 152 -48.07 10.31 -9.34
N ALA F 153 -47.85 10.72 -10.59
CA ALA F 153 -48.02 12.11 -10.93
C ALA F 153 -49.49 12.59 -10.75
N LEU F 154 -50.46 11.81 -11.23
CA LEU F 154 -51.86 12.11 -11.05
C LEU F 154 -52.26 12.20 -9.56
N SER F 155 -51.80 11.24 -8.76
CA SER F 155 -52.06 11.20 -7.36
C SER F 155 -51.57 12.45 -6.65
N ASN F 156 -50.38 12.90 -7.02
CA ASN F 156 -49.79 14.09 -6.44
C ASN F 156 -50.61 15.31 -6.87
N ILE F 157 -51.04 15.38 -8.12
CA ILE F 157 -51.82 16.50 -8.60
C ILE F 157 -53.12 16.58 -7.74
N ALA F 158 -53.76 15.43 -7.52
CA ALA F 158 -54.95 15.34 -6.72
C ALA F 158 -54.74 15.58 -5.23
N SER F 159 -53.48 15.73 -4.78
CA SER F 159 -53.23 16.14 -3.40
C SER F 159 -53.25 17.63 -3.22
N GLY F 160 -53.55 18.38 -4.26
CA GLY F 160 -53.75 19.84 -4.14
C GLY F 160 -55.12 20.23 -3.58
N GLY F 161 -55.48 21.49 -3.81
CA GLY F 161 -56.77 22.01 -3.36
C GLY F 161 -57.88 21.52 -4.25
N ASN F 162 -59.08 21.94 -3.97
CA ASN F 162 -60.27 21.47 -4.68
C ASN F 162 -60.26 21.86 -6.16
N GLU F 163 -59.67 23.00 -6.50
CA GLU F 163 -59.55 23.36 -7.91
C GLU F 163 -58.62 22.38 -8.71
N GLN F 164 -57.54 21.98 -8.07
CA GLN F 164 -56.59 21.05 -8.63
C GLN F 164 -57.24 19.66 -8.76
N ILE F 165 -57.98 19.25 -7.72
CA ILE F 165 -58.70 17.99 -7.74
C ILE F 165 -59.68 18.00 -8.87
N GLN F 166 -60.36 19.13 -9.04
CA GLN F 166 -61.41 19.24 -10.06
C GLN F 166 -60.80 19.14 -11.46
N ALA F 167 -59.60 19.70 -11.65
CA ALA F 167 -58.87 19.55 -12.92
C ALA F 167 -58.65 18.05 -13.26
N VAL F 168 -58.27 17.25 -12.26
CA VAL F 168 -58.11 15.81 -12.43
C VAL F 168 -59.39 15.12 -12.87
N ILE F 169 -60.47 15.47 -12.18
CA ILE F 169 -61.81 14.94 -12.49
C ILE F 169 -62.21 15.35 -13.91
N ASP F 170 -62.01 16.61 -14.24
CA ASP F 170 -62.43 17.12 -15.53
C ASP F 170 -61.60 16.55 -16.69
N ALA F 171 -60.38 16.09 -16.40
CA ALA F 171 -59.55 15.45 -17.42
C ALA F 171 -59.99 14.00 -17.65
N GLY F 172 -60.95 13.51 -16.91
CA GLY F 172 -61.49 12.17 -17.18
C GLY F 172 -60.79 11.04 -16.47
N ALA F 173 -60.12 11.30 -15.37
CA ALA F 173 -59.30 10.27 -14.75
C ALA F 173 -60.10 9.23 -14.00
N LEU F 174 -61.29 9.58 -13.51
CA LEU F 174 -61.95 8.68 -12.53
C LEU F 174 -62.31 7.30 -13.03
N PRO F 175 -62.89 7.17 -14.24
CA PRO F 175 -63.26 5.83 -14.69
C PRO F 175 -62.06 4.88 -14.75
N ALA F 176 -60.91 5.36 -15.20
CA ALA F 176 -59.72 4.53 -15.26
C ALA F 176 -59.26 4.18 -13.86
N LEU F 177 -59.29 5.15 -12.93
CA LEU F 177 -58.84 4.89 -11.58
C LEU F 177 -59.73 3.85 -10.90
N VAL F 178 -61.02 3.92 -11.12
CA VAL F 178 -61.91 2.97 -10.50
C VAL F 178 -61.71 1.57 -11.10
N GLN F 179 -61.53 1.54 -12.41
CA GLN F 179 -61.19 0.26 -13.09
C GLN F 179 -59.91 -0.37 -12.51
N LEU F 180 -58.91 0.46 -12.20
CA LEU F 180 -57.68 -0.06 -11.56
C LEU F 180 -57.84 -0.67 -10.20
N LEU F 181 -58.95 -0.45 -9.52
CA LEU F 181 -59.21 -1.09 -8.23
C LEU F 181 -59.43 -2.57 -8.38
N SER F 182 -59.75 -3.02 -9.57
CA SER F 182 -59.76 -4.45 -9.91
C SER F 182 -58.38 -5.05 -10.33
N SER F 183 -57.32 -4.26 -10.37
CA SER F 183 -56.05 -4.76 -10.89
C SER F 183 -55.48 -5.88 -10.02
N PRO F 184 -55.04 -6.99 -10.63
CA PRO F 184 -54.30 -7.98 -9.85
C PRO F 184 -52.88 -7.51 -9.46
N ASN F 185 -52.45 -6.34 -9.92
CA ASN F 185 -51.15 -5.85 -9.62
C ASN F 185 -51.23 -4.96 -8.36
N GLU F 186 -50.67 -5.45 -7.27
CA GLU F 186 -50.64 -4.75 -5.98
C GLU F 186 -49.97 -3.38 -5.98
N GLN F 187 -48.95 -3.17 -6.82
CA GLN F 187 -48.34 -1.85 -6.94
C GLN F 187 -49.34 -0.87 -7.61
N ILE F 188 -49.94 -1.27 -8.72
CA ILE F 188 -50.88 -0.43 -9.40
C ILE F 188 -52.13 -0.14 -8.50
N LEU F 189 -52.66 -1.18 -7.87
CA LEU F 189 -53.77 -1.08 -6.96
C LEU F 189 -53.50 -0.06 -5.85
N GLN F 190 -52.36 -0.20 -5.18
CA GLN F 190 -51.98 0.75 -4.15
C GLN F 190 -52.01 2.21 -4.67
N GLU F 191 -51.43 2.42 -5.84
CA GLU F 191 -51.35 3.77 -6.38
C GLU F 191 -52.74 4.34 -6.77
N ALA F 192 -53.60 3.48 -7.28
CA ALA F 192 -54.89 3.87 -7.68
C ALA F 192 -55.70 4.30 -6.42
N LEU F 193 -55.46 3.60 -5.33
CA LEU F 193 -56.05 3.88 -4.03
C LEU F 193 -55.53 5.22 -3.48
N TRP F 194 -54.25 5.50 -3.61
CA TRP F 194 -53.73 6.82 -3.26
C TRP F 194 -54.43 7.94 -4.04
N ALA F 195 -54.53 7.74 -5.34
CA ALA F 195 -55.14 8.72 -6.25
C ALA F 195 -56.62 8.97 -5.86
N LEU F 196 -57.42 7.92 -5.72
CA LEU F 196 -58.79 8.05 -5.35
C LEU F 196 -58.95 8.64 -3.94
N SER F 197 -58.10 8.23 -2.98
CA SER F 197 -58.14 8.83 -1.66
C SER F 197 -57.91 10.34 -1.72
N ASN F 198 -56.94 10.77 -2.50
CA ASN F 198 -56.66 12.14 -2.63
C ASN F 198 -57.82 12.92 -3.29
N ILE F 199 -58.43 12.38 -4.32
CA ILE F 199 -59.58 13.04 -4.93
C ILE F 199 -60.71 13.14 -3.89
N ALA F 200 -60.90 12.10 -3.08
CA ALA F 200 -61.90 12.09 -2.04
C ALA F 200 -61.55 12.96 -0.79
N SER F 201 -60.41 13.65 -0.83
CA SER F 201 -60.03 14.55 0.22
C SER F 201 -60.51 15.99 -0.15
N GLY F 202 -61.23 16.18 -1.25
CA GLY F 202 -61.69 17.51 -1.62
C GLY F 202 -63.11 17.79 -1.03
N GLY F 203 -63.86 18.62 -1.72
CA GLY F 203 -65.21 18.99 -1.30
C GLY F 203 -66.18 17.88 -1.54
N ASN F 204 -67.38 18.08 -1.00
CA ASN F 204 -68.43 17.07 -1.09
C ASN F 204 -68.77 16.72 -2.52
N GLU F 205 -68.77 17.68 -3.43
CA GLU F 205 -69.07 17.35 -4.83
C GLU F 205 -67.93 16.52 -5.51
N GLN F 206 -66.70 16.69 -5.06
CA GLN F 206 -65.58 15.82 -5.50
C GLN F 206 -65.67 14.43 -4.96
N ILE F 207 -66.01 14.29 -3.69
CA ILE F 207 -66.30 13.01 -3.09
C ILE F 207 -67.41 12.34 -3.87
N GLN F 208 -68.42 13.12 -4.24
CA GLN F 208 -69.59 12.53 -4.92
C GLN F 208 -69.25 12.03 -6.35
N ALA F 209 -68.38 12.75 -7.04
CA ALA F 209 -67.84 12.26 -8.32
C ALA F 209 -67.17 10.87 -8.17
N VAL F 210 -66.40 10.67 -7.11
CA VAL F 210 -65.81 9.37 -6.83
C VAL F 210 -66.87 8.30 -6.65
N ILE F 211 -67.92 8.62 -5.87
CA ILE F 211 -69.04 7.68 -5.63
C ILE F 211 -69.78 7.38 -6.91
N ASP F 212 -70.05 8.41 -7.69
CA ASP F 212 -70.80 8.26 -8.93
C ASP F 212 -70.02 7.47 -10.00
N ALA F 213 -68.68 7.43 -9.90
CA ALA F 213 -67.87 6.69 -10.87
C ALA F 213 -67.83 5.22 -10.47
N GLY F 214 -68.40 4.86 -9.33
CA GLY F 214 -68.57 3.48 -8.96
C GLY F 214 -67.53 2.98 -8.02
N ALA F 215 -66.81 3.82 -7.31
CA ALA F 215 -65.74 3.35 -6.41
C ALA F 215 -66.19 2.54 -5.22
N LEU F 216 -67.38 2.75 -4.68
CA LEU F 216 -67.72 2.12 -3.38
C LEU F 216 -67.80 0.59 -3.38
N PRO F 217 -68.47 -0.01 -4.36
CA PRO F 217 -68.52 -1.47 -4.35
C PRO F 217 -67.11 -2.11 -4.38
N ALA F 218 -66.22 -1.59 -5.21
CA ALA F 218 -64.83 -2.07 -5.24
C ALA F 218 -64.13 -1.83 -3.90
N LEU F 219 -64.33 -0.66 -3.30
CA LEU F 219 -63.69 -0.38 -2.00
C LEU F 219 -64.16 -1.34 -0.93
N VAL F 220 -65.43 -1.67 -0.95
CA VAL F 220 -66.00 -2.59 0.02
C VAL F 220 -65.49 -4.00 -0.22
N GLN F 221 -65.44 -4.44 -1.47
CA GLN F 221 -64.78 -5.73 -1.78
C GLN F 221 -63.34 -5.81 -1.21
N LEU F 222 -62.57 -4.72 -1.32
CA LEU F 222 -61.19 -4.74 -0.84
C LEU F 222 -61.04 -4.86 0.66
N LEU F 223 -62.12 -4.56 1.39
CA LEU F 223 -62.15 -4.74 2.84
C LEU F 223 -62.09 -6.23 3.19
N SER F 224 -62.34 -7.11 2.24
CA SER F 224 -62.08 -8.55 2.42
C SER F 224 -60.68 -9.05 2.03
N SER F 225 -59.75 -8.18 1.69
CA SER F 225 -58.42 -8.65 1.24
C SER F 225 -57.60 -9.31 2.37
N PRO F 226 -56.92 -10.39 2.07
CA PRO F 226 -55.93 -10.90 3.01
C PRO F 226 -54.67 -10.03 3.09
N ASN F 227 -54.54 -9.06 2.19
CA ASN F 227 -53.39 -8.23 2.18
C ASN F 227 -53.60 -7.02 3.10
N GLU F 228 -52.94 -7.00 4.24
CA GLU F 228 -53.07 -5.93 5.21
C GLU F 228 -52.76 -4.52 4.71
N GLN F 229 -51.84 -4.41 3.78
CA GLN F 229 -51.51 -3.13 3.18
C GLN F 229 -52.68 -2.63 2.32
N ILE F 230 -53.22 -3.47 1.45
CA ILE F 230 -54.35 -3.10 0.60
C ILE F 230 -55.61 -2.75 1.47
N LEU F 231 -55.78 -3.49 2.53
CA LEU F 231 -56.89 -3.30 3.43
C LEU F 231 -56.83 -1.91 4.07
N GLN F 232 -55.67 -1.56 4.62
CA GLN F 232 -55.42 -0.22 5.14
C GLN F 232 -55.62 0.87 4.09
N GLU F 233 -55.23 0.61 2.85
CA GLU F 233 -55.38 1.60 1.80
C GLU F 233 -56.85 1.79 1.44
N ALA F 234 -57.63 0.72 1.43
CA ALA F 234 -59.05 0.83 1.13
C ALA F 234 -59.79 1.54 2.27
N LEU F 235 -59.39 1.28 3.51
CA LEU F 235 -59.91 1.96 4.70
C LEU F 235 -59.67 3.48 4.64
N TRP F 236 -58.45 3.87 4.24
CA TRP F 236 -58.11 5.26 4.06
C TRP F 236 -59.06 5.93 3.03
N ALA F 237 -59.29 5.27 1.90
CA ALA F 237 -60.16 5.80 0.90
C ALA F 237 -61.61 5.95 1.41
N LEU F 238 -62.15 4.90 2.04
CA LEU F 238 -63.50 4.90 2.59
C LEU F 238 -63.63 5.97 3.69
N SER F 239 -62.59 6.12 4.47
CA SER F 239 -62.56 7.11 5.53
C SER F 239 -62.59 8.53 4.97
N ASN F 240 -61.87 8.79 3.88
CA ASN F 240 -61.95 10.09 3.21
C ASN F 240 -63.37 10.32 2.65
N ILE F 241 -63.98 9.29 2.02
CA ILE F 241 -65.28 9.49 1.43
C ILE F 241 -66.34 9.76 2.55
N ALA F 242 -66.19 9.06 3.67
CA ALA F 242 -67.06 9.20 4.82
C ALA F 242 -66.94 10.52 5.53
N SER F 243 -65.89 11.29 5.23
CA SER F 243 -65.74 12.66 5.73
C SER F 243 -66.63 13.66 4.98
N GLY F 244 -67.36 13.24 3.96
CA GLY F 244 -68.24 14.16 3.26
C GLY F 244 -69.51 14.47 4.05
N GLY F 245 -70.53 14.94 3.34
CA GLY F 245 -71.83 15.26 3.95
C GLY F 245 -72.72 14.07 4.05
N ASN F 246 -73.98 14.32 4.42
CA ASN F 246 -74.94 13.24 4.61
C ASN F 246 -75.16 12.38 3.40
N GLU F 247 -75.27 12.95 2.21
CA GLU F 247 -75.48 12.15 1.00
C GLU F 247 -74.30 11.14 0.77
N GLN F 248 -73.11 11.55 1.16
CA GLN F 248 -71.89 10.76 0.93
C GLN F 248 -71.81 9.65 1.98
N LYS F 249 -72.06 10.03 3.25
CA LYS F 249 -72.09 9.05 4.33
C LYS F 249 -73.17 8.00 4.02
N GLN F 250 -74.32 8.45 3.51
CA GLN F 250 -75.41 7.54 3.25
C GLN F 250 -75.09 6.56 2.11
N ALA F 251 -74.43 7.05 1.08
CA ALA F 251 -73.97 6.17 -0.03
C ALA F 251 -73.02 5.09 0.48
N VAL F 252 -72.13 5.45 1.39
CA VAL F 252 -71.23 4.48 2.00
C VAL F 252 -71.98 3.39 2.77
N LYS F 253 -73.01 3.79 3.54
CA LYS F 253 -73.86 2.83 4.24
C LYS F 253 -74.62 1.94 3.29
N GLU F 254 -75.18 2.50 2.23
CA GLU F 254 -75.93 1.71 1.23
C GLU F 254 -75.08 0.67 0.51
N ALA F 255 -73.76 0.89 0.42
CA ALA F 255 -72.89 -0.03 -0.25
C ALA F 255 -72.41 -1.14 0.67
N GLY F 256 -72.84 -1.15 1.93
CA GLY F 256 -72.57 -2.28 2.80
C GLY F 256 -71.32 -2.16 3.65
N ALA F 257 -70.80 -0.95 3.81
CA ALA F 257 -69.58 -0.74 4.58
C ALA F 257 -69.70 -1.00 6.05
N LEU F 258 -70.88 -0.74 6.63
CA LEU F 258 -71.08 -0.90 8.07
C LEU F 258 -70.72 -2.26 8.61
N GLU F 259 -71.35 -3.27 8.05
CA GLU F 259 -71.11 -4.65 8.45
C GLU F 259 -69.61 -4.98 8.46
N LYS F 260 -68.94 -4.60 7.40
CA LYS F 260 -67.50 -4.92 7.21
C LYS F 260 -66.63 -4.14 8.17
N LEU F 261 -66.90 -2.85 8.31
CA LEU F 261 -66.13 -2.05 9.28
C LEU F 261 -66.25 -2.61 10.67
N GLU F 262 -67.44 -3.11 11.03
CA GLU F 262 -67.67 -3.69 12.35
C GLU F 262 -66.87 -4.99 12.53
N GLN F 263 -66.92 -5.87 11.53
CA GLN F 263 -66.13 -7.11 11.53
C GLN F 263 -64.63 -6.83 11.65
N LEU F 264 -64.13 -5.80 10.96
CA LEU F 264 -62.70 -5.43 11.01
C LEU F 264 -62.18 -4.96 12.36
N GLN F 265 -63.06 -4.57 13.25
CA GLN F 265 -62.65 -4.31 14.66
C GLN F 265 -62.20 -5.59 15.36
N SER F 266 -62.50 -6.76 14.80
CA SER F 266 -61.94 -8.03 15.31
C SER F 266 -60.66 -8.52 14.58
N HIS F 267 -60.10 -7.72 13.67
CA HIS F 267 -58.93 -8.14 12.86
C HIS F 267 -57.69 -8.12 13.77
N GLU F 268 -56.83 -9.13 13.63
CA GLU F 268 -55.63 -9.26 14.44
C GLU F 268 -54.66 -8.07 14.32
N ASN F 269 -54.66 -7.42 13.17
CA ASN F 269 -53.76 -6.31 12.93
C ASN F 269 -54.31 -5.08 13.62
N GLU F 270 -53.60 -4.58 14.62
CA GLU F 270 -54.07 -3.46 15.47
C GLU F 270 -54.24 -2.13 14.69
N LYS F 271 -53.43 -1.93 13.67
CA LYS F 271 -53.58 -0.73 12.85
C LYS F 271 -54.87 -0.78 12.01
N ILE F 272 -55.25 -1.98 11.55
CA ILE F 272 -56.49 -2.16 10.80
C ILE F 272 -57.69 -1.95 11.73
N GLN F 273 -57.68 -2.64 12.87
CA GLN F 273 -58.64 -2.43 13.96
C GLN F 273 -58.92 -0.96 14.20
N LYS F 274 -57.86 -0.21 14.43
CA LYS F 274 -57.94 1.22 14.75
C LYS F 274 -58.48 2.05 13.58
N GLU F 275 -58.01 1.78 12.40
CA GLU F 275 -58.42 2.54 11.21
C GLU F 275 -59.90 2.22 10.88
N ALA F 276 -60.34 0.99 11.13
CA ALA F 276 -61.74 0.59 10.96
C ALA F 276 -62.66 1.36 11.92
N GLN F 277 -62.24 1.44 13.18
CA GLN F 277 -62.99 2.15 14.22
C GLN F 277 -63.10 3.64 13.86
N GLU F 278 -62.00 4.27 13.51
CA GLU F 278 -61.99 5.66 13.06
C GLU F 278 -62.95 5.91 11.86
N ALA F 279 -62.90 5.07 10.83
CA ALA F 279 -63.78 5.22 9.67
C ALA F 279 -65.28 5.08 10.04
N LEU F 280 -65.55 4.15 10.92
CA LEU F 280 -66.90 3.93 11.44
C LEU F 280 -67.42 5.15 12.24
N GLU F 281 -66.59 5.71 13.12
CA GLU F 281 -66.92 6.92 13.90
C GLU F 281 -67.22 8.09 12.97
N LYS F 282 -66.50 8.23 11.87
CA LYS F 282 -66.82 9.28 10.88
C LYS F 282 -68.18 9.06 10.21
N LEU F 283 -68.50 7.81 9.86
CA LEU F 283 -69.81 7.52 9.29
C LEU F 283 -71.01 7.83 10.19
N GLN F 284 -70.80 7.72 11.49
CA GLN F 284 -71.85 7.96 12.48
C GLN F 284 -71.71 9.37 13.15
N SER F 285 -70.81 10.20 12.66
CA SER F 285 -70.48 11.52 13.21
C SER F 285 -71.25 12.45 12.35
N HIS F 286 -72.53 12.65 12.64
CA HIS F 286 -73.33 13.88 12.12
C HIS F 286 -72.62 15.03 11.27
N GLY F 287 -71.81 15.88 11.94
CA GLY F 287 -70.76 16.64 11.29
C GLY F 287 -69.45 15.86 11.07
N SER F 288 -68.58 16.42 10.24
CA SER F 288 -67.61 15.62 9.44
C SER F 288 -66.26 16.37 9.34
N GLY F 289 -65.33 15.79 8.57
CA GLY F 289 -63.96 16.27 8.48
C GLY F 289 -63.00 15.10 8.55
N GLY F 290 -61.72 15.42 8.53
CA GLY F 290 -60.67 14.44 8.69
C GLY F 290 -60.22 13.73 7.40
N SER F 291 -60.47 14.32 6.21
CA SER F 291 -59.76 13.79 5.03
C SER F 291 -58.21 13.97 4.98
N GLY F 292 -57.46 12.87 4.67
CA GLY F 292 -55.99 12.85 4.62
C GLY F 292 -55.49 12.84 3.13
N LYS F 293 -54.56 13.72 2.82
CA LYS F 293 -53.93 13.91 1.57
C LYS F 293 -52.48 13.35 1.65
N ARG F 294 -51.97 12.73 0.60
CA ARG F 294 -50.60 12.17 0.60
C ARG F 294 -49.85 12.53 -0.67
N LYS F 295 -48.59 12.88 -0.47
CA LYS F 295 -47.71 13.25 -1.52
C LYS F 295 -46.54 12.25 -1.57
N ARG F 296 -46.03 11.98 -2.78
CA ARG F 296 -44.82 11.18 -2.97
C ARG F 296 -43.74 11.99 -3.69
N LYS F 297 -42.53 11.87 -3.16
CA LYS F 297 -41.31 12.40 -3.75
C LYS F 297 -40.37 11.21 -4.03
N ALA F 298 -39.71 11.19 -5.19
CA ALA F 298 -38.73 10.14 -5.55
C ALA F 298 -37.45 10.76 -6.11
N LYS F 299 -36.35 10.03 -5.94
CA LYS F 299 -35.03 10.51 -6.41
C LYS F 299 -34.49 9.62 -7.53
N LEU F 300 -33.70 10.18 -8.42
CA LEU F 300 -33.09 9.41 -9.54
C LEU F 300 -31.58 9.48 -9.39
N SER F 301 -30.96 8.39 -8.92
CA SER F 301 -29.49 8.33 -8.76
C SER F 301 -28.87 7.53 -9.84
N PHE F 302 -27.99 8.19 -10.63
CA PHE F 302 -27.24 7.70 -11.82
C PHE F 302 -25.74 7.60 -11.51
CA CA G . 1.69 -2.06 35.72
CA CA H . 2.89 -3.16 9.91
CA CA I . 7.37 2.85 -1.32
CA CA J . 3.25 6.57 45.51
CA CA K . 1.02 -5.42 22.92
CA CA L . 4.15 19.27 52.70
CA CA M . 26.19 -28.96 -24.26
CA CA N . 25.23 -36.99 -34.71
CA CA O . 21.93 -4.68 -15.51
CA CA P . 25.11 -17.36 -17.80
CA CA Q . 24.41 -37.17 -61.47
CA CA R . -46.44 -4.67 -19.95
CA CA S . -39.21 2.93 -27.44
CA CA T . -29.01 10.83 -29.91
CA CA U . -17.23 17.14 -28.86
CA CA V . -50.58 -9.80 -8.12
CA CA W . -52.54 -11.58 5.45
CA CA X . 60.26 16.35 -2.40
C1 EDO Y . -49.28 8.92 -24.01
O1 EDO Y . -49.88 7.88 -24.80
C2 EDO Y . -49.44 10.28 -24.64
O2 EDO Y . -48.32 11.06 -24.25
#